data_1OK4
#
_entry.id   1OK4
#
_cell.length_a   82.400
_cell.length_b   157.300
_cell.length_c   101.500
_cell.angle_alpha   90.00
_cell.angle_beta   108.20
_cell.angle_gamma   90.00
#
_symmetry.space_group_name_H-M   'P 1 21 1'
#
loop_
_entity.id
_entity.type
_entity.pdbx_description
1 polymer 'FRUCTOSE-BISPHOSPHATE ALDOLASE CLASS I'
2 non-polymer 1,3-DIHYDROXYACETONEPHOSPHATE
3 water water
#
_entity_poly.entity_id   1
_entity_poly.type   'polypeptide(L)'
_entity_poly.pdbx_seq_one_letter_code
;MANLTEKFLRIFARRGKSIILAYDHGIEHGPADFMDNPDSADPEYILRLARDAGFDGVVFQRGIAEKYYDGSVPLILKLN
GKTTLYNGEPVSVANCSVEEAVSLGASAVGYTIYPGSGFEWKMFEELARIKRDAVKFDLPLVVWSYPRGGKVVNETAPEI
VAYAARIALELGADAMKIKYTGDPKTFSWAVKVAGKVPVLMSGGPKTKTEEDFLKQVEGVLEAGALGIAVGRNVWQRRDA
LKFARALAELVYGGKKLAEPLNV
;
_entity_poly.pdbx_strand_id   A,B,C,D,E,F,G,H,I,J
#
loop_
_chem_comp.id
_chem_comp.type
_chem_comp.name
_chem_comp.formula
13P non-polymer 1,3-DIHYDROXYACETONEPHOSPHATE 'C3 H7 O6 P'
#
# COMPACT_ATOMS: atom_id res chain seq x y z
N ASN A 3 -4.36 -8.22 27.95
CA ASN A 3 -3.22 -8.85 28.67
C ASN A 3 -2.97 -10.26 28.13
N LEU A 4 -1.92 -10.39 27.32
CA LEU A 4 -1.64 -11.63 26.63
C LEU A 4 -0.99 -12.68 27.51
N THR A 5 -0.29 -12.28 28.57
CA THR A 5 0.18 -13.22 29.56
C THR A 5 -0.98 -13.96 30.21
N GLU A 6 -2.05 -13.23 30.54
CA GLU A 6 -3.23 -13.83 31.17
C GLU A 6 -3.93 -14.79 30.21
N LYS A 7 -4.03 -14.44 28.95
CA LYS A 7 -4.55 -15.34 27.94
C LYS A 7 -3.68 -16.61 27.82
N PHE A 8 -2.36 -16.44 27.80
CA PHE A 8 -1.44 -17.56 27.84
C PHE A 8 -1.71 -18.51 29.03
N LEU A 9 -1.84 -17.94 30.22
CA LEU A 9 -2.04 -18.72 31.45
C LEU A 9 -3.38 -19.43 31.45
N ARG A 10 -4.40 -18.79 30.91
CA ARG A 10 -5.74 -19.35 30.79
C ARG A 10 -5.75 -20.59 29.89
N ILE A 11 -5.01 -20.52 28.78
CA ILE A 11 -5.01 -21.61 27.78
C ILE A 11 -4.02 -22.70 28.12
N PHE A 12 -2.80 -22.30 28.51
CA PHE A 12 -1.67 -23.24 28.70
C PHE A 12 -1.33 -23.57 30.16
N ALA A 13 -2.05 -22.98 31.10
CA ALA A 13 -1.76 -23.21 32.52
C ALA A 13 -3.01 -23.15 33.36
N ARG A 14 -4.08 -23.78 32.91
CA ARG A 14 -5.36 -23.71 33.59
C ARG A 14 -5.30 -24.31 35.01
N ARG A 15 -4.37 -25.23 35.24
CA ARG A 15 -4.18 -25.82 36.56
C ARG A 15 -3.18 -25.06 37.46
N GLY A 16 -2.62 -23.96 36.96
CA GLY A 16 -1.71 -23.14 37.74
C GLY A 16 -0.25 -23.42 37.40
N LYS A 17 0.00 -24.55 36.74
CA LYS A 17 1.31 -24.90 36.21
C LYS A 17 1.16 -25.45 34.79
N SER A 18 2.26 -25.55 34.07
CA SER A 18 2.20 -25.85 32.64
C SER A 18 3.21 -26.89 32.21
N ILE A 19 2.77 -27.82 31.36
CA ILE A 19 3.68 -28.71 30.61
C ILE A 19 3.38 -28.59 29.11
N ILE A 20 4.38 -28.20 28.34
CA ILE A 20 4.27 -28.04 26.91
C ILE A 20 5.17 -29.11 26.28
N LEU A 21 4.62 -29.87 25.35
CA LEU A 21 5.41 -30.88 24.64
C LEU A 21 6.02 -30.26 23.39
N ALA A 22 7.32 -30.07 23.41
CA ALA A 22 8.01 -29.36 22.34
C ALA A 22 8.40 -30.34 21.22
N TYR A 23 8.21 -29.92 19.98
CA TYR A 23 8.45 -30.79 18.83
C TYR A 23 8.89 -30.03 17.58
N ASP A 24 9.76 -29.05 17.77
CA ASP A 24 10.40 -28.32 16.66
C ASP A 24 11.75 -28.94 16.32
N HIS A 25 12.03 -30.12 16.87
CA HIS A 25 13.37 -30.70 16.81
C HIS A 25 13.74 -31.18 15.41
N GLY A 26 12.73 -31.56 14.64
CA GLY A 26 12.90 -31.99 13.27
C GLY A 26 13.71 -31.03 12.42
N ILE A 27 13.50 -29.73 12.57
CA ILE A 27 14.35 -28.76 11.91
C ILE A 27 15.62 -28.44 12.72
N GLU A 28 15.47 -28.23 14.03
CA GLU A 28 16.56 -27.76 14.90
C GLU A 28 17.72 -28.72 15.01
N HIS A 29 17.42 -30.02 15.13
CA HIS A 29 18.42 -31.09 15.30
C HIS A 29 18.37 -32.16 14.23
N GLY A 30 17.24 -32.26 13.56
CA GLY A 30 17.04 -33.28 12.57
C GLY A 30 16.56 -34.58 13.17
N PRO A 31 16.28 -35.54 12.29
CA PRO A 31 15.68 -36.81 12.70
C PRO A 31 16.58 -37.81 13.45
N ALA A 32 17.87 -37.53 13.65
CA ALA A 32 18.68 -38.36 14.56
C ALA A 32 18.07 -38.40 16.00
N ASP A 33 17.48 -37.28 16.43
CA ASP A 33 16.72 -37.23 17.69
C ASP A 33 15.64 -38.33 17.81
N PHE A 34 15.12 -38.82 16.67
CA PHE A 34 13.98 -39.75 16.65
C PHE A 34 14.37 -41.23 16.59
N MET A 35 15.66 -41.54 16.53
CA MET A 35 16.11 -42.93 16.42
C MET A 35 15.88 -43.77 17.70
N ASP A 36 16.13 -43.17 18.88
CA ASP A 36 15.91 -43.83 20.17
C ASP A 36 14.49 -44.44 20.34
N ASN A 37 13.48 -43.70 19.88
CA ASN A 37 12.07 -44.11 19.94
C ASN A 37 11.39 -43.72 18.60
N PRO A 38 11.50 -44.57 17.58
CA PRO A 38 11.12 -44.21 16.20
C PRO A 38 9.70 -43.69 15.97
N ASP A 39 8.75 -44.03 16.83
CA ASP A 39 7.41 -43.43 16.77
C ASP A 39 7.43 -41.92 16.89
N SER A 40 8.44 -41.38 17.57
CA SER A 40 8.59 -39.95 17.76
C SER A 40 8.71 -39.14 16.46
N ALA A 41 9.09 -39.80 15.37
CA ALA A 41 9.15 -39.17 14.06
C ALA A 41 7.76 -38.85 13.50
N ASP A 42 6.73 -39.49 14.04
CA ASP A 42 5.35 -39.30 13.60
C ASP A 42 4.63 -38.24 14.46
N PRO A 43 4.30 -37.08 13.88
CA PRO A 43 3.63 -36.02 14.66
C PRO A 43 2.28 -36.44 15.24
N GLU A 44 1.60 -37.43 14.64
CA GLU A 44 0.32 -37.90 15.15
C GLU A 44 0.52 -38.59 16.51
N TYR A 45 1.59 -39.37 16.63
CA TYR A 45 2.01 -39.93 17.91
C TYR A 45 2.31 -38.86 18.96
N ILE A 46 2.91 -37.75 18.55
CA ILE A 46 3.27 -36.69 19.49
C ILE A 46 1.99 -36.08 20.06
N LEU A 47 1.04 -35.79 19.17
CA LEU A 47 -0.27 -35.27 19.54
C LEU A 47 -1.06 -36.17 20.47
N ARG A 48 -1.00 -37.49 20.26
CA ARG A 48 -1.68 -38.45 21.12
C ARG A 48 -1.03 -38.51 22.48
N LEU A 49 0.29 -38.41 22.48
CA LEU A 49 1.05 -38.46 23.70
C LEU A 49 0.72 -37.25 24.58
N ALA A 50 0.59 -36.08 23.96
CA ALA A 50 0.23 -34.87 24.69
C ALA A 50 -1.16 -35.00 25.28
N ARG A 51 -2.10 -35.54 24.52
CA ARG A 51 -3.49 -35.63 24.95
C ARG A 51 -3.65 -36.65 26.06
N ASP A 52 -3.00 -37.81 25.89
CA ASP A 52 -3.10 -38.93 26.84
C ASP A 52 -2.41 -38.63 28.17
N ALA A 53 -1.37 -37.80 28.14
CA ALA A 53 -0.69 -37.40 29.37
C ALA A 53 -1.33 -36.18 30.02
N GLY A 54 -2.30 -35.57 29.34
CA GLY A 54 -2.99 -34.39 29.85
C GLY A 54 -2.12 -33.15 29.89
N PHE A 55 -1.20 -33.01 28.95
CA PHE A 55 -0.35 -31.84 28.84
C PHE A 55 -1.14 -30.65 28.32
N ASP A 56 -0.57 -29.45 28.46
CA ASP A 56 -1.27 -28.19 28.10
C ASP A 56 -1.11 -27.75 26.66
N GLY A 57 -0.06 -28.17 25.98
CA GLY A 57 0.17 -27.75 24.62
C GLY A 57 1.27 -28.50 23.90
N VAL A 58 1.38 -28.23 22.61
CA VAL A 58 2.47 -28.72 21.76
C VAL A 58 3.08 -27.54 21.02
N VAL A 59 4.34 -27.68 20.66
CA VAL A 59 5.04 -26.71 19.83
C VAL A 59 5.40 -27.40 18.50
N PHE A 60 4.89 -26.84 17.40
CA PHE A 60 5.14 -27.29 16.06
C PHE A 60 5.64 -26.12 15.18
N GLN A 61 6.51 -26.43 14.21
CA GLN A 61 6.77 -25.57 13.09
C GLN A 61 5.57 -25.59 12.16
N ARG A 62 5.52 -24.62 11.25
CA ARG A 62 4.36 -24.43 10.38
C ARG A 62 4.01 -25.66 9.54
N GLY A 63 5.02 -26.38 9.03
CA GLY A 63 4.76 -27.49 8.12
C GLY A 63 4.11 -28.65 8.84
N ILE A 64 4.54 -28.90 10.10
CA ILE A 64 3.93 -29.94 10.91
C ILE A 64 2.52 -29.52 11.28
N ALA A 65 2.33 -28.26 11.67
CA ALA A 65 0.99 -27.78 12.03
C ALA A 65 0.04 -27.94 10.83
N GLU A 66 0.48 -27.51 9.65
CA GLU A 66 -0.39 -27.54 8.47
C GLU A 66 -0.80 -28.98 8.08
N LYS A 67 0.11 -29.93 8.17
CA LYS A 67 -0.15 -31.29 7.75
C LYS A 67 -0.78 -32.16 8.82
N TYR A 68 -0.60 -31.81 10.11
CA TYR A 68 -0.97 -32.72 11.19
C TYR A 68 -1.84 -32.17 12.28
N TYR A 69 -1.76 -30.86 12.57
CA TYR A 69 -2.48 -30.32 13.70
C TYR A 69 -3.99 -30.49 13.55
N ASP A 70 -4.62 -31.03 14.59
CA ASP A 70 -6.03 -31.41 14.52
C ASP A 70 -6.89 -30.72 15.58
N GLY A 71 -6.34 -29.72 16.27
CA GLY A 71 -7.11 -28.98 17.28
C GLY A 71 -7.25 -29.66 18.63
N SER A 72 -6.57 -30.78 18.84
CA SER A 72 -6.85 -31.62 20.01
C SER A 72 -6.11 -31.17 21.28
N VAL A 73 -5.08 -30.38 21.09
CA VAL A 73 -4.26 -29.85 22.18
C VAL A 73 -3.87 -28.44 21.73
N PRO A 74 -3.89 -27.46 22.63
CA PRO A 74 -3.47 -26.10 22.26
C PRO A 74 -2.07 -26.03 21.61
N LEU A 75 -1.94 -25.19 20.59
CA LEU A 75 -0.74 -25.17 19.75
C LEU A 75 -0.01 -23.87 19.91
N ILE A 76 1.31 -23.98 20.13
CA ILE A 76 2.24 -22.87 20.00
C ILE A 76 2.97 -23.07 18.69
N LEU A 77 2.79 -22.13 17.76
CA LEU A 77 3.44 -22.22 16.46
C LEU A 77 4.80 -21.51 16.55
N LYS A 78 5.85 -22.31 16.48
CA LYS A 78 7.22 -21.82 16.49
C LYS A 78 7.52 -21.23 15.12
N LEU A 79 7.74 -19.92 15.08
CA LEU A 79 7.80 -19.18 13.83
C LEU A 79 9.14 -19.25 13.13
N ASN A 80 10.21 -19.36 13.90
CA ASN A 80 11.54 -19.43 13.36
C ASN A 80 12.21 -20.75 13.60
N GLY A 81 13.22 -21.03 12.78
CA GLY A 81 13.98 -22.25 12.90
C GLY A 81 15.28 -22.20 12.12
N LYS A 82 16.27 -22.88 12.66
CA LYS A 82 17.58 -23.07 12.02
C LYS A 82 17.96 -24.53 12.21
N THR A 83 19.04 -24.94 11.54
CA THR A 83 19.56 -26.31 11.66
C THR A 83 20.89 -26.33 12.40
N THR A 84 21.27 -27.52 12.88
CA THR A 84 22.61 -27.70 13.47
C THR A 84 23.67 -27.86 12.40
N LEU A 85 23.26 -27.99 11.14
CA LEU A 85 24.23 -28.06 10.04
C LEU A 85 24.89 -26.72 9.81
N TYR A 86 24.21 -25.66 10.22
CA TYR A 86 24.70 -24.30 10.09
C TYR A 86 25.87 -24.03 11.01
N ASN A 87 26.88 -23.36 10.48
CA ASN A 87 28.11 -22.99 11.21
C ASN A 87 28.29 -21.51 11.57
N GLY A 88 27.58 -20.57 10.96
CA GLY A 88 27.80 -19.13 11.24
C GLY A 88 27.46 -18.66 12.66
N GLU A 89 27.47 -17.33 12.87
CA GLU A 89 27.01 -16.77 14.13
C GLU A 89 25.50 -17.12 14.23
N PRO A 90 25.04 -17.57 15.38
CA PRO A 90 23.67 -18.07 15.54
C PRO A 90 22.58 -17.12 15.06
N VAL A 91 21.73 -17.60 14.16
CA VAL A 91 20.61 -16.83 13.63
C VAL A 91 19.51 -17.79 13.21
N SER A 92 18.28 -17.40 13.47
CA SER A 92 17.11 -18.20 13.13
C SER A 92 16.04 -17.24 12.69
N VAL A 93 15.61 -17.32 11.45
CA VAL A 93 14.63 -16.38 10.91
C VAL A 93 13.26 -17.02 10.81
N ALA A 94 12.23 -16.17 10.75
CA ALA A 94 10.86 -16.61 10.66
C ALA A 94 10.62 -17.26 9.31
N ASN A 95 10.02 -18.45 9.32
CA ASN A 95 9.58 -19.12 8.10
C ASN A 95 8.05 -19.05 7.94
N CYS A 96 7.42 -18.33 8.88
CA CYS A 96 5.97 -18.21 8.98
C CYS A 96 5.61 -16.88 9.66
N SER A 97 4.48 -16.30 9.29
CA SER A 97 3.95 -15.09 9.93
C SER A 97 2.96 -15.40 11.03
N VAL A 98 2.68 -14.42 11.87
CA VAL A 98 1.64 -14.56 12.88
C VAL A 98 0.27 -14.77 12.23
N GLU A 99 -0.02 -14.06 11.15
CA GLU A 99 -1.31 -14.21 10.49
C GLU A 99 -1.54 -15.66 10.00
N GLU A 100 -0.50 -16.27 9.46
CA GLU A 100 -0.58 -17.67 9.03
C GLU A 100 -0.73 -18.61 10.22
N ALA A 101 -0.01 -18.32 11.31
CA ALA A 101 -0.12 -19.11 12.54
C ALA A 101 -1.54 -19.15 13.01
N VAL A 102 -2.20 -17.99 12.98
CA VAL A 102 -3.60 -17.89 13.36
C VAL A 102 -4.48 -18.82 12.51
N SER A 103 -4.26 -18.81 11.19
CA SER A 103 -5.03 -19.65 10.28
C SER A 103 -4.74 -21.14 10.44
N LEU A 104 -3.58 -21.50 10.96
CA LEU A 104 -3.25 -22.89 11.25
C LEU A 104 -3.77 -23.41 12.57
N GLY A 105 -4.44 -22.55 13.35
CA GLY A 105 -5.07 -22.92 14.62
C GLY A 105 -4.22 -22.68 15.87
N ALA A 106 -3.19 -21.85 15.78
CA ALA A 106 -2.33 -21.58 16.92
C ALA A 106 -3.04 -20.75 17.99
N SER A 107 -2.75 -21.03 19.25
CA SER A 107 -3.20 -20.21 20.37
C SER A 107 -2.09 -19.32 20.90
N ALA A 108 -0.88 -19.52 20.37
CA ALA A 108 0.27 -18.68 20.69
C ALA A 108 1.33 -18.89 19.65
N VAL A 109 2.28 -17.95 19.59
CA VAL A 109 3.42 -18.06 18.69
C VAL A 109 4.72 -18.03 19.48
N GLY A 110 5.73 -18.71 18.96
CA GLY A 110 7.03 -18.84 19.60
C GLY A 110 8.10 -18.32 18.68
N TYR A 111 9.16 -17.77 19.28
CA TYR A 111 10.29 -17.23 18.51
C TYR A 111 11.55 -17.29 19.37
N THR A 112 12.62 -17.81 18.78
CA THR A 112 13.93 -17.89 19.40
C THR A 112 14.78 -16.68 19.10
N ILE A 113 15.38 -16.14 20.16
CA ILE A 113 16.43 -15.14 20.04
C ILE A 113 17.73 -15.73 20.60
N TYR A 114 18.84 -15.29 20.04
CA TYR A 114 20.17 -15.64 20.54
C TYR A 114 20.94 -14.37 20.93
N PRO A 115 20.63 -13.82 22.10
CA PRO A 115 21.38 -12.67 22.62
C PRO A 115 22.88 -12.91 22.64
N GLY A 116 23.66 -11.94 22.19
CA GLY A 116 25.10 -12.11 22.12
C GLY A 116 25.62 -12.48 20.74
N SER A 117 24.79 -13.15 19.93
CA SER A 117 25.17 -13.51 18.56
C SER A 117 25.58 -12.28 17.76
N GLY A 118 26.53 -12.43 16.85
CA GLY A 118 26.84 -11.40 15.86
C GLY A 118 25.62 -10.96 15.05
N PHE A 119 24.58 -11.79 15.02
CA PHE A 119 23.33 -11.46 14.37
C PHE A 119 22.19 -11.17 15.35
N GLU A 120 22.49 -10.81 16.61
CA GLU A 120 21.42 -10.60 17.59
C GLU A 120 20.42 -9.56 17.05
N TRP A 121 20.95 -8.56 16.38
CA TRP A 121 20.15 -7.48 15.82
C TRP A 121 19.12 -7.97 14.80
N LYS A 122 19.44 -9.01 14.03
CA LYS A 122 18.56 -9.48 12.98
C LYS A 122 17.35 -10.11 13.62
N MET A 123 17.56 -10.85 14.69
CA MET A 123 16.42 -11.43 15.38
C MET A 123 15.62 -10.42 16.23
N PHE A 124 16.27 -9.39 16.79
CA PHE A 124 15.51 -8.33 17.53
C PHE A 124 14.65 -7.52 16.57
N GLU A 125 15.19 -7.21 15.40
CA GLU A 125 14.46 -6.51 14.36
C GLU A 125 13.20 -7.31 13.92
N GLU A 126 13.38 -8.60 13.70
CA GLU A 126 12.26 -9.44 13.28
C GLU A 126 11.28 -9.67 14.43
N LEU A 127 11.78 -9.85 15.64
CA LEU A 127 10.92 -10.00 16.80
C LEU A 127 10.00 -8.79 16.99
N ALA A 128 10.48 -7.61 16.65
CA ALA A 128 9.69 -6.40 16.73
C ALA A 128 8.43 -6.49 15.88
N ARG A 129 8.58 -7.02 14.66
CA ARG A 129 7.45 -7.18 13.77
C ARG A 129 6.51 -8.25 14.27
N ILE A 130 7.05 -9.37 14.73
CA ILE A 130 6.25 -10.47 15.25
C ILE A 130 5.49 -10.05 16.53
N LYS A 131 6.14 -9.33 17.41
CA LYS A 131 5.48 -8.83 18.60
C LYS A 131 4.28 -7.96 18.19
N ARG A 132 4.49 -7.05 17.25
CA ARG A 132 3.45 -6.12 16.84
C ARG A 132 2.26 -6.88 16.26
N ASP A 133 2.55 -7.92 15.49
CA ASP A 133 1.53 -8.79 14.94
C ASP A 133 0.84 -9.63 16.00
N ALA A 134 1.60 -10.13 16.96
CA ALA A 134 1.01 -10.92 18.02
C ALA A 134 -0.03 -10.09 18.80
N VAL A 135 0.27 -8.83 19.08
CA VAL A 135 -0.68 -7.93 19.74
C VAL A 135 -1.92 -7.72 18.85
N LYS A 136 -1.69 -7.51 17.55
CA LYS A 136 -2.77 -7.26 16.62
C LYS A 136 -3.73 -8.46 16.49
N PHE A 137 -3.18 -9.69 16.47
CA PHE A 137 -3.99 -10.90 16.33
C PHE A 137 -4.34 -11.49 17.71
N ASP A 138 -3.90 -10.84 18.78
CA ASP A 138 -4.22 -11.27 20.16
C ASP A 138 -3.73 -12.69 20.44
N LEU A 139 -2.52 -12.99 19.98
CA LEU A 139 -1.86 -14.26 20.25
C LEU A 139 -0.70 -13.98 21.21
N PRO A 140 -0.60 -14.67 22.34
CA PRO A 140 0.59 -14.56 23.19
C PRO A 140 1.90 -14.93 22.46
N LEU A 141 2.94 -14.17 22.75
CA LEU A 141 4.27 -14.41 22.21
C LEU A 141 5.14 -15.09 23.26
N VAL A 142 5.64 -16.28 22.92
CA VAL A 142 6.49 -17.05 23.79
C VAL A 142 7.88 -16.97 23.22
N VAL A 143 8.82 -16.39 23.98
CA VAL A 143 10.19 -16.23 23.52
C VAL A 143 11.09 -17.30 24.10
N TRP A 144 11.79 -18.01 23.23
CA TRP A 144 12.87 -18.91 23.59
C TRP A 144 14.09 -18.02 23.69
N SER A 145 14.59 -17.78 24.90
CA SER A 145 15.70 -16.85 25.07
C SER A 145 16.98 -17.62 25.39
N TYR A 146 17.80 -17.79 24.34
CA TYR A 146 18.97 -18.66 24.38
C TYR A 146 20.24 -17.88 24.02
N PRO A 147 20.84 -17.15 24.96
CA PRO A 147 22.11 -16.47 24.68
C PRO A 147 23.12 -17.46 24.08
N ARG A 148 23.74 -17.05 22.99
CA ARG A 148 24.67 -17.89 22.23
C ARG A 148 25.46 -17.02 21.25
N GLY A 149 26.75 -17.34 21.10
CA GLY A 149 27.67 -16.55 20.32
C GLY A 149 28.19 -15.38 21.15
N GLY A 150 28.98 -14.50 20.51
CA GLY A 150 29.56 -13.37 21.22
C GLY A 150 30.37 -13.83 22.42
N LYS A 151 30.12 -13.25 23.57
CA LYS A 151 30.89 -13.54 24.79
C LYS A 151 30.35 -14.76 25.57
N VAL A 152 29.23 -15.36 25.13
CA VAL A 152 28.62 -16.47 25.86
C VAL A 152 29.44 -17.76 25.66
N VAL A 153 29.89 -18.33 26.77
CA VAL A 153 30.60 -19.61 26.73
C VAL A 153 29.93 -20.66 27.62
N ASN A 154 29.17 -20.26 28.61
CA ASN A 154 28.47 -21.22 29.46
C ASN A 154 27.03 -20.80 29.49
N GLU A 155 26.22 -21.51 28.70
CA GLU A 155 24.83 -21.14 28.47
C GLU A 155 23.94 -21.38 29.66
N THR A 156 24.37 -22.29 30.55
CA THR A 156 23.62 -22.56 31.78
C THR A 156 24.19 -21.81 33.01
N ALA A 157 25.19 -20.96 32.82
CA ALA A 157 25.71 -20.16 33.92
C ALA A 157 24.59 -19.26 34.53
N PRO A 158 24.53 -19.17 35.85
CA PRO A 158 23.47 -18.38 36.51
C PRO A 158 23.23 -16.99 35.89
N GLU A 159 24.30 -16.25 35.63
CA GLU A 159 24.20 -14.89 35.12
C GLU A 159 23.71 -14.83 33.69
N ILE A 160 24.03 -15.86 32.89
CA ILE A 160 23.59 -15.90 31.50
C ILE A 160 22.09 -16.20 31.45
N VAL A 161 21.63 -17.14 32.27
CA VAL A 161 20.23 -17.53 32.27
C VAL A 161 19.36 -16.39 32.81
N ALA A 162 19.87 -15.68 33.80
CA ALA A 162 19.16 -14.51 34.34
C ALA A 162 19.08 -13.39 33.27
N TYR A 163 20.16 -13.22 32.49
CA TYR A 163 20.19 -12.27 31.40
C TYR A 163 19.17 -12.67 30.33
N ALA A 164 19.12 -13.96 30.01
CA ALA A 164 18.18 -14.46 29.03
C ALA A 164 16.76 -14.12 29.43
N ALA A 165 16.46 -14.33 30.70
CA ALA A 165 15.11 -14.11 31.22
C ALA A 165 14.73 -12.66 31.16
N ARG A 166 15.65 -11.78 31.56
CA ARG A 166 15.38 -10.36 31.57
C ARG A 166 15.23 -9.79 30.16
N ILE A 167 16.03 -10.27 29.22
CA ILE A 167 15.94 -9.79 27.85
C ILE A 167 14.57 -10.10 27.30
N ALA A 168 14.05 -11.29 27.59
CA ALA A 168 12.73 -11.70 27.07
C ALA A 168 11.65 -10.80 27.63
N LEU A 169 11.73 -10.48 28.92
CA LEU A 169 10.80 -9.52 29.50
C LEU A 169 10.88 -8.15 28.83
N GLU A 170 12.10 -7.65 28.65
CA GLU A 170 12.31 -6.32 28.08
C GLU A 170 11.81 -6.19 26.64
N LEU A 171 11.92 -7.26 25.85
CA LEU A 171 11.54 -7.22 24.44
C LEU A 171 10.05 -7.47 24.21
N GLY A 172 9.31 -7.85 25.24
CA GLY A 172 7.87 -7.98 25.11
C GLY A 172 7.28 -9.38 25.16
N ALA A 173 8.06 -10.37 25.55
CA ALA A 173 7.55 -11.72 25.74
C ALA A 173 6.37 -11.75 26.69
N ASP A 174 5.38 -12.56 26.38
CA ASP A 174 4.24 -12.81 27.29
C ASP A 174 4.47 -14.07 28.14
N ALA A 175 5.32 -14.95 27.64
CA ALA A 175 5.89 -16.07 28.37
C ALA A 175 7.26 -16.33 27.78
N MET A 176 8.10 -17.08 28.47
CA MET A 176 9.43 -17.38 27.98
C MET A 176 9.88 -18.79 28.30
N LYS A 177 10.81 -19.29 27.50
CA LYS A 177 11.42 -20.58 27.69
C LYS A 177 12.93 -20.33 27.81
N ILE A 178 13.55 -20.81 28.88
CA ILE A 178 14.99 -20.61 29.09
C ILE A 178 15.61 -21.86 29.65
N LYS A 179 16.93 -21.94 29.61
CA LYS A 179 17.65 -23.13 30.10
C LYS A 179 17.73 -23.12 31.62
N TYR A 180 17.74 -24.32 32.21
CA TYR A 180 17.92 -24.50 33.64
C TYR A 180 19.38 -24.31 34.04
N THR A 181 19.62 -23.67 35.17
CA THR A 181 20.97 -23.47 35.70
C THR A 181 21.53 -24.68 36.41
N GLY A 182 20.68 -25.64 36.75
CA GLY A 182 21.09 -26.83 37.47
C GLY A 182 20.80 -26.79 38.96
N ASP A 183 20.35 -25.67 39.48
CA ASP A 183 19.89 -25.61 40.86
C ASP A 183 18.81 -24.53 41.10
N PRO A 184 17.90 -24.80 42.03
CA PRO A 184 16.77 -23.90 42.29
C PRO A 184 17.12 -22.48 42.77
N LYS A 185 18.20 -22.31 43.52
CA LYS A 185 18.56 -20.99 44.04
C LYS A 185 18.94 -20.03 42.91
N THR A 186 19.86 -20.44 42.05
CA THR A 186 20.27 -19.57 40.94
C THR A 186 19.15 -19.39 39.92
N PHE A 187 18.34 -20.43 39.72
CA PHE A 187 17.25 -20.34 38.77
C PHE A 187 16.15 -19.40 39.24
N SER A 188 15.97 -19.29 40.55
CA SER A 188 14.95 -18.42 41.11
C SER A 188 15.29 -16.94 40.89
N TRP A 189 16.57 -16.60 40.78
CA TRP A 189 16.99 -15.26 40.38
C TRP A 189 16.51 -14.94 38.95
N ALA A 190 16.66 -15.89 38.01
CA ALA A 190 16.15 -15.71 36.66
C ALA A 190 14.63 -15.53 36.66
N VAL A 191 13.94 -16.32 37.46
CA VAL A 191 12.49 -16.21 37.60
C VAL A 191 12.09 -14.85 38.13
N LYS A 192 12.84 -14.36 39.11
CA LYS A 192 12.56 -13.07 39.73
C LYS A 192 12.74 -11.91 38.76
N VAL A 193 13.81 -11.92 37.94
CA VAL A 193 14.06 -10.80 37.04
C VAL A 193 13.11 -10.81 35.83
N ALA A 194 12.49 -11.97 35.57
CA ALA A 194 11.42 -12.08 34.56
C ALA A 194 10.13 -11.37 35.00
N GLY A 195 10.00 -11.09 36.29
CA GLY A 195 8.86 -10.35 36.82
C GLY A 195 7.53 -11.03 36.55
N LYS A 196 6.60 -10.29 35.95
CA LYS A 196 5.25 -10.79 35.67
C LYS A 196 5.19 -11.81 34.53
N VAL A 197 6.29 -12.03 33.82
CA VAL A 197 6.30 -12.95 32.67
C VAL A 197 6.69 -14.36 33.11
N PRO A 198 5.80 -15.34 32.94
CA PRO A 198 6.06 -16.70 33.37
C PRO A 198 7.18 -17.36 32.60
N VAL A 199 7.91 -18.21 33.32
CA VAL A 199 9.11 -18.89 32.86
C VAL A 199 8.81 -20.37 32.75
N LEU A 200 9.14 -20.93 31.58
CA LEU A 200 9.15 -22.36 31.34
C LEU A 200 10.59 -22.83 31.21
N MET A 201 10.92 -23.92 31.88
CA MET A 201 12.22 -24.55 31.77
C MET A 201 12.29 -25.38 30.48
N SER A 202 13.36 -25.18 29.72
CA SER A 202 13.69 -26.03 28.60
C SER A 202 14.23 -27.38 29.12
N GLY A 203 13.64 -28.47 28.62
CA GLY A 203 13.95 -29.79 29.14
C GLY A 203 15.40 -30.25 28.94
N GLY A 204 15.99 -29.91 27.81
CA GLY A 204 17.37 -30.26 27.52
C GLY A 204 17.57 -31.68 27.00
N PRO A 205 18.83 -32.09 26.83
CA PRO A 205 19.16 -33.47 26.40
C PRO A 205 18.61 -34.51 27.38
N LYS A 206 18.24 -35.67 26.84
CA LYS A 206 17.74 -36.78 27.65
C LYS A 206 18.72 -37.08 28.77
N THR A 207 18.23 -37.08 30.01
CA THR A 207 19.07 -37.34 31.17
C THR A 207 19.38 -38.84 31.27
N LYS A 208 20.41 -39.16 32.05
CA LYS A 208 20.86 -40.53 32.24
C LYS A 208 19.76 -41.38 32.86
N THR A 209 19.08 -40.84 33.87
CA THR A 209 17.94 -41.50 34.48
C THR A 209 16.70 -40.61 34.46
N GLU A 210 15.55 -41.24 34.57
CA GLU A 210 14.30 -40.53 34.72
C GLU A 210 14.30 -39.70 36.02
N GLU A 211 14.95 -40.22 37.06
CA GLU A 211 15.08 -39.51 38.31
C GLU A 211 15.87 -38.20 38.19
N ASP A 212 16.94 -38.19 37.40
CA ASP A 212 17.72 -36.98 37.15
C ASP A 212 16.82 -35.87 36.59
N PHE A 213 15.95 -36.20 35.64
CA PHE A 213 15.10 -35.19 35.07
C PHE A 213 14.04 -34.70 36.05
N LEU A 214 13.42 -35.63 36.77
CA LEU A 214 12.43 -35.28 37.78
C LEU A 214 13.01 -34.35 38.85
N LYS A 215 14.30 -34.47 39.14
CA LYS A 215 14.98 -33.61 40.13
C LYS A 215 15.20 -32.18 39.61
N GLN A 216 15.45 -32.05 38.32
CA GLN A 216 15.53 -30.73 37.70
C GLN A 216 14.16 -30.08 37.68
N VAL A 217 13.14 -30.85 37.33
CA VAL A 217 11.78 -30.34 37.31
C VAL A 217 11.34 -29.89 38.70
N GLU A 218 11.73 -30.65 39.71
CA GLU A 218 11.45 -30.33 41.12
C GLU A 218 12.07 -28.99 41.48
N GLY A 219 13.34 -28.82 41.16
CA GLY A 219 14.05 -27.57 41.35
C GLY A 219 13.50 -26.36 40.59
N VAL A 220 12.99 -26.58 39.39
CA VAL A 220 12.35 -25.53 38.59
C VAL A 220 11.04 -25.07 39.23
N LEU A 221 10.27 -26.01 39.75
CA LEU A 221 9.04 -25.70 40.47
C LEU A 221 9.31 -24.95 41.80
N GLU A 222 10.34 -25.40 42.52
CA GLU A 222 10.84 -24.80 43.75
C GLU A 222 11.29 -23.36 43.54
N ALA A 223 11.84 -23.07 42.36
CA ALA A 223 12.33 -21.75 41.99
C ALA A 223 11.21 -20.76 41.60
N GLY A 224 9.99 -21.28 41.45
CA GLY A 224 8.84 -20.43 41.15
C GLY A 224 8.46 -20.35 39.69
N ALA A 225 9.04 -21.21 38.85
CA ALA A 225 8.71 -21.22 37.43
C ALA A 225 7.31 -21.77 37.19
N LEU A 226 6.72 -21.39 36.06
CA LEU A 226 5.40 -21.89 35.68
C LEU A 226 5.40 -23.39 35.35
N GLY A 227 6.50 -23.88 34.82
CA GLY A 227 6.56 -25.27 34.40
C GLY A 227 7.66 -25.56 33.40
N ILE A 228 7.39 -26.51 32.51
CA ILE A 228 8.40 -27.01 31.61
C ILE A 228 7.91 -27.06 30.17
N ALA A 229 8.83 -26.84 29.25
CA ALA A 229 8.62 -27.11 27.84
C ALA A 229 9.61 -28.23 27.53
N VAL A 230 9.10 -29.45 27.39
CA VAL A 230 9.91 -30.64 27.33
C VAL A 230 9.69 -31.39 26.01
N GLY A 231 10.78 -31.84 25.42
CA GLY A 231 10.74 -32.59 24.19
C GLY A 231 11.38 -33.95 24.42
N ARG A 232 12.69 -33.98 24.35
CA ARG A 232 13.46 -35.22 24.30
C ARG A 232 13.26 -36.09 25.53
N ASN A 233 13.19 -35.47 26.69
CA ASN A 233 13.05 -36.21 27.94
C ASN A 233 11.71 -36.91 28.08
N VAL A 234 10.76 -36.59 27.20
CA VAL A 234 9.55 -37.39 27.04
C VAL A 234 9.63 -38.31 25.80
N TRP A 235 9.62 -37.75 24.60
CA TRP A 235 9.43 -38.59 23.41
C TRP A 235 10.66 -39.37 22.93
N GLN A 236 11.83 -39.12 23.51
CA GLN A 236 13.01 -39.95 23.21
C GLN A 236 13.02 -41.23 24.03
N ARG A 237 12.11 -41.37 24.98
CA ARG A 237 12.02 -42.55 25.84
C ARG A 237 10.99 -43.55 25.29
N ARG A 238 11.30 -44.85 25.35
CA ARG A 238 10.37 -45.86 24.87
C ARG A 238 9.16 -46.01 25.81
N ASP A 239 9.34 -45.66 27.08
CA ASP A 239 8.23 -45.54 28.03
C ASP A 239 7.72 -44.06 28.09
N ALA A 240 7.57 -43.44 26.92
CA ALA A 240 7.25 -42.00 26.87
C ALA A 240 5.97 -41.66 27.64
N LEU A 241 4.91 -42.44 27.41
CA LEU A 241 3.61 -42.11 27.98
C LEU A 241 3.61 -42.25 29.51
N LYS A 242 4.20 -43.34 29.99
CA LYS A 242 4.34 -43.60 31.42
C LYS A 242 5.10 -42.47 32.12
N PHE A 243 6.25 -42.09 31.55
CA PHE A 243 7.05 -41.02 32.12
C PHE A 243 6.36 -39.66 32.02
N ALA A 244 5.64 -39.43 30.92
CA ALA A 244 4.86 -38.21 30.75
C ALA A 244 3.80 -38.05 31.86
N ARG A 245 3.14 -39.14 32.22
CA ARG A 245 2.12 -39.14 33.26
C ARG A 245 2.72 -38.94 34.65
N ALA A 246 3.95 -39.40 34.85
CA ALA A 246 4.68 -39.10 36.08
C ALA A 246 5.05 -37.62 36.16
N LEU A 247 5.39 -37.03 35.01
CA LEU A 247 5.68 -35.60 34.95
C LEU A 247 4.45 -34.79 35.27
N ALA A 248 3.31 -35.21 34.72
CA ALA A 248 2.02 -34.56 34.98
C ALA A 248 1.68 -34.61 36.47
N GLU A 249 1.89 -35.78 37.08
CA GLU A 249 1.65 -35.95 38.52
C GLU A 249 2.48 -34.95 39.32
N LEU A 250 3.77 -34.83 38.99
CA LEU A 250 4.66 -33.94 39.70
C LEU A 250 4.29 -32.47 39.50
N VAL A 251 4.09 -32.05 38.26
CA VAL A 251 3.90 -30.64 37.95
C VAL A 251 2.52 -30.11 38.40
N TYR A 252 1.46 -30.87 38.15
CA TYR A 252 0.08 -30.44 38.44
C TYR A 252 -0.37 -30.59 39.92
N GLY A 253 -0.34 -31.66 40.53
N ASN B 3 -5.87 -28.62 0.56
CA ASN B 3 -4.76 -29.62 0.64
C ASN B 3 -3.93 -29.64 -0.64
N LEU B 4 -2.76 -29.01 -0.59
CA LEU B 4 -1.96 -28.84 -1.79
C LEU B 4 -1.14 -30.07 -2.18
N THR B 5 -0.83 -30.91 -1.21
CA THR B 5 -0.25 -32.21 -1.49
C THR B 5 -1.20 -33.03 -2.37
N GLU B 6 -2.48 -33.01 -2.04
CA GLU B 6 -3.48 -33.76 -2.81
C GLU B 6 -3.61 -33.22 -4.23
N LYS B 7 -3.58 -31.90 -4.38
CA LYS B 7 -3.58 -31.28 -5.69
C LYS B 7 -2.34 -31.70 -6.51
N PHE B 8 -1.18 -31.68 -5.87
CA PHE B 8 0.05 -32.11 -6.48
C PHE B 8 -0.06 -33.54 -6.99
N LEU B 9 -0.55 -34.45 -6.14
CA LEU B 9 -0.71 -35.86 -6.50
C LEU B 9 -1.68 -36.08 -7.66
N ARG B 10 -2.76 -35.31 -7.69
CA ARG B 10 -3.79 -35.37 -8.71
C ARG B 10 -3.24 -34.98 -10.08
N ILE B 11 -2.38 -33.96 -10.11
CA ILE B 11 -1.83 -33.43 -11.36
C ILE B 11 -0.56 -34.19 -11.82
N PHE B 12 0.34 -34.46 -10.87
CA PHE B 12 1.64 -35.00 -11.17
C PHE B 12 1.83 -36.49 -10.84
N ALA B 13 0.80 -37.14 -10.34
CA ALA B 13 0.92 -38.55 -9.95
C ALA B 13 -0.40 -39.28 -10.10
N ARG B 14 -1.09 -39.02 -11.20
CA ARG B 14 -2.42 -39.60 -11.40
C ARG B 14 -2.41 -41.12 -11.43
N ARG B 15 -1.29 -41.71 -11.80
CA ARG B 15 -1.14 -43.18 -11.81
C ARG B 15 -0.62 -43.76 -10.48
N GLY B 16 -0.43 -42.90 -9.47
CA GLY B 16 0.00 -43.33 -8.15
C GLY B 16 1.49 -43.15 -7.91
N LYS B 17 2.25 -43.06 -9.02
CA LYS B 17 3.67 -42.73 -9.01
C LYS B 17 3.95 -41.60 -10.01
N SER B 18 5.13 -41.01 -9.92
CA SER B 18 5.44 -39.79 -10.66
C SER B 18 6.81 -39.82 -11.32
N ILE B 19 6.87 -39.35 -12.57
CA ILE B 19 8.14 -39.00 -13.19
C ILE B 19 8.07 -37.58 -13.70
N ILE B 20 8.97 -36.73 -13.22
CA ILE B 20 9.07 -35.34 -13.62
C ILE B 20 10.37 -35.17 -14.37
N LEU B 21 10.31 -34.55 -15.54
CA LEU B 21 11.52 -34.30 -16.33
C LEU B 21 12.04 -32.94 -15.96
N ALA B 22 13.20 -32.92 -15.31
CA ALA B 22 13.79 -31.70 -14.78
C ALA B 22 14.67 -31.05 -15.82
N TYR B 23 14.59 -29.73 -15.94
CA TYR B 23 15.31 -29.01 -17.00
C TYR B 23 15.64 -27.58 -16.58
N ASP B 24 16.07 -27.41 -15.32
CA ASP B 24 16.61 -26.15 -14.82
C ASP B 24 18.14 -26.13 -14.93
N HIS B 25 18.72 -27.15 -15.58
CA HIS B 25 20.17 -27.34 -15.65
C HIS B 25 20.91 -26.21 -16.40
N GLY B 26 20.23 -25.58 -17.35
CA GLY B 26 20.81 -24.48 -18.10
C GLY B 26 21.37 -23.36 -17.25
N ILE B 27 20.69 -23.02 -16.16
CA ILE B 27 21.25 -22.08 -15.21
C ILE B 27 22.12 -22.79 -14.15
N GLU B 28 21.65 -23.89 -13.59
CA GLU B 28 22.34 -24.53 -12.46
C GLU B 28 23.74 -24.99 -12.83
N HIS B 29 23.89 -25.57 -14.03
CA HIS B 29 25.15 -26.19 -14.50
C HIS B 29 25.69 -25.58 -15.80
N GLY B 30 24.83 -24.94 -16.58
CA GLY B 30 25.20 -24.37 -17.86
C GLY B 30 25.11 -25.41 -18.98
N PRO B 31 25.32 -24.94 -20.20
CA PRO B 31 25.09 -25.76 -21.39
C PRO B 31 26.12 -26.88 -21.67
N ALA B 32 27.18 -27.01 -20.87
CA ALA B 32 28.08 -28.15 -20.97
C ALA B 32 27.31 -29.47 -20.81
N ASP B 33 26.31 -29.47 -19.94
CA ASP B 33 25.36 -30.57 -19.78
C ASP B 33 24.72 -31.04 -21.11
N PHE B 34 24.59 -30.13 -22.10
CA PHE B 34 23.86 -30.42 -23.34
C PHE B 34 24.77 -30.98 -24.50
N MET B 35 26.07 -31.09 -24.27
CA MET B 35 26.99 -31.48 -25.34
C MET B 35 26.84 -32.96 -25.74
N ASP B 36 26.65 -33.83 -24.74
CA ASP B 36 26.45 -35.27 -24.96
C ASP B 36 25.33 -35.57 -25.97
N ASN B 37 24.21 -34.85 -25.84
CA ASN B 37 23.04 -34.99 -26.71
C ASN B 37 22.51 -33.59 -27.10
N PRO B 38 23.06 -32.97 -28.15
CA PRO B 38 22.84 -31.54 -28.43
C PRO B 38 21.38 -31.08 -28.55
N ASP B 39 20.47 -31.98 -28.93
CA ASP B 39 19.04 -31.65 -28.97
C ASP B 39 18.51 -31.21 -27.60
N SER B 40 19.15 -31.68 -26.53
CA SER B 40 18.77 -31.35 -25.15
C SER B 40 18.86 -29.85 -24.81
N ALA B 41 19.58 -29.09 -25.62
CA ALA B 41 19.65 -27.64 -25.50
C ALA B 41 18.36 -26.95 -25.93
N ASP B 42 17.53 -27.66 -26.70
CA ASP B 42 16.28 -27.14 -27.24
C ASP B 42 15.08 -27.51 -26.33
N PRO B 43 14.48 -26.54 -25.63
CA PRO B 43 13.35 -26.83 -24.77
C PRO B 43 12.14 -27.49 -25.47
N GLU B 44 11.95 -27.21 -26.76
CA GLU B 44 10.88 -27.87 -27.53
C GLU B 44 11.07 -29.38 -27.54
N TYR B 45 12.31 -29.82 -27.68
CA TYR B 45 12.63 -31.26 -27.69
C TYR B 45 12.32 -31.90 -26.33
N ILE B 46 12.59 -31.16 -25.26
CA ILE B 46 12.33 -31.60 -23.90
C ILE B 46 10.83 -31.83 -23.65
N LEU B 47 10.01 -30.85 -24.03
CA LEU B 47 8.55 -30.99 -23.99
C LEU B 47 8.03 -32.17 -24.84
N ARG B 48 8.56 -32.37 -26.05
CA ARG B 48 8.17 -33.52 -26.85
C ARG B 48 8.57 -34.85 -26.19
N LEU B 49 9.76 -34.87 -25.61
CA LEU B 49 10.24 -36.04 -24.90
C LEU B 49 9.33 -36.36 -23.68
N ALA B 50 9.00 -35.35 -22.90
CA ALA B 50 8.12 -35.57 -21.74
C ALA B 50 6.75 -36.10 -22.12
N ARG B 51 6.18 -35.52 -23.17
CA ARG B 51 4.92 -35.99 -23.74
C ARG B 51 5.02 -37.42 -24.30
N ASP B 52 5.99 -37.68 -25.17
CA ASP B 52 6.09 -38.97 -25.86
C ASP B 52 6.39 -40.13 -24.90
N ALA B 53 7.07 -39.85 -23.81
CA ALA B 53 7.35 -40.89 -22.82
C ALA B 53 6.19 -41.03 -21.82
N GLY B 54 5.21 -40.15 -21.89
CA GLY B 54 4.09 -40.13 -20.96
C GLY B 54 4.46 -39.76 -19.54
N PHE B 55 5.45 -38.88 -19.37
CA PHE B 55 5.82 -38.37 -18.03
C PHE B 55 4.76 -37.40 -17.48
N ASP B 56 4.86 -37.08 -16.19
CA ASP B 56 3.84 -36.28 -15.48
C ASP B 56 4.05 -34.79 -15.50
N GLY B 57 5.30 -34.35 -15.67
CA GLY B 57 5.60 -32.94 -15.63
C GLY B 57 6.99 -32.60 -16.11
N VAL B 58 7.22 -31.29 -16.30
CA VAL B 58 8.54 -30.73 -16.57
C VAL B 58 8.84 -29.63 -15.54
N VAL B 59 10.12 -29.37 -15.31
CA VAL B 59 10.58 -28.28 -14.50
C VAL B 59 11.38 -27.32 -15.36
N PHE B 60 10.89 -26.10 -15.47
CA PHE B 60 11.53 -25.01 -16.19
C PHE B 60 11.72 -23.80 -15.25
N GLN B 61 12.79 -23.05 -15.49
CA GLN B 61 12.93 -21.68 -14.99
C GLN B 61 12.01 -20.76 -15.81
N ARG B 62 11.79 -19.55 -15.31
CA ARG B 62 10.80 -18.64 -15.88
C ARG B 62 11.03 -18.30 -17.35
N GLY B 63 12.28 -18.12 -17.74
CA GLY B 63 12.60 -17.71 -19.10
C GLY B 63 12.25 -18.78 -20.11
N ILE B 64 12.53 -20.03 -19.75
CA ILE B 64 12.20 -21.15 -20.62
C ILE B 64 10.68 -21.31 -20.68
N ALA B 65 9.99 -21.16 -19.55
CA ALA B 65 8.54 -21.27 -19.52
C ALA B 65 7.93 -20.20 -20.41
N GLU B 66 8.37 -18.95 -20.24
CA GLU B 66 7.82 -17.83 -20.98
C GLU B 66 7.98 -18.00 -22.50
N LYS B 67 9.15 -18.42 -22.94
CA LYS B 67 9.45 -18.53 -24.37
C LYS B 67 8.99 -19.85 -25.02
N TYR B 68 8.81 -20.92 -24.24
CA TYR B 68 8.61 -22.26 -24.83
C TYR B 68 7.42 -23.06 -24.31
N TYR B 69 6.97 -22.80 -23.08
CA TYR B 69 5.93 -23.65 -22.51
C TYR B 69 4.65 -23.52 -23.30
N ASP B 70 4.05 -24.65 -23.64
CA ASP B 70 2.89 -24.69 -24.53
C ASP B 70 1.69 -25.40 -23.91
N GLY B 71 1.73 -25.71 -22.62
CA GLY B 71 0.60 -26.33 -21.96
C GLY B 71 0.45 -27.82 -22.19
N SER B 72 1.43 -28.46 -22.79
CA SER B 72 1.24 -29.83 -23.25
C SER B 72 1.56 -30.85 -22.15
N VAL B 73 2.30 -30.43 -21.14
CA VAL B 73 2.68 -31.28 -20.02
C VAL B 73 2.65 -30.37 -18.79
N PRO B 74 2.12 -30.83 -17.65
CA PRO B 74 2.07 -29.97 -16.43
C PRO B 74 3.44 -29.41 -16.06
N LEU B 75 3.46 -28.16 -15.65
CA LEU B 75 4.70 -27.42 -15.41
C LEU B 75 4.91 -27.16 -13.93
N ILE B 76 6.12 -27.47 -13.47
CA ILE B 76 6.63 -26.93 -12.20
C ILE B 76 7.60 -25.81 -12.53
N LEU B 77 7.28 -24.59 -12.08
CA LEU B 77 8.12 -23.44 -12.34
C LEU B 77 9.12 -23.32 -11.21
N LYS B 78 10.38 -23.59 -11.53
CA LYS B 78 11.46 -23.45 -10.55
C LYS B 78 11.80 -21.97 -10.34
N LEU B 79 11.52 -21.48 -9.13
CA LEU B 79 11.54 -20.03 -8.88
C LEU B 79 12.92 -19.46 -8.68
N ASN B 80 13.81 -20.24 -8.08
CA ASN B 80 15.17 -19.79 -7.81
C ASN B 80 16.22 -20.54 -8.58
N GLY B 81 17.39 -19.94 -8.69
CA GLY B 81 18.47 -20.52 -9.45
C GLY B 81 19.78 -19.83 -9.14
N LYS B 82 20.84 -20.63 -9.16
CA LYS B 82 22.21 -20.16 -9.02
C LYS B 82 23.07 -20.86 -10.05
N THR B 83 24.30 -20.40 -10.23
CA THR B 83 25.23 -21.02 -11.17
C THR B 83 26.34 -21.78 -10.43
N THR B 84 27.07 -22.64 -11.16
CA THR B 84 28.26 -23.31 -10.62
C THR B 84 29.45 -22.41 -10.68
N LEU B 85 29.35 -21.30 -11.41
CA LEU B 85 30.43 -20.33 -11.42
C LEU B 85 30.58 -19.66 -10.06
N TYR B 86 29.51 -19.65 -9.28
CA TYR B 86 29.48 -18.99 -7.98
C TYR B 86 30.28 -19.78 -6.94
N ASN B 87 31.06 -19.06 -6.14
CA ASN B 87 31.96 -19.65 -5.15
C ASN B 87 31.61 -19.42 -3.67
N GLY B 88 30.70 -18.54 -3.35
CA GLY B 88 30.38 -18.30 -1.95
C GLY B 88 29.66 -19.45 -1.22
N GLU B 89 29.19 -19.15 0.00
CA GLU B 89 28.34 -20.12 0.73
C GLU B 89 27.06 -20.25 -0.09
N PRO B 90 26.57 -21.48 -0.27
CA PRO B 90 25.49 -21.76 -1.23
C PRO B 90 24.24 -20.90 -0.97
N VAL B 91 23.78 -20.23 -2.01
CA VAL B 91 22.58 -19.44 -1.94
C VAL B 91 21.96 -19.37 -3.34
N SER B 92 20.64 -19.39 -3.36
CA SER B 92 19.90 -19.34 -4.60
C SER B 92 18.65 -18.55 -4.35
N VAL B 93 18.52 -17.40 -5.01
CA VAL B 93 17.39 -16.54 -4.77
C VAL B 93 16.37 -16.59 -5.89
N ALA B 94 15.13 -16.22 -5.56
CA ALA B 94 14.03 -16.24 -6.52
C ALA B 94 14.30 -15.21 -7.62
N ASN B 95 14.14 -15.64 -8.87
CA ASN B 95 14.17 -14.74 -10.02
C ASN B 95 12.75 -14.55 -10.58
N CYS B 96 11.75 -15.14 -9.90
CA CYS B 96 10.36 -15.14 -10.33
C CYS B 96 9.46 -15.25 -9.12
N SER B 97 8.28 -14.65 -9.18
CA SER B 97 7.28 -14.75 -8.10
C SER B 97 6.28 -15.86 -8.41
N VAL B 98 5.53 -16.27 -7.38
CA VAL B 98 4.47 -17.24 -7.57
C VAL B 98 3.41 -16.70 -8.51
N GLU B 99 3.05 -15.43 -8.35
CA GLU B 99 2.03 -14.79 -9.18
C GLU B 99 2.41 -14.83 -10.66
N GLU B 100 3.67 -14.59 -10.97
CA GLU B 100 4.15 -14.71 -12.37
C GLU B 100 4.16 -16.16 -12.87
N ALA B 101 4.46 -17.10 -11.97
CA ALA B 101 4.43 -18.53 -12.31
C ALA B 101 3.04 -18.95 -12.71
N VAL B 102 2.03 -18.49 -11.97
CA VAL B 102 0.63 -18.72 -12.30
C VAL B 102 0.30 -18.24 -13.71
N SER B 103 0.74 -17.01 -14.04
CA SER B 103 0.47 -16.46 -15.37
C SER B 103 1.20 -17.19 -16.50
N LEU B 104 2.31 -17.87 -16.20
CA LEU B 104 3.07 -18.62 -17.20
C LEU B 104 2.52 -20.04 -17.40
N GLY B 105 1.49 -20.41 -16.65
CA GLY B 105 0.83 -21.69 -16.77
C GLY B 105 1.28 -22.81 -15.83
N ALA B 106 1.98 -22.46 -14.75
CA ALA B 106 2.49 -23.46 -13.82
C ALA B 106 1.34 -24.10 -13.05
N SER B 107 1.48 -25.39 -12.78
CA SER B 107 0.60 -26.12 -11.86
C SER B 107 1.24 -26.33 -10.50
N ALA B 108 2.51 -25.94 -10.38
CA ALA B 108 3.23 -25.97 -9.09
C ALA B 108 4.47 -25.08 -9.19
N VAL B 109 5.03 -24.72 -8.04
CA VAL B 109 6.28 -23.98 -7.99
C VAL B 109 7.35 -24.76 -7.26
N GLY B 110 8.60 -24.51 -7.60
CA GLY B 110 9.71 -25.22 -7.00
C GLY B 110 10.71 -24.25 -6.43
N TYR B 111 11.40 -24.66 -5.38
CA TYR B 111 12.34 -23.78 -4.69
C TYR B 111 13.39 -24.61 -3.98
N THR B 112 14.66 -24.30 -4.21
CA THR B 112 15.79 -24.94 -3.57
C THR B 112 16.21 -24.26 -2.32
N ILE B 113 16.38 -25.07 -1.26
CA ILE B 113 17.03 -24.63 -0.02
C ILE B 113 18.33 -25.41 0.15
N TYR B 114 19.34 -24.75 0.74
CA TYR B 114 20.59 -25.39 1.14
C TYR B 114 20.78 -25.33 2.66
N PRO B 115 20.10 -26.21 3.42
CA PRO B 115 20.29 -26.29 4.86
C PRO B 115 21.76 -26.45 5.23
N GLY B 116 22.22 -25.70 6.22
CA GLY B 116 23.63 -25.74 6.60
C GLY B 116 24.47 -24.60 6.01
N SER B 117 24.09 -24.07 4.86
CA SER B 117 24.78 -22.94 4.27
C SER B 117 24.86 -21.76 5.24
N GLY B 118 25.95 -21.00 5.15
CA GLY B 118 26.06 -19.74 5.81
C GLY B 118 24.90 -18.81 5.48
N PHE B 119 24.27 -19.01 4.33
CA PHE B 119 23.11 -18.25 3.93
C PHE B 119 21.79 -19.02 4.05
N GLU B 120 21.72 -20.05 4.90
CA GLU B 120 20.49 -20.83 5.02
C GLU B 120 19.32 -19.93 5.39
N TRP B 121 19.58 -18.95 6.23
CA TRP B 121 18.56 -18.00 6.67
C TRP B 121 17.95 -17.17 5.53
N LYS B 122 18.75 -16.82 4.51
CA LYS B 122 18.24 -16.02 3.40
C LYS B 122 17.21 -16.81 2.60
N MET B 123 17.46 -18.09 2.40
CA MET B 123 16.53 -18.94 1.68
C MET B 123 15.29 -19.29 2.52
N PHE B 124 15.43 -19.46 3.83
CA PHE B 124 14.29 -19.76 4.68
C PHE B 124 13.35 -18.54 4.71
N GLU B 125 13.94 -17.36 4.78
CA GLU B 125 13.21 -16.11 4.77
C GLU B 125 12.41 -15.93 3.49
N GLU B 126 13.06 -16.18 2.37
CA GLU B 126 12.39 -16.08 1.08
C GLU B 126 11.37 -17.20 0.88
N LEU B 127 11.69 -18.41 1.31
CA LEU B 127 10.74 -19.51 1.22
C LEU B 127 9.44 -19.19 1.99
N ALA B 128 9.55 -18.49 3.12
CA ALA B 128 8.38 -18.10 3.86
C ALA B 128 7.39 -17.30 3.01
N ARG B 129 7.92 -16.36 2.22
CA ARG B 129 7.08 -15.56 1.33
C ARG B 129 6.52 -16.38 0.19
N ILE B 130 7.33 -17.24 -0.41
CA ILE B 130 6.88 -18.10 -1.47
C ILE B 130 5.81 -19.08 -1.00
N LYS B 131 6.00 -19.68 0.17
CA LYS B 131 5.03 -20.59 0.73
C LYS B 131 3.70 -19.87 0.91
N ARG B 132 3.72 -18.71 1.55
CA ARG B 132 2.51 -17.92 1.74
C ARG B 132 1.80 -17.63 0.40
N ASP B 133 2.55 -17.25 -0.64
CA ASP B 133 1.98 -17.01 -1.97
C ASP B 133 1.47 -18.29 -2.64
N ALA B 134 2.17 -19.40 -2.46
CA ALA B 134 1.72 -20.70 -2.98
C ALA B 134 0.35 -21.07 -2.43
N VAL B 135 0.13 -20.84 -1.13
CA VAL B 135 -1.18 -21.07 -0.53
C VAL B 135 -2.21 -20.13 -1.14
N LYS B 136 -1.85 -18.87 -1.25
CA LYS B 136 -2.76 -17.84 -1.76
C LYS B 136 -3.20 -18.10 -3.22
N PHE B 137 -2.28 -18.57 -4.04
CA PHE B 137 -2.58 -18.90 -5.44
C PHE B 137 -2.93 -20.35 -5.64
N ASP B 138 -2.97 -21.14 -4.55
CA ASP B 138 -3.35 -22.56 -4.61
C ASP B 138 -2.45 -23.37 -5.56
N LEU B 139 -1.15 -23.13 -5.48
CA LEU B 139 -0.16 -23.85 -6.26
C LEU B 139 0.68 -24.66 -5.28
N PRO B 140 0.77 -25.99 -5.45
CA PRO B 140 1.67 -26.77 -4.60
C PRO B 140 3.12 -26.26 -4.65
N LEU B 141 3.78 -26.32 -3.51
CA LEU B 141 5.17 -25.95 -3.38
C LEU B 141 6.03 -27.19 -3.28
N VAL B 142 6.94 -27.34 -4.23
CA VAL B 142 7.87 -28.46 -4.28
C VAL B 142 9.24 -27.95 -3.87
N VAL B 143 9.78 -28.50 -2.80
CA VAL B 143 11.05 -28.06 -2.28
C VAL B 143 12.14 -29.03 -2.66
N TRP B 144 13.17 -28.51 -3.30
CA TRP B 144 14.43 -29.20 -3.53
C TRP B 144 15.23 -29.00 -2.25
N SER B 145 15.39 -30.03 -1.43
CA SER B 145 16.09 -29.92 -0.17
C SER B 145 17.48 -30.49 -0.24
N TYR B 146 18.48 -29.63 -0.41
CA TYR B 146 19.85 -30.01 -0.66
C TYR B 146 20.81 -29.44 0.37
N PRO B 147 20.94 -30.07 1.53
CA PRO B 147 21.92 -29.60 2.51
C PRO B 147 23.29 -29.45 1.86
N ARG B 148 23.91 -28.29 2.10
CA ARG B 148 25.18 -27.92 1.48
C ARG B 148 25.79 -26.73 2.22
N GLY B 149 27.10 -26.75 2.38
CA GLY B 149 27.81 -25.77 3.17
C GLY B 149 27.75 -26.15 4.65
N GLY B 150 28.30 -25.28 5.50
CA GLY B 150 28.36 -25.54 6.93
C GLY B 150 29.04 -26.88 7.21
N LYS B 151 28.41 -27.74 8.00
CA LYS B 151 28.98 -29.02 8.43
C LYS B 151 28.72 -30.17 7.40
N VAL B 152 28.02 -29.88 6.32
CA VAL B 152 27.68 -30.89 5.31
C VAL B 152 28.91 -31.21 4.50
N VAL B 153 29.25 -32.50 4.41
CA VAL B 153 30.35 -32.93 3.54
C VAL B 153 29.81 -33.81 2.40
N ASN B 154 29.32 -35.00 2.71
CA ASN B 154 28.75 -35.89 1.71
C ASN B 154 27.26 -35.71 1.74
N GLU B 155 26.74 -35.23 0.62
CA GLU B 155 25.34 -34.90 0.51
C GLU B 155 24.44 -36.14 0.44
N THR B 156 25.02 -37.32 0.20
CA THR B 156 24.22 -38.53 0.11
C THR B 156 24.31 -39.40 1.38
N ALA B 157 24.97 -38.94 2.44
CA ALA B 157 24.99 -39.70 3.69
C ALA B 157 23.56 -39.87 4.20
N PRO B 158 23.22 -41.04 4.72
CA PRO B 158 21.85 -41.32 5.20
C PRO B 158 21.26 -40.25 6.11
N GLU B 159 22.05 -39.79 7.07
CA GLU B 159 21.56 -38.84 8.06
C GLU B 159 21.35 -37.45 7.46
N ILE B 160 22.09 -37.12 6.42
CA ILE B 160 21.94 -35.82 5.76
C ILE B 160 20.68 -35.81 4.89
N VAL B 161 20.45 -36.90 4.17
CA VAL B 161 19.28 -36.99 3.31
C VAL B 161 18.00 -37.03 4.16
N ALA B 162 18.03 -37.73 5.28
CA ALA B 162 16.88 -37.75 6.18
C ALA B 162 16.64 -36.37 6.77
N TYR B 163 17.71 -35.67 7.12
CA TYR B 163 17.58 -34.30 7.60
C TYR B 163 16.94 -33.41 6.52
N ALA B 164 17.39 -33.58 5.27
CA ALA B 164 16.87 -32.80 4.17
C ALA B 164 15.37 -32.97 4.05
N ALA B 165 14.93 -34.23 4.12
CA ALA B 165 13.51 -34.59 3.99
C ALA B 165 12.68 -34.00 5.11
N ARG B 166 13.18 -34.13 6.33
CA ARG B 166 12.44 -33.58 7.47
C ARG B 166 12.33 -32.07 7.39
N ILE B 167 13.39 -31.38 7.01
CA ILE B 167 13.37 -29.92 6.95
C ILE B 167 12.31 -29.45 5.96
N ALA B 168 12.21 -30.12 4.82
CA ALA B 168 11.23 -29.76 3.81
C ALA B 168 9.81 -29.88 4.38
N LEU B 169 9.55 -30.97 5.09
CA LEU B 169 8.26 -31.16 5.74
C LEU B 169 7.99 -30.03 6.73
N GLU B 170 8.97 -29.73 7.57
CA GLU B 170 8.78 -28.71 8.64
C GLU B 170 8.55 -27.32 8.06
N LEU B 171 9.16 -26.99 6.91
CA LEU B 171 9.02 -25.67 6.32
C LEU B 171 7.79 -25.51 5.43
N GLY B 172 7.05 -26.58 5.20
CA GLY B 172 5.78 -26.47 4.52
C GLY B 172 5.71 -27.01 3.10
N ALA B 173 6.74 -27.73 2.66
CA ALA B 173 6.70 -28.37 1.34
C ALA B 173 5.45 -29.23 1.19
N ASP B 174 4.85 -29.18 0.01
CA ASP B 174 3.75 -30.05 -0.37
C ASP B 174 4.24 -31.31 -1.08
N ALA B 175 5.43 -31.21 -1.64
CA ALA B 175 6.21 -32.34 -2.16
C ALA B 175 7.67 -31.95 -2.10
N MET B 176 8.58 -32.91 -2.18
CA MET B 176 10.00 -32.60 -2.10
C MET B 176 10.84 -33.44 -3.04
N LYS B 177 12.00 -32.90 -3.36
CA LYS B 177 13.01 -33.55 -4.17
C LYS B 177 14.28 -33.58 -3.34
N ILE B 178 14.80 -34.78 -3.11
CA ILE B 178 16.02 -35.00 -2.33
C ILE B 178 16.93 -36.02 -3.03
N LYS B 179 18.19 -36.06 -2.62
CA LYS B 179 19.19 -36.97 -3.19
C LYS B 179 19.02 -38.41 -2.66
N TYR B 180 19.32 -39.38 -3.53
CA TYR B 180 19.29 -40.79 -3.16
C TYR B 180 20.49 -41.12 -2.31
N THR B 181 20.31 -41.94 -1.27
CA THR B 181 21.39 -42.40 -0.39
C THR B 181 22.22 -43.51 -1.02
N GLY B 182 21.70 -44.16 -2.06
CA GLY B 182 22.38 -45.29 -2.69
C GLY B 182 21.85 -46.66 -2.28
N ASP B 183 20.94 -46.71 -1.31
CA ASP B 183 20.26 -47.97 -0.96
C ASP B 183 18.88 -47.76 -0.35
N PRO B 184 17.96 -48.69 -0.63
CA PRO B 184 16.56 -48.53 -0.21
C PRO B 184 16.31 -48.48 1.30
N LYS B 185 17.12 -49.16 2.11
CA LYS B 185 16.89 -49.17 3.56
C LYS B 185 17.08 -47.77 4.18
N THR B 186 18.22 -47.14 3.90
CA THR B 186 18.51 -45.82 4.43
C THR B 186 17.59 -44.79 3.81
N PHE B 187 17.27 -44.94 2.53
CA PHE B 187 16.38 -43.98 1.88
C PHE B 187 14.97 -44.04 2.45
N SER B 188 14.55 -45.21 2.88
CA SER B 188 13.20 -45.37 3.42
C SER B 188 13.02 -44.63 4.78
N TRP B 189 14.12 -44.43 5.52
CA TRP B 189 14.11 -43.58 6.71
C TRP B 189 13.80 -42.11 6.31
N ALA B 190 14.42 -41.63 5.24
CA ALA B 190 14.13 -40.29 4.75
C ALA B 190 12.66 -40.16 4.35
N VAL B 191 12.15 -41.16 3.64
CA VAL B 191 10.76 -41.19 3.23
C VAL B 191 9.82 -41.19 4.43
N LYS B 192 10.19 -41.92 5.47
CA LYS B 192 9.37 -42.03 6.67
C LYS B 192 9.30 -40.71 7.43
N VAL B 193 10.43 -40.01 7.57
CA VAL B 193 10.42 -38.77 8.34
C VAL B 193 9.74 -37.60 7.60
N ALA B 194 9.59 -37.75 6.28
CA ALA B 194 8.84 -36.82 5.44
C ALA B 194 7.35 -36.95 5.66
N GLY B 195 6.91 -38.04 6.30
CA GLY B 195 5.52 -38.22 6.68
C GLY B 195 4.58 -38.16 5.50
N LYS B 196 3.58 -37.28 5.57
CA LYS B 196 2.55 -37.17 4.54
C LYS B 196 3.02 -36.44 3.28
N VAL B 197 4.26 -35.93 3.28
CA VAL B 197 4.75 -35.22 2.11
C VAL B 197 5.49 -36.20 1.20
N PRO B 198 5.05 -36.33 -0.05
CA PRO B 198 5.71 -37.22 -1.00
C PRO B 198 7.11 -36.78 -1.40
N VAL B 199 7.95 -37.80 -1.64
CA VAL B 199 9.36 -37.66 -1.91
C VAL B 199 9.65 -38.10 -3.35
N LEU B 200 10.31 -37.21 -4.08
CA LEU B 200 10.85 -37.51 -5.40
C LEU B 200 12.38 -37.62 -5.28
N MET B 201 12.94 -38.67 -5.86
CA MET B 201 14.39 -38.84 -5.95
C MET B 201 14.96 -37.95 -7.04
N SER B 202 15.99 -37.20 -6.71
CA SER B 202 16.79 -36.49 -7.69
C SER B 202 17.64 -37.49 -8.48
N GLY B 203 17.59 -37.41 -9.81
CA GLY B 203 18.23 -38.39 -10.68
C GLY B 203 19.76 -38.44 -10.57
N GLY B 204 20.39 -37.29 -10.43
CA GLY B 204 21.85 -37.21 -10.32
C GLY B 204 22.61 -37.29 -11.64
N PRO B 205 23.94 -37.32 -11.56
CA PRO B 205 24.79 -37.42 -12.74
C PRO B 205 24.46 -38.68 -13.54
N LYS B 206 24.64 -38.58 -14.86
CA LYS B 206 24.43 -39.72 -15.76
C LYS B 206 25.25 -40.91 -15.28
N THR B 207 24.58 -42.04 -15.07
CA THR B 207 25.22 -43.24 -14.59
C THR B 207 26.01 -43.92 -15.70
N LYS B 208 26.92 -44.79 -15.32
CA LYS B 208 27.79 -45.47 -16.28
C LYS B 208 26.98 -46.34 -17.24
N THR B 209 26.00 -47.06 -16.71
CA THR B 209 25.06 -47.82 -17.53
C THR B 209 23.62 -47.44 -17.24
N GLU B 210 22.75 -47.73 -18.19
CA GLU B 210 21.32 -47.56 -18.00
C GLU B 210 20.78 -48.43 -16.89
N GLU B 211 21.28 -49.66 -16.84
CA GLU B 211 20.90 -50.61 -15.82
C GLU B 211 21.19 -50.09 -14.40
N ASP B 212 22.30 -49.37 -14.21
CA ASP B 212 22.64 -48.81 -12.89
C ASP B 212 21.55 -47.83 -12.43
N PHE B 213 21.16 -46.92 -13.30
CA PHE B 213 20.12 -45.94 -12.97
C PHE B 213 18.79 -46.63 -12.70
N LEU B 214 18.41 -47.58 -13.56
CA LEU B 214 17.20 -48.36 -13.32
C LEU B 214 17.20 -49.07 -11.94
N LYS B 215 18.35 -49.60 -11.50
CA LYS B 215 18.47 -50.21 -10.17
C LYS B 215 18.25 -49.14 -9.07
N GLN B 216 18.81 -47.94 -9.27
CA GLN B 216 18.58 -46.86 -8.33
C GLN B 216 17.08 -46.61 -8.25
N VAL B 217 16.40 -46.54 -9.39
CA VAL B 217 14.96 -46.23 -9.41
C VAL B 217 14.15 -47.27 -8.66
N GLU B 218 14.48 -48.55 -8.87
CA GLU B 218 13.81 -49.67 -8.20
C GLU B 218 13.97 -49.51 -6.69
N GLY B 219 15.15 -49.12 -6.24
CA GLY B 219 15.44 -48.94 -4.84
C GLY B 219 14.59 -47.84 -4.24
N VAL B 220 14.53 -46.74 -4.96
CA VAL B 220 13.68 -45.61 -4.66
C VAL B 220 12.21 -46.01 -4.49
N LEU B 221 11.68 -46.82 -5.40
CA LEU B 221 10.30 -47.27 -5.33
C LEU B 221 10.06 -48.23 -4.14
N GLU B 222 11.02 -49.11 -3.87
CA GLU B 222 10.97 -50.03 -2.73
C GLU B 222 11.03 -49.30 -1.39
N ALA B 223 11.67 -48.14 -1.36
CA ALA B 223 11.76 -47.32 -0.17
C ALA B 223 10.45 -46.56 0.13
N GLY B 224 9.51 -46.56 -0.81
CA GLY B 224 8.22 -45.93 -0.65
C GLY B 224 8.12 -44.50 -1.19
N ALA B 225 9.09 -44.09 -2.01
CA ALA B 225 9.03 -42.77 -2.60
C ALA B 225 7.95 -42.69 -3.68
N LEU B 226 7.50 -41.48 -3.97
CA LEU B 226 6.50 -41.24 -4.99
C LEU B 226 7.05 -41.45 -6.40
N GLY B 227 8.33 -41.18 -6.60
CA GLY B 227 8.94 -41.35 -7.91
C GLY B 227 10.24 -40.59 -8.06
N ILE B 228 10.46 -40.06 -9.24
CA ILE B 228 11.74 -39.48 -9.58
C ILE B 228 11.58 -38.18 -10.32
N ALA B 229 12.51 -37.25 -10.06
CA ALA B 229 12.63 -36.03 -10.84
C ALA B 229 13.97 -36.17 -11.52
N VAL B 230 13.94 -36.49 -12.81
CA VAL B 230 15.12 -36.89 -13.55
C VAL B 230 15.39 -35.93 -14.72
N GLY B 231 16.66 -35.61 -14.91
CA GLY B 231 17.09 -34.72 -15.95
C GLY B 231 18.11 -35.44 -16.83
N ARG B 232 19.35 -35.43 -16.37
CA ARG B 232 20.49 -35.88 -17.14
C ARG B 232 20.38 -37.33 -17.50
N ASN B 233 19.89 -38.17 -16.60
CA ASN B 233 19.81 -39.60 -16.91
C ASN B 233 18.78 -39.95 -17.99
N VAL B 234 17.98 -38.99 -18.41
CA VAL B 234 17.16 -39.10 -19.60
C VAL B 234 17.76 -38.29 -20.76
N TRP B 235 17.78 -36.96 -20.66
CA TRP B 235 18.10 -36.16 -21.85
C TRP B 235 19.58 -36.03 -22.21
N GLN B 236 20.47 -36.53 -21.37
CA GLN B 236 21.91 -36.57 -21.74
C GLN B 236 22.21 -37.80 -22.60
N ARG B 237 21.24 -38.69 -22.76
CA ARG B 237 21.41 -39.93 -23.55
C ARG B 237 20.91 -39.78 -25.00
N ARG B 238 21.62 -40.39 -25.94
CA ARG B 238 21.26 -40.32 -27.36
C ARG B 238 20.07 -41.25 -27.74
N ASP B 239 19.85 -42.22 -26.87
CA ASP B 239 18.59 -42.96 -26.85
C ASP B 239 17.60 -42.43 -25.75
N ALA B 240 17.48 -41.11 -25.62
CA ALA B 240 16.69 -40.52 -24.53
C ALA B 240 15.26 -41.07 -24.49
N LEU B 241 14.58 -41.09 -25.62
CA LEU B 241 13.16 -41.46 -25.65
C LEU B 241 12.96 -42.93 -25.28
N LYS B 242 13.80 -43.79 -25.84
CA LYS B 242 13.77 -45.22 -25.55
C LYS B 242 13.98 -45.51 -24.07
N PHE B 243 14.98 -44.87 -23.48
CA PHE B 243 15.24 -45.04 -22.06
C PHE B 243 14.12 -44.45 -21.20
N ALA B 244 13.58 -43.32 -21.62
CA ALA B 244 12.49 -42.66 -20.91
C ALA B 244 11.28 -43.58 -20.84
N ARG B 245 10.99 -44.27 -21.94
CA ARG B 245 9.87 -45.22 -21.97
C ARG B 245 10.12 -46.46 -21.12
N ALA B 246 11.37 -46.88 -20.99
CA ALA B 246 11.72 -47.94 -20.05
C ALA B 246 11.54 -47.47 -18.60
N LEU B 247 11.86 -46.21 -18.31
CA LEU B 247 11.63 -45.65 -16.99
C LEU B 247 10.14 -45.62 -16.68
N ALA B 248 9.34 -45.19 -17.64
CA ALA B 248 7.89 -45.15 -17.48
C ALA B 248 7.33 -46.55 -17.20
N GLU B 249 7.83 -47.55 -17.92
CA GLU B 249 7.41 -48.93 -17.68
C GLU B 249 7.71 -49.37 -16.26
N LEU B 250 8.91 -49.09 -15.78
CA LEU B 250 9.31 -49.44 -14.41
C LEU B 250 8.48 -48.70 -13.35
N VAL B 251 8.35 -47.37 -13.46
CA VAL B 251 7.75 -46.56 -12.41
C VAL B 251 6.23 -46.76 -12.38
N TYR B 252 5.58 -46.78 -13.54
CA TYR B 252 4.10 -46.89 -13.61
C TYR B 252 3.52 -48.33 -13.54
N GLY B 253 4.14 -49.28 -14.03
N ASN C 3 4.53 -10.92 -26.69
CA ASN C 3 5.90 -11.40 -27.06
C ASN C 3 6.87 -10.23 -27.19
N LEU C 4 7.72 -10.06 -26.17
CA LEU C 4 8.61 -8.90 -26.12
C LEU C 4 9.86 -9.04 -26.99
N THR C 5 10.27 -10.27 -27.26
CA THR C 5 11.32 -10.50 -28.27
C THR C 5 10.89 -9.94 -29.61
N GLU C 6 9.64 -10.19 -30.00
CA GLU C 6 9.12 -9.74 -31.30
C GLU C 6 9.00 -8.22 -31.35
N LYS C 7 8.59 -7.60 -30.26
CA LYS C 7 8.60 -6.14 -30.17
C LYS C 7 10.04 -5.60 -30.30
N PHE C 8 10.98 -6.24 -29.62
CA PHE C 8 12.38 -5.84 -29.74
C PHE C 8 12.86 -5.90 -31.20
N LEU C 9 12.56 -7.00 -31.87
CA LEU C 9 13.00 -7.20 -33.27
C LEU C 9 12.38 -6.19 -34.23
N ARG C 10 11.13 -5.87 -33.99
CA ARG C 10 10.37 -4.90 -34.79
C ARG C 10 10.99 -3.51 -34.68
N ILE C 11 11.42 -3.11 -33.47
CA ILE C 11 11.93 -1.78 -33.24
C ILE C 11 13.41 -1.67 -33.56
N PHE C 12 14.19 -2.65 -33.10
CA PHE C 12 15.66 -2.60 -33.15
C PHE C 12 16.30 -3.49 -34.22
N ALA C 13 15.49 -4.20 -34.99
CA ALA C 13 16.02 -5.07 -36.05
C ALA C 13 15.06 -5.15 -37.21
N ARG C 14 14.54 -4.02 -37.63
CA ARG C 14 13.56 -4.00 -38.73
C ARG C 14 14.11 -4.53 -40.05
N ARG C 15 15.42 -4.46 -40.25
CA ARG C 15 16.07 -5.00 -41.44
C ARG C 15 16.51 -6.47 -41.29
N GLY C 16 16.24 -7.09 -40.14
CA GLY C 16 16.59 -8.49 -39.94
C GLY C 16 17.89 -8.68 -39.18
N LYS C 17 18.70 -7.62 -39.13
CA LYS C 17 19.88 -7.56 -38.27
C LYS C 17 19.92 -6.22 -37.51
N SER C 18 20.77 -6.12 -36.50
CA SER C 18 20.75 -4.98 -35.59
C SER C 18 22.13 -4.40 -35.31
N ILE C 19 22.23 -3.07 -35.28
CA ILE C 19 23.37 -2.37 -34.73
C ILE C 19 22.89 -1.37 -33.69
N ILE C 20 23.35 -1.55 -32.44
CA ILE C 20 23.04 -0.66 -31.34
C ILE C 20 24.31 0.09 -30.97
N LEU C 21 24.24 1.41 -30.88
CA LEU C 21 25.37 2.22 -30.45
C LEU C 21 25.34 2.37 -28.93
N ALA C 22 26.29 1.71 -28.25
CA ALA C 22 26.31 1.67 -26.80
C ALA C 22 27.07 2.88 -26.27
N TYR C 23 26.55 3.48 -25.20
CA TYR C 23 27.12 4.71 -24.65
C TYR C 23 26.85 4.85 -23.14
N ASP C 24 26.98 3.75 -22.43
CA ASP C 24 26.93 3.74 -20.96
C ASP C 24 28.33 3.85 -20.37
N HIS C 25 29.32 4.18 -21.21
CA HIS C 25 30.72 4.07 -20.81
C HIS C 25 31.12 5.17 -19.84
N GLY C 26 30.34 6.23 -19.76
CA GLY C 26 30.64 7.34 -18.86
C GLY C 26 30.72 6.92 -17.40
N ILE C 27 29.87 5.99 -17.01
CA ILE C 27 29.88 5.48 -15.64
C ILE C 27 30.73 4.20 -15.56
N GLU C 28 30.57 3.28 -16.53
CA GLU C 28 31.31 2.01 -16.52
C GLU C 28 32.83 2.16 -16.53
N HIS C 29 33.37 3.02 -17.39
CA HIS C 29 34.83 3.24 -17.49
C HIS C 29 35.27 4.65 -17.17
N GLY C 30 34.38 5.61 -17.32
CA GLY C 30 34.73 7.00 -17.13
C GLY C 30 35.19 7.65 -18.42
N PRO C 31 35.42 8.95 -18.36
CA PRO C 31 35.74 9.75 -19.54
C PRO C 31 37.11 9.54 -20.18
N ALA C 32 37.99 8.72 -19.62
CA ALA C 32 39.25 8.37 -20.28
C ALA C 32 38.96 7.72 -21.65
N ASP C 33 37.88 6.95 -21.74
CA ASP C 33 37.38 6.41 -23.02
C ASP C 33 37.17 7.48 -24.12
N PHE C 34 36.92 8.74 -23.72
CA PHE C 34 36.58 9.82 -24.66
C PHE C 34 37.75 10.66 -25.16
N MET C 35 38.97 10.38 -24.68
CA MET C 35 40.13 11.20 -25.04
C MET C 35 40.60 11.00 -26.48
N ASP C 36 40.57 9.77 -26.98
CA ASP C 36 40.91 9.43 -28.37
C ASP C 36 40.17 10.28 -29.41
N ASN C 37 38.88 10.49 -29.18
CA ASN C 37 38.00 11.28 -30.06
C ASN C 37 37.07 12.16 -29.18
N PRO C 38 37.56 13.34 -28.77
CA PRO C 38 36.89 14.14 -27.72
C PRO C 38 35.40 14.48 -27.94
N ASP C 39 34.94 14.51 -29.20
CA ASP C 39 33.53 14.73 -29.49
C ASP C 39 32.64 13.65 -28.88
N SER C 40 33.20 12.46 -28.67
CA SER C 40 32.51 11.32 -28.06
C SER C 40 32.00 11.59 -26.63
N ALA C 41 32.56 12.60 -25.96
CA ALA C 41 32.08 13.01 -24.65
C ALA C 41 30.72 13.72 -24.71
N ASP C 42 30.34 14.18 -25.89
CA ASP C 42 29.08 14.88 -26.11
C ASP C 42 27.98 13.91 -26.58
N PRO C 43 26.97 13.65 -25.75
CA PRO C 43 25.88 12.75 -26.17
C PRO C 43 25.14 13.19 -27.46
N GLU C 44 25.08 14.49 -27.72
CA GLU C 44 24.47 15.03 -28.96
C GLU C 44 25.18 14.49 -30.18
N TYR C 45 26.50 14.41 -30.06
CA TYR C 45 27.36 13.84 -31.10
C TYR C 45 27.05 12.37 -31.32
N ILE C 46 26.79 11.63 -30.25
CA ILE C 46 26.48 10.21 -30.33
C ILE C 46 25.15 9.96 -31.05
N LEU C 47 24.15 10.80 -30.78
CA LEU C 47 22.84 10.68 -31.43
C LEU C 47 22.93 10.97 -32.92
N ARG C 48 23.62 12.07 -33.26
CA ARG C 48 23.86 12.44 -34.66
C ARG C 48 24.52 11.29 -35.40
N LEU C 49 25.52 10.70 -34.76
CA LEU C 49 26.29 9.60 -35.31
C LEU C 49 25.42 8.36 -35.59
N ALA C 50 24.58 8.00 -34.61
CA ALA C 50 23.65 6.89 -34.74
C ALA C 50 22.66 7.11 -35.89
N ARG C 51 22.12 8.32 -35.96
CA ARG C 51 21.13 8.69 -36.97
C ARG C 51 21.75 8.68 -38.37
N ASP C 52 22.94 9.27 -38.49
CA ASP C 52 23.61 9.43 -39.77
C ASP C 52 24.12 8.09 -40.32
N ALA C 53 24.45 7.14 -39.44
CA ALA C 53 24.91 5.82 -39.88
C ALA C 53 23.74 4.86 -40.11
N GLY C 54 22.53 5.29 -39.74
CA GLY C 54 21.34 4.47 -39.88
C GLY C 54 21.27 3.30 -38.90
N PHE C 55 21.87 3.46 -37.72
CA PHE C 55 21.82 2.42 -36.69
C PHE C 55 20.42 2.29 -36.08
N ASP C 56 20.18 1.19 -35.38
CA ASP C 56 18.86 0.86 -34.87
C ASP C 56 18.54 1.43 -33.51
N GLY C 57 19.57 1.73 -32.71
CA GLY C 57 19.36 2.23 -31.37
C GLY C 57 20.59 2.78 -30.70
N VAL C 58 20.37 3.41 -29.53
CA VAL C 58 21.43 3.85 -28.62
C VAL C 58 21.15 3.31 -27.22
N VAL C 59 22.21 3.14 -26.43
CA VAL C 59 22.09 2.77 -25.03
C VAL C 59 22.59 3.92 -24.20
N PHE C 60 21.72 4.46 -23.34
CA PHE C 60 22.06 5.52 -22.41
C PHE C 60 21.68 5.11 -20.98
N GLN C 61 22.43 5.62 -20.00
CA GLN C 61 22.01 5.67 -18.62
C GLN C 61 20.97 6.77 -18.46
N ARG C 62 20.25 6.75 -17.34
CA ARG C 62 19.11 7.63 -17.14
C ARG C 62 19.45 9.12 -17.26
N GLY C 63 20.61 9.52 -16.75
CA GLY C 63 20.97 10.93 -16.71
C GLY C 63 21.22 11.48 -18.12
N ILE C 64 21.88 10.69 -18.95
CA ILE C 64 22.10 11.08 -20.33
C ILE C 64 20.77 11.10 -21.09
N ALA C 65 19.92 10.11 -20.87
CA ALA C 65 18.62 10.10 -21.51
C ALA C 65 17.80 11.34 -21.12
N GLU C 66 17.77 11.66 -19.82
CA GLU C 66 16.97 12.77 -19.33
C GLU C 66 17.42 14.09 -19.93
N LYS C 67 18.72 14.33 -19.98
CA LYS C 67 19.28 15.61 -20.42
C LYS C 67 19.43 15.75 -21.93
N TYR C 68 19.54 14.62 -22.65
CA TYR C 68 19.90 14.64 -24.09
C TYR C 68 18.98 13.91 -25.04
N TYR C 69 18.27 12.89 -24.59
CA TYR C 69 17.53 12.04 -25.54
C TYR C 69 16.41 12.86 -26.18
N ASP C 70 16.34 12.77 -27.51
CA ASP C 70 15.45 13.61 -28.30
C ASP C 70 14.47 12.83 -29.17
N GLY C 71 14.38 11.52 -28.97
CA GLY C 71 13.46 10.69 -29.73
C GLY C 71 13.87 10.33 -31.14
N SER C 72 15.10 10.65 -31.53
CA SER C 72 15.50 10.55 -32.93
C SER C 72 15.98 9.14 -33.34
N VAL C 73 16.34 8.32 -32.35
CA VAL C 73 16.81 6.96 -32.54
C VAL C 73 16.22 6.16 -31.36
N PRO C 74 15.70 4.96 -31.58
CA PRO C 74 15.19 4.15 -30.45
C PRO C 74 16.19 3.98 -29.29
N LEU C 75 15.68 4.05 -28.07
CA LEU C 75 16.52 4.08 -26.88
C LEU C 75 16.38 2.83 -26.05
N ILE C 76 17.52 2.27 -25.64
CA ILE C 76 17.58 1.26 -24.61
C ILE C 76 18.15 1.95 -23.37
N LEU C 77 17.36 2.01 -22.32
CA LEU C 77 17.76 2.66 -21.09
C LEU C 77 18.43 1.62 -20.23
N LYS C 78 19.74 1.77 -20.03
CA LYS C 78 20.53 0.87 -19.22
C LYS C 78 20.29 1.26 -17.77
N LEU C 79 19.67 0.34 -17.01
CA LEU C 79 19.13 0.63 -15.71
C LEU C 79 20.15 0.60 -14.60
N ASN C 80 21.15 -0.29 -14.69
CA ASN C 80 22.19 -0.40 -13.70
C ASN C 80 23.54 0.08 -14.20
N GLY C 81 24.41 0.40 -13.25
CA GLY C 81 25.77 0.80 -13.57
C GLY C 81 26.71 0.71 -12.39
N LYS C 82 27.97 0.40 -12.69
CA LYS C 82 29.05 0.44 -11.71
C LYS C 82 30.24 1.14 -12.33
N THR C 83 31.26 1.41 -11.52
CA THR C 83 32.50 2.03 -12.01
C THR C 83 33.66 1.05 -11.98
N THR C 84 34.72 1.35 -12.72
CA THR C 84 35.97 0.58 -12.64
C THR C 84 36.79 0.95 -11.42
N LEU C 85 36.40 2.02 -10.72
CA LEU C 85 37.08 2.39 -9.49
C LEU C 85 36.79 1.35 -8.41
N TYR C 86 35.67 0.68 -8.55
CA TYR C 86 35.23 -0.30 -7.57
C TYR C 86 36.11 -1.56 -7.59
N ASN C 87 36.44 -2.07 -6.41
CA ASN C 87 37.27 -3.26 -6.21
C ASN C 87 36.61 -4.51 -5.62
N GLY C 88 35.38 -4.44 -5.13
CA GLY C 88 34.75 -5.63 -4.56
C GLY C 88 34.38 -6.74 -5.55
N GLU C 89 33.61 -7.72 -5.09
CA GLU C 89 33.05 -8.73 -5.99
C GLU C 89 32.06 -7.96 -6.90
N PRO C 90 32.08 -8.26 -8.21
CA PRO C 90 31.32 -7.48 -9.18
C PRO C 90 29.84 -7.36 -8.87
N VAL C 91 29.36 -6.13 -8.82
CA VAL C 91 27.95 -5.86 -8.58
C VAL C 91 27.59 -4.53 -9.23
N SER C 92 26.38 -4.47 -9.79
CA SER C 92 25.88 -3.28 -10.46
C SER C 92 24.39 -3.20 -10.18
N VAL C 93 23.96 -2.17 -9.47
CA VAL C 93 22.57 -2.04 -9.09
C VAL C 93 21.86 -1.01 -9.94
N ALA C 94 20.54 -1.12 -9.96
CA ALA C 94 19.70 -0.19 -10.68
C ALA C 94 19.77 1.19 -10.09
N ASN C 95 19.99 2.20 -10.93
CA ASN C 95 19.89 3.58 -10.53
C ASN C 95 18.61 4.23 -11.12
N CYS C 96 17.76 3.40 -11.73
CA CYS C 96 16.56 3.83 -12.44
C CYS C 96 15.56 2.67 -12.49
N SER C 97 14.28 2.98 -12.47
CA SER C 97 13.21 1.99 -12.59
C SER C 97 12.75 1.89 -14.04
N VAL C 98 12.03 0.81 -14.34
CA VAL C 98 11.42 0.65 -15.63
C VAL C 98 10.39 1.76 -15.87
N GLU C 99 9.60 2.09 -14.85
CA GLU C 99 8.59 3.13 -15.01
C GLU C 99 9.20 4.46 -15.44
N GLU C 100 10.33 4.82 -14.82
CA GLU C 100 11.04 6.05 -15.19
C GLU C 100 11.63 5.95 -16.59
N ALA C 101 12.12 4.77 -16.97
CA ALA C 101 12.64 4.55 -18.34
C ALA C 101 11.56 4.83 -19.36
N VAL C 102 10.35 4.35 -19.08
CA VAL C 102 9.20 4.59 -19.94
C VAL C 102 8.98 6.07 -20.13
N SER C 103 9.02 6.84 -19.03
CA SER C 103 8.78 8.27 -19.10
C SER C 103 9.91 9.02 -19.82
N LEU C 104 11.12 8.47 -19.83
CA LEU C 104 12.23 9.08 -20.56
C LEU C 104 12.26 8.73 -22.07
N GLY C 105 11.29 7.93 -22.53
CA GLY C 105 11.16 7.60 -23.94
C GLY C 105 11.82 6.31 -24.38
N ALA C 106 12.16 5.42 -23.45
CA ALA C 106 12.82 4.18 -23.79
C ALA C 106 11.87 3.23 -24.53
N SER C 107 12.40 2.50 -25.50
CA SER C 107 11.71 1.38 -26.15
C SER C 107 12.14 0.02 -25.61
N ALA C 108 13.19 0.01 -24.80
CA ALA C 108 13.64 -1.19 -24.11
C ALA C 108 14.49 -0.81 -22.90
N VAL C 109 14.67 -1.75 -21.98
CA VAL C 109 15.55 -1.55 -20.83
C VAL C 109 16.68 -2.57 -20.83
N GLY C 110 17.81 -2.17 -20.27
CA GLY C 110 19.00 -2.98 -20.22
C GLY C 110 19.40 -3.19 -18.79
N TYR C 111 19.99 -4.34 -18.51
CA TYR C 111 20.48 -4.66 -17.17
C TYR C 111 21.65 -5.64 -17.27
N THR C 112 22.73 -5.36 -16.55
CA THR C 112 23.90 -6.22 -16.49
C THR C 112 23.84 -7.16 -15.32
N ILE C 113 24.12 -8.44 -15.59
CA ILE C 113 24.35 -9.43 -14.54
C ILE C 113 25.79 -9.92 -14.62
N TYR C 114 26.35 -10.28 -13.48
CA TYR C 114 27.68 -10.90 -13.43
C TYR C 114 27.59 -12.29 -12.79
N PRO C 115 27.15 -13.30 -13.55
CA PRO C 115 27.08 -14.67 -13.03
C PRO C 115 28.43 -15.11 -12.47
N GLY C 116 28.42 -15.76 -11.30
CA GLY C 116 29.65 -16.17 -10.66
C GLY C 116 30.12 -15.22 -9.56
N SER C 117 29.75 -13.95 -9.65
CA SER C 117 30.10 -13.00 -8.62
C SER C 117 29.61 -13.46 -7.25
N GLY C 118 30.39 -13.14 -6.23
CA GLY C 118 29.93 -13.27 -4.85
C GLY C 118 28.60 -12.58 -4.61
N PHE C 119 28.28 -11.58 -5.44
CA PHE C 119 26.99 -10.88 -5.39
C PHE C 119 26.00 -11.27 -6.50
N GLU C 120 26.17 -12.43 -7.13
CA GLU C 120 25.30 -12.77 -8.27
C GLU C 120 23.84 -12.75 -7.76
N TRP C 121 23.61 -13.22 -6.57
CA TRP C 121 22.27 -13.24 -6.00
C TRP C 121 21.60 -11.85 -5.90
N LYS C 122 22.39 -10.80 -5.66
CA LYS C 122 21.85 -9.44 -5.55
C LYS C 122 21.33 -8.97 -6.91
N MET C 123 22.05 -9.29 -7.98
CA MET C 123 21.60 -8.92 -9.30
C MET C 123 20.45 -9.80 -9.80
N PHE C 124 20.42 -11.07 -9.44
CA PHE C 124 19.29 -11.92 -9.83
C PHE C 124 17.99 -11.48 -9.14
N GLU C 125 18.11 -11.13 -7.88
CA GLU C 125 17.00 -10.62 -7.10
C GLU C 125 16.42 -9.36 -7.74
N GLU C 126 17.29 -8.41 -8.06
CA GLU C 126 16.87 -7.17 -8.66
C GLU C 126 16.35 -7.36 -10.07
N LEU C 127 17.00 -8.21 -10.86
CA LEU C 127 16.54 -8.52 -12.19
C LEU C 127 15.12 -9.07 -12.19
N ALA C 128 14.78 -9.87 -11.17
CA ALA C 128 13.43 -10.40 -11.02
C ALA C 128 12.40 -9.29 -11.02
N ARG C 129 12.67 -8.22 -10.24
CA ARG C 129 11.76 -7.07 -10.15
C ARG C 129 11.70 -6.28 -11.45
N ILE C 130 12.85 -6.04 -12.07
CA ILE C 130 12.93 -5.38 -13.35
C ILE C 130 12.22 -6.16 -14.47
N LYS C 131 12.40 -7.48 -14.50
CA LYS C 131 11.72 -8.32 -15.48
C LYS C 131 10.20 -8.20 -15.35
N ARG C 132 9.71 -8.28 -14.13
CA ARG C 132 8.29 -8.15 -13.84
C ARG C 132 7.73 -6.81 -14.32
N ASP C 133 8.47 -5.74 -14.07
CA ASP C 133 8.13 -4.40 -14.54
C ASP C 133 8.21 -4.25 -16.03
N ALA C 134 9.21 -4.86 -16.64
CA ALA C 134 9.32 -4.84 -18.10
C ALA C 134 8.08 -5.46 -18.76
N VAL C 135 7.60 -6.58 -18.24
CA VAL C 135 6.37 -7.19 -18.73
C VAL C 135 5.21 -6.23 -18.55
N LYS C 136 5.11 -5.64 -17.35
CA LYS C 136 4.01 -4.76 -17.00
C LYS C 136 3.93 -3.53 -17.91
N PHE C 137 5.07 -2.94 -18.21
CA PHE C 137 5.16 -1.77 -19.07
C PHE C 137 5.38 -2.13 -20.54
N ASP C 138 5.46 -3.42 -20.85
CA ASP C 138 5.60 -3.90 -22.24
C ASP C 138 6.87 -3.35 -22.92
N LEU C 139 7.96 -3.34 -22.15
CA LEU C 139 9.29 -2.93 -22.64
C LEU C 139 10.20 -4.15 -22.68
N PRO C 140 10.76 -4.50 -23.84
CA PRO C 140 11.70 -5.60 -23.89
C PRO C 140 12.89 -5.44 -22.93
N LEU C 141 13.32 -6.53 -22.33
CA LEU C 141 14.45 -6.55 -21.41
C LEU C 141 15.66 -7.10 -22.12
N VAL C 142 16.71 -6.31 -22.20
CA VAL C 142 17.95 -6.70 -22.82
C VAL C 142 18.97 -6.93 -21.70
N VAL C 143 19.44 -8.15 -21.55
CA VAL C 143 20.38 -8.49 -20.50
C VAL C 143 21.82 -8.55 -21.03
N TRP C 144 22.69 -7.75 -20.41
CA TRP C 144 24.14 -7.84 -20.61
C TRP C 144 24.59 -8.98 -19.72
N SER C 145 24.98 -10.12 -20.30
CA SER C 145 25.34 -11.26 -19.49
C SER C 145 26.86 -11.44 -19.48
N TYR C 146 27.49 -11.02 -18.39
CA TYR C 146 28.94 -10.95 -18.29
C TYR C 146 29.45 -11.70 -17.06
N PRO C 147 29.61 -13.02 -17.16
CA PRO C 147 30.20 -13.78 -16.06
C PRO C 147 31.51 -13.17 -15.60
N ARG C 148 31.64 -12.97 -14.29
CA ARG C 148 32.78 -12.29 -13.70
C ARG C 148 32.77 -12.50 -12.19
N GLY C 149 33.95 -12.69 -11.61
CA GLY C 149 34.14 -13.10 -10.22
C GLY C 149 33.98 -14.60 -10.08
N GLY C 150 33.98 -15.07 -8.83
CA GLY C 150 33.87 -16.49 -8.55
C GLY C 150 34.94 -17.29 -9.27
N LYS C 151 34.53 -18.35 -9.96
CA LYS C 151 35.45 -19.24 -10.69
C LYS C 151 35.76 -18.76 -12.11
N VAL C 152 35.25 -17.58 -12.46
CA VAL C 152 35.47 -17.07 -13.79
C VAL C 152 36.93 -16.58 -13.88
N VAL C 153 37.75 -17.33 -14.60
CA VAL C 153 39.14 -16.91 -14.87
C VAL C 153 39.29 -16.28 -16.25
N ASN C 154 38.55 -16.78 -17.23
CA ASN C 154 38.62 -16.27 -18.59
C ASN C 154 37.23 -15.95 -19.14
N GLU C 155 36.96 -14.67 -19.37
CA GLU C 155 35.62 -14.23 -19.76
C GLU C 155 35.19 -14.52 -21.21
N THR C 156 36.13 -14.68 -22.15
CA THR C 156 35.81 -14.99 -23.54
C THR C 156 35.99 -16.48 -23.88
N ALA C 157 36.24 -17.31 -22.87
CA ALA C 157 36.31 -18.76 -23.11
C ALA C 157 34.98 -19.27 -23.63
N PRO C 158 34.99 -20.18 -24.61
CA PRO C 158 33.75 -20.69 -25.22
C PRO C 158 32.68 -21.12 -24.23
N GLU C 159 33.07 -21.85 -23.20
CA GLU C 159 32.11 -22.39 -22.25
C GLU C 159 31.51 -21.31 -21.35
N ILE C 160 32.26 -20.25 -21.09
CA ILE C 160 31.80 -19.12 -20.25
C ILE C 160 30.79 -18.27 -21.03
N VAL C 161 31.08 -18.01 -22.30
CA VAL C 161 30.18 -17.23 -23.14
C VAL C 161 28.87 -17.99 -23.39
N ALA C 162 28.96 -19.29 -23.61
CA ALA C 162 27.77 -20.12 -23.78
C ALA C 162 26.93 -20.13 -22.49
N TYR C 163 27.59 -20.22 -21.34
CA TYR C 163 26.91 -20.16 -20.04
C TYR C 163 26.21 -18.81 -19.87
N ALA C 164 26.89 -17.72 -20.21
CA ALA C 164 26.33 -16.39 -20.17
C ALA C 164 25.03 -16.30 -20.95
N ALA C 165 25.05 -16.85 -22.15
CA ALA C 165 23.94 -16.80 -23.08
C ALA C 165 22.76 -17.58 -22.54
N ARG C 166 23.02 -18.78 -22.04
CA ARG C 166 21.97 -19.61 -21.48
C ARG C 166 21.33 -18.98 -20.22
N ILE C 167 22.15 -18.40 -19.36
CA ILE C 167 21.65 -17.76 -18.13
C ILE C 167 20.66 -16.65 -18.49
N ALA C 168 20.99 -15.86 -19.51
CA ALA C 168 20.14 -14.76 -19.93
C ALA C 168 18.79 -15.29 -20.40
N LEU C 169 18.80 -16.37 -21.17
CA LEU C 169 17.57 -17.00 -21.60
C LEU C 169 16.74 -17.48 -20.39
N GLU C 170 17.39 -18.18 -19.47
CA GLU C 170 16.72 -18.79 -18.34
C GLU C 170 16.07 -17.74 -17.43
N LEU C 171 16.71 -16.57 -17.28
CA LEU C 171 16.21 -15.51 -16.39
C LEU C 171 15.15 -14.59 -17.01
N GLY C 172 14.93 -14.70 -18.31
CA GLY C 172 13.84 -13.99 -18.96
C GLY C 172 14.23 -12.91 -19.92
N ALA C 173 15.49 -12.82 -20.30
CA ALA C 173 15.90 -11.87 -21.33
C ALA C 173 15.10 -12.01 -22.62
N ASP C 174 14.73 -10.88 -23.21
CA ASP C 174 14.05 -10.84 -24.48
C ASP C 174 15.07 -10.64 -25.61
N ALA C 175 16.23 -10.10 -25.25
CA ALA C 175 17.42 -10.05 -26.08
C ALA C 175 18.60 -9.98 -25.13
N MET C 176 19.79 -10.27 -25.63
CA MET C 176 20.97 -10.29 -24.79
C MET C 176 22.21 -9.77 -25.52
N LYS C 177 23.17 -9.34 -24.72
CA LYS C 177 24.44 -8.84 -25.16
C LYS C 177 25.51 -9.67 -24.43
N ILE C 178 26.38 -10.31 -25.19
CA ILE C 178 27.45 -11.14 -24.61
C ILE C 178 28.76 -10.91 -25.34
N LYS C 179 29.86 -11.33 -24.73
CA LYS C 179 31.18 -11.17 -25.32
C LYS C 179 31.42 -12.19 -26.44
N TYR C 180 32.19 -11.79 -27.45
CA TYR C 180 32.60 -12.67 -28.52
C TYR C 180 33.70 -13.63 -28.02
N THR C 181 33.64 -14.88 -28.48
CA THR C 181 34.66 -15.88 -28.17
C THR C 181 35.92 -15.74 -29.03
N GLY C 182 35.83 -15.02 -30.14
CA GLY C 182 36.95 -14.87 -31.06
C GLY C 182 36.87 -15.74 -32.31
N ASP C 183 35.89 -16.64 -32.37
CA ASP C 183 35.66 -17.39 -33.61
C ASP C 183 34.20 -17.82 -33.75
N PRO C 184 33.72 -17.91 -34.98
CA PRO C 184 32.31 -18.21 -35.27
C PRO C 184 31.81 -19.60 -34.82
N LYS C 185 32.66 -20.61 -34.79
CA LYS C 185 32.22 -21.95 -34.42
C LYS C 185 31.81 -22.01 -32.95
N THR C 186 32.68 -21.52 -32.07
CA THR C 186 32.38 -21.53 -30.65
C THR C 186 31.26 -20.55 -30.33
N PHE C 187 31.24 -19.42 -31.00
CA PHE C 187 30.21 -18.42 -30.73
C PHE C 187 28.84 -18.94 -31.15
N SER C 188 28.77 -19.78 -32.17
CA SER C 188 27.50 -20.31 -32.65
C SER C 188 26.87 -21.25 -31.62
N TRP C 189 27.69 -21.90 -30.79
CA TRP C 189 27.17 -22.69 -29.66
C TRP C 189 26.44 -21.78 -28.66
N ALA C 190 27.02 -20.64 -28.36
CA ALA C 190 26.36 -19.66 -27.49
C ALA C 190 25.03 -19.20 -28.07
N VAL C 191 25.03 -18.91 -29.37
CA VAL C 191 23.81 -18.50 -30.07
C VAL C 191 22.75 -19.59 -30.03
N LYS C 192 23.17 -20.84 -30.21
CA LYS C 192 22.25 -21.96 -30.20
C LYS C 192 21.58 -22.15 -28.84
N VAL C 193 22.36 -22.05 -27.75
CA VAL C 193 21.81 -22.31 -26.42
C VAL C 193 20.91 -21.14 -25.94
N ALA C 194 21.08 -19.97 -26.55
CA ALA C 194 20.18 -18.83 -26.35
C ALA C 194 18.78 -19.05 -26.97
N GLY C 195 18.66 -20.02 -27.88
CA GLY C 195 17.37 -20.42 -28.43
C GLY C 195 16.67 -19.29 -29.18
N LYS C 196 15.44 -19.01 -28.78
CA LYS C 196 14.63 -17.97 -29.42
C LYS C 196 15.06 -16.55 -29.06
N VAL C 197 15.96 -16.39 -28.11
CA VAL C 197 16.37 -15.05 -27.69
C VAL C 197 17.55 -14.59 -28.54
N PRO C 198 17.41 -13.48 -29.25
CA PRO C 198 18.50 -12.95 -30.08
C PRO C 198 19.70 -12.46 -29.29
N VAL C 199 20.87 -12.66 -29.90
CA VAL C 199 22.17 -12.38 -29.33
C VAL C 199 22.83 -11.24 -30.08
N LEU C 200 23.26 -10.22 -29.34
CA LEU C 200 24.09 -9.13 -29.82
C LEU C 200 25.49 -9.31 -29.25
N MET C 201 26.48 -9.19 -30.12
CA MET C 201 27.88 -9.19 -29.73
C MET C 201 28.26 -7.85 -29.10
N SER C 202 28.92 -7.93 -27.97
CA SER C 202 29.58 -6.78 -27.38
C SER C 202 30.85 -6.44 -28.20
N GLY C 203 30.97 -5.17 -28.60
CA GLY C 203 32.06 -4.74 -29.45
C GLY C 203 33.44 -4.92 -28.87
N GLY C 204 33.61 -4.62 -27.59
CA GLY C 204 34.88 -4.75 -26.90
C GLY C 204 35.83 -3.57 -27.10
N PRO C 205 37.07 -3.71 -26.59
CA PRO C 205 38.08 -2.66 -26.76
C PRO C 205 38.33 -2.37 -28.22
N LYS C 206 38.69 -1.13 -28.52
CA LYS C 206 39.04 -0.72 -29.87
C LYS C 206 40.14 -1.64 -30.40
N THR C 207 39.89 -2.23 -31.56
CA THR C 207 40.84 -3.15 -32.18
C THR C 207 41.98 -2.37 -32.82
N LYS C 208 43.08 -3.07 -33.11
CA LYS C 208 44.28 -2.46 -33.67
C LYS C 208 43.98 -1.86 -35.04
N THR C 209 43.22 -2.59 -35.85
CA THR C 209 42.77 -2.11 -37.15
C THR C 209 41.26 -2.22 -37.28
N GLU C 210 40.72 -1.41 -38.19
CA GLU C 210 39.31 -1.47 -38.55
C GLU C 210 38.94 -2.81 -39.14
N GLU C 211 39.85 -3.38 -39.95
CA GLU C 211 39.60 -4.68 -40.55
C GLU C 211 39.39 -5.74 -39.49
N ASP C 212 40.23 -5.79 -38.47
CA ASP C 212 40.10 -6.81 -37.42
C ASP C 212 38.66 -6.87 -36.90
N PHE C 213 38.10 -5.70 -36.60
CA PHE C 213 36.74 -5.61 -36.11
C PHE C 213 35.70 -6.06 -37.15
N LEU C 214 35.88 -5.68 -38.42
CA LEU C 214 35.02 -6.20 -39.50
C LEU C 214 35.02 -7.74 -39.64
N LYS C 215 36.15 -8.36 -39.37
CA LYS C 215 36.25 -9.83 -39.42
C LYS C 215 35.56 -10.48 -38.26
N GLN C 216 35.71 -9.88 -37.08
CA GLN C 216 34.96 -10.34 -35.94
C GLN C 216 33.50 -10.29 -36.36
N VAL C 217 33.08 -9.19 -36.99
CA VAL C 217 31.66 -8.93 -37.23
C VAL C 217 31.15 -9.95 -38.25
N GLU C 218 31.96 -10.23 -39.27
CA GLU C 218 31.67 -11.28 -40.26
C GLU C 218 31.55 -12.72 -39.70
N GLY C 219 32.31 -12.98 -38.64
CA GLY C 219 32.19 -14.25 -37.81
C GLY C 219 30.95 -14.27 -36.87
N VAL C 220 30.63 -13.14 -36.26
CA VAL C 220 29.44 -13.03 -35.36
C VAL C 220 28.14 -13.32 -36.13
N LEU C 221 28.07 -12.82 -37.37
CA LEU C 221 26.88 -12.91 -38.20
C LEU C 221 26.78 -14.33 -38.75
N GLU C 222 27.94 -14.90 -39.07
CA GLU C 222 28.05 -16.26 -39.56
C GLU C 222 27.57 -17.22 -38.46
N ALA C 223 27.83 -16.85 -37.21
CA ALA C 223 27.44 -17.68 -36.09
C ALA C 223 25.93 -17.65 -35.85
N GLY C 224 25.23 -16.74 -36.54
CA GLY C 224 23.78 -16.61 -36.45
C GLY C 224 23.28 -15.57 -35.44
N ALA C 225 24.17 -14.70 -34.97
CA ALA C 225 23.75 -13.64 -34.05
C ALA C 225 22.95 -12.58 -34.79
N LEU C 226 22.14 -11.85 -34.04
CA LEU C 226 21.31 -10.78 -34.56
C LEU C 226 22.15 -9.60 -35.04
N GLY C 227 23.28 -9.36 -34.38
CA GLY C 227 24.10 -8.21 -34.69
C GLY C 227 25.01 -7.81 -33.56
N ILE C 228 25.26 -6.51 -33.43
CA ILE C 228 26.28 -6.01 -32.52
C ILE C 228 25.76 -4.85 -31.69
N ALA C 229 26.25 -4.76 -30.48
CA ALA C 229 26.07 -3.58 -29.63
C ALA C 229 27.46 -3.04 -29.44
N VAL C 230 27.76 -1.97 -30.15
CA VAL C 230 29.11 -1.46 -30.27
C VAL C 230 29.22 -0.04 -29.72
N GLY C 231 30.31 0.22 -29.01
CA GLY C 231 30.58 1.52 -28.46
C GLY C 231 31.89 2.02 -28.99
N ARG C 232 32.97 1.58 -28.34
CA ARG C 232 34.31 2.12 -28.56
C ARG C 232 34.80 1.95 -29.98
N ASN C 233 34.50 0.81 -30.59
CA ASN C 233 34.98 0.54 -31.97
C ASN C 233 34.34 1.44 -33.02
N VAL C 234 33.30 2.18 -32.63
CA VAL C 234 32.81 3.28 -33.45
C VAL C 234 33.28 4.65 -32.89
N TRP C 235 32.80 5.07 -31.72
CA TRP C 235 33.03 6.46 -31.32
C TRP C 235 34.41 6.81 -30.76
N GLN C 236 35.27 5.81 -30.57
CA GLN C 236 36.65 6.08 -30.17
C GLN C 236 37.50 6.42 -31.37
N ARG C 237 36.96 6.22 -32.57
CA ARG C 237 37.70 6.49 -33.82
C ARG C 237 37.40 7.88 -34.35
N ARG C 238 38.42 8.60 -34.82
CA ARG C 238 38.19 9.92 -35.38
C ARG C 238 37.42 9.87 -36.72
N ASP C 239 37.52 8.76 -37.45
CA ASP C 239 36.67 8.51 -38.62
C ASP C 239 35.40 7.72 -38.22
N ALA C 240 34.78 8.11 -37.10
CA ALA C 240 33.68 7.34 -36.52
C ALA C 240 32.52 7.13 -37.48
N LEU C 241 32.14 8.18 -38.20
CA LEU C 241 30.97 8.11 -39.07
C LEU C 241 31.25 7.23 -40.29
N LYS C 242 32.42 7.38 -40.89
CA LYS C 242 32.84 6.59 -42.04
C LYS C 242 32.87 5.09 -41.68
N PHE C 243 33.49 4.77 -40.55
CA PHE C 243 33.55 3.37 -40.13
C PHE C 243 32.17 2.82 -39.74
N ALA C 244 31.34 3.67 -39.15
CA ALA C 244 29.98 3.29 -38.78
C ALA C 244 29.16 2.92 -40.01
N ARG C 245 29.33 3.66 -41.09
CA ARG C 245 28.63 3.37 -42.34
C ARG C 245 29.14 2.09 -43.00
N ALA C 246 30.42 1.78 -42.82
CA ALA C 246 30.97 0.51 -43.29
C ALA C 246 30.41 -0.65 -42.48
N LEU C 247 30.19 -0.43 -41.18
CA LEU C 247 29.57 -1.45 -40.34
C LEU C 247 28.14 -1.70 -40.79
N ALA C 248 27.42 -0.63 -41.07
CA ALA C 248 26.04 -0.72 -41.56
C ALA C 248 25.97 -1.51 -42.87
N GLU C 249 26.89 -1.22 -43.78
CA GLU C 249 26.96 -1.94 -45.05
C GLU C 249 27.11 -3.44 -44.82
N LEU C 250 28.04 -3.82 -43.94
CA LEU C 250 28.31 -5.21 -43.61
C LEU C 250 27.11 -5.89 -42.92
N VAL C 251 26.56 -5.26 -41.89
CA VAL C 251 25.54 -5.91 -41.06
C VAL C 251 24.17 -5.99 -41.75
N TYR C 252 23.78 -4.95 -42.49
CA TYR C 252 22.41 -4.85 -43.04
C TYR C 252 22.24 -5.48 -44.42
N GLY C 253 23.12 -5.26 -45.22
N ASN D 3 12.34 20.62 -16.40
CA ASN D 3 13.84 20.78 -16.41
C ASN D 3 14.34 21.31 -15.07
N LEU D 4 14.89 20.41 -14.25
CA LEU D 4 15.30 20.75 -12.89
C LEU D 4 16.62 21.49 -12.80
N THR D 5 17.49 21.32 -13.79
CA THR D 5 18.70 22.13 -13.89
C THR D 5 18.34 23.61 -14.05
N GLU D 6 17.34 23.89 -14.88
CA GLU D 6 16.89 25.27 -15.11
C GLU D 6 16.27 25.88 -13.86
N LYS D 7 15.49 25.09 -13.12
CA LYS D 7 14.98 25.53 -11.82
C LYS D 7 16.15 25.82 -10.86
N PHE D 8 17.14 24.93 -10.82
CA PHE D 8 18.30 25.14 -9.97
C PHE D 8 18.98 26.47 -10.30
N LEU D 9 19.22 26.71 -11.58
CA LEU D 9 19.91 27.94 -12.03
C LEU D 9 19.11 29.21 -11.72
N ARG D 10 17.80 29.12 -11.84
CA ARG D 10 16.90 30.23 -11.56
C ARG D 10 16.95 30.63 -10.09
N ILE D 11 17.01 29.63 -9.20
CA ILE D 11 16.99 29.88 -7.76
C ILE D 11 18.39 30.18 -7.21
N PHE D 12 19.38 29.39 -7.64
CA PHE D 12 20.72 29.41 -7.05
C PHE D 12 21.79 30.12 -7.87
N ALA D 13 21.41 30.63 -9.04
CA ALA D 13 22.38 31.25 -9.95
C ALA D 13 21.72 32.33 -10.79
N ARG D 14 20.90 33.16 -10.16
CA ARG D 14 20.16 34.19 -10.86
C ARG D 14 21.08 35.22 -11.55
N ARG D 15 22.28 35.42 -11.01
CA ARG D 15 23.27 36.32 -11.62
C ARG D 15 24.19 35.63 -12.65
N GLY D 16 23.95 34.35 -12.94
CA GLY D 16 24.72 33.63 -13.95
C GLY D 16 25.82 32.80 -13.33
N LYS D 17 26.20 33.12 -12.10
CA LYS D 17 27.15 32.32 -11.32
C LYS D 17 26.61 32.12 -9.90
N SER D 18 27.21 31.19 -9.16
CA SER D 18 26.64 30.75 -7.90
C SER D 18 27.66 30.65 -6.78
N ILE D 19 27.29 31.11 -5.58
CA ILE D 19 28.02 30.80 -4.36
C ILE D 19 27.05 30.20 -3.36
N ILE D 20 27.33 28.98 -2.91
CA ILE D 20 26.55 28.28 -1.91
C ILE D 20 27.41 28.16 -0.66
N LEU D 21 26.86 28.56 0.49
CA LEU D 21 27.57 28.43 1.77
C LEU D 21 27.23 27.07 2.35
N ALA D 22 28.21 26.17 2.37
CA ALA D 22 28.02 24.81 2.84
C ALA D 22 28.22 24.70 4.34
N TYR D 23 27.34 23.96 5.01
CA TYR D 23 27.35 23.87 6.47
C TYR D 23 26.83 22.52 6.97
N ASP D 24 27.20 21.44 6.27
CA ASP D 24 26.95 20.08 6.73
C ASP D 24 28.13 19.53 7.55
N HIS D 25 29.09 20.37 7.89
CA HIS D 25 30.34 19.94 8.50
C HIS D 25 30.18 19.42 9.91
N GLY D 26 29.17 19.87 10.63
CA GLY D 26 28.90 19.39 11.96
C GLY D 26 28.76 17.88 12.05
N ILE D 27 28.13 17.24 11.08
CA ILE D 27 28.16 15.78 11.03
C ILE D 27 29.42 15.20 10.34
N GLU D 28 29.82 15.77 9.22
CA GLU D 28 30.88 15.19 8.39
C GLU D 28 32.24 15.23 9.02
N HIS D 29 32.54 16.30 9.75
CA HIS D 29 33.83 16.54 10.38
C HIS D 29 33.74 16.71 11.90
N GLY D 30 32.58 17.14 12.40
CA GLY D 30 32.39 17.46 13.81
C GLY D 30 32.79 18.89 14.13
N PRO D 31 32.53 19.31 15.36
CA PRO D 31 32.74 20.70 15.79
C PRO D 31 34.19 21.19 15.96
N ALA D 32 35.20 20.34 15.79
CA ALA D 32 36.59 20.83 15.74
C ALA D 32 36.80 21.90 14.63
N ASP D 33 36.09 21.72 13.51
CA ASP D 33 36.00 22.73 12.44
C ASP D 33 35.60 24.13 12.94
N PHE D 34 34.83 24.22 14.03
CA PHE D 34 34.30 25.51 14.51
C PHE D 34 35.18 26.24 15.52
N MET D 35 36.31 25.65 15.91
CA MET D 35 37.16 26.25 16.97
C MET D 35 37.91 27.53 16.52
N ASP D 36 38.36 27.54 15.28
CA ASP D 36 39.03 28.71 14.67
C ASP D 36 38.20 30.01 14.78
N ASN D 37 36.89 29.89 14.52
CA ASN D 37 35.95 31.01 14.58
C ASN D 37 34.66 30.55 15.27
N PRO D 38 34.62 30.57 16.62
CA PRO D 38 33.55 29.92 17.38
C PRO D 38 32.11 30.28 17.03
N ASP D 39 31.87 31.48 16.50
CA ASP D 39 30.54 31.85 16.04
C ASP D 39 29.99 30.90 14.98
N SER D 40 30.90 30.26 14.23
CA SER D 40 30.56 29.31 13.18
C SER D 40 29.78 28.09 13.66
N ALA D 41 29.83 27.81 14.95
CA ALA D 41 29.03 26.74 15.54
C ALA D 41 27.54 27.09 15.64
N ASP D 42 27.21 28.38 15.51
CA ASP D 42 25.84 28.86 15.56
C ASP D 42 25.22 28.99 14.14
N PRO D 43 24.25 28.13 13.79
CA PRO D 43 23.65 28.19 12.45
C PRO D 43 23.02 29.56 12.11
N GLU D 44 22.59 30.32 13.11
CA GLU D 44 22.03 31.67 12.93
C GLU D 44 23.07 32.65 12.42
N TYR D 45 24.28 32.53 12.95
CA TYR D 45 25.43 33.25 12.41
C TYR D 45 25.72 32.88 10.94
N ILE D 46 25.56 31.60 10.60
CA ILE D 46 25.80 31.18 9.23
C ILE D 46 24.76 31.79 8.27
N LEU D 47 23.48 31.77 8.64
CA LEU D 47 22.45 32.33 7.77
C LEU D 47 22.61 33.82 7.56
N ARG D 48 23.10 34.51 8.59
CA ARG D 48 23.34 35.94 8.54
C ARG D 48 24.49 36.26 7.61
N LEU D 49 25.55 35.46 7.70
CA LEU D 49 26.68 35.52 6.79
C LEU D 49 26.24 35.37 5.33
N ALA D 50 25.41 34.36 5.05
CA ALA D 50 24.89 34.13 3.71
C ALA D 50 24.06 35.29 3.20
N ARG D 51 23.21 35.85 4.06
CA ARG D 51 22.36 36.96 3.67
C ARG D 51 23.14 38.25 3.45
N ASP D 52 24.09 38.53 4.35
CA ASP D 52 24.89 39.76 4.31
C ASP D 52 25.91 39.76 3.15
N ALA D 53 26.40 38.59 2.77
CA ALA D 53 27.35 38.49 1.66
C ALA D 53 26.65 38.38 0.29
N GLY D 54 25.33 38.22 0.32
CA GLY D 54 24.53 38.10 -0.90
C GLY D 54 24.73 36.78 -1.62
N PHE D 55 25.02 35.72 -0.88
CA PHE D 55 25.20 34.39 -1.46
C PHE D 55 23.86 33.78 -1.91
N ASP D 56 23.93 32.77 -2.75
CA ASP D 56 22.72 32.19 -3.36
C ASP D 56 22.00 31.14 -2.53
N GLY D 57 22.72 30.46 -1.64
CA GLY D 57 22.14 29.40 -0.85
C GLY D 57 22.96 28.96 0.35
N VAL D 58 22.37 28.10 1.17
CA VAL D 58 23.06 27.39 2.23
C VAL D 58 22.76 25.89 2.11
N VAL D 59 23.66 25.07 2.64
CA VAL D 59 23.47 23.63 2.73
C VAL D 59 23.42 23.26 4.20
N PHE D 60 22.29 22.67 4.60
CA PHE D 60 22.07 22.18 5.98
C PHE D 60 21.63 20.73 5.94
N GLN D 61 22.00 19.97 6.96
CA GLN D 61 21.36 18.70 7.29
C GLN D 61 19.99 18.96 7.87
N ARG D 62 19.17 17.91 7.98
CA ARG D 62 17.78 18.09 8.35
C ARG D 62 17.59 18.74 9.72
N GLY D 63 18.43 18.37 10.69
CA GLY D 63 18.28 18.85 12.06
C GLY D 63 18.54 20.33 12.21
N ILE D 64 19.53 20.82 11.48
CA ILE D 64 19.83 22.25 11.43
C ILE D 64 18.70 22.97 10.70
N ALA D 65 18.23 22.43 9.58
CA ALA D 65 17.12 23.05 8.85
C ALA D 65 15.87 23.15 9.74
N GLU D 66 15.50 22.07 10.42
CA GLU D 66 14.31 22.04 11.26
C GLU D 66 14.38 23.07 12.40
N LYS D 67 15.53 23.17 13.04
CA LYS D 67 15.65 24.02 14.23
C LYS D 67 15.98 25.48 13.92
N TYR D 68 16.59 25.74 12.75
CA TYR D 68 17.13 27.08 12.46
C TYR D 68 16.69 27.72 11.16
N TYR D 69 16.34 26.94 10.13
CA TYR D 69 16.06 27.53 8.82
C TYR D 69 14.85 28.45 8.89
N ASP D 70 15.03 29.68 8.38
CA ASP D 70 14.03 30.74 8.49
C ASP D 70 13.56 31.27 7.14
N GLY D 71 13.91 30.61 6.03
CA GLY D 71 13.46 31.03 4.71
C GLY D 71 14.22 32.20 4.09
N SER D 72 15.29 32.66 4.72
CA SER D 72 15.93 33.93 4.34
C SER D 72 16.91 33.79 3.17
N VAL D 73 17.36 32.57 2.93
CA VAL D 73 18.30 32.25 1.87
C VAL D 73 17.86 30.86 1.33
N PRO D 74 17.83 30.66 0.03
CA PRO D 74 17.47 29.34 -0.52
C PRO D 74 18.24 28.17 0.09
N LEU D 75 17.55 27.07 0.38
CA LEU D 75 18.13 25.97 1.11
C LEU D 75 18.32 24.73 0.23
N ILE D 76 19.52 24.15 0.30
CA ILE D 76 19.76 22.80 -0.20
C ILE D 76 19.84 21.91 1.03
N LEU D 77 18.91 20.96 1.11
CA LEU D 77 18.88 20.04 2.23
C LEU D 77 19.75 18.83 1.86
N LYS D 78 20.86 18.67 2.58
CA LYS D 78 21.78 17.57 2.41
C LYS D 78 21.18 16.37 3.09
N LEU D 79 20.83 15.36 2.31
CA LEU D 79 20.01 14.24 2.79
C LEU D 79 20.80 13.19 3.52
N ASN D 80 22.04 12.95 3.10
CA ASN D 80 22.87 11.94 3.73
C ASN D 80 24.04 12.53 4.46
N GLY D 81 24.60 11.74 5.36
CA GLY D 81 25.76 12.17 6.13
C GLY D 81 26.45 11.00 6.81
N LYS D 82 27.76 11.14 6.94
CA LYS D 82 28.59 10.22 7.71
C LYS D 82 29.56 11.01 8.58
N THR D 83 30.28 10.33 9.46
CA THR D 83 31.26 11.00 10.33
C THR D 83 32.67 10.59 9.93
N THR D 84 33.66 11.36 10.39
CA THR D 84 35.07 10.97 10.23
C THR D 84 35.48 9.94 11.25
N LEU D 85 34.64 9.69 12.26
CA LEU D 85 34.93 8.64 13.24
C LEU D 85 34.84 7.24 12.60
N TYR D 86 34.06 7.15 11.54
CA TYR D 86 33.83 5.93 10.82
C TYR D 86 35.08 5.50 10.04
N ASN D 87 35.34 4.19 10.06
CA ASN D 87 36.53 3.59 9.44
C ASN D 87 36.32 2.57 8.32
N GLY D 88 35.09 2.15 8.05
CA GLY D 88 34.86 1.20 6.97
C GLY D 88 35.05 1.76 5.56
N GLU D 89 34.63 1.00 4.56
CA GLU D 89 34.60 1.49 3.17
C GLU D 89 33.57 2.63 3.16
N PRO D 90 33.89 3.74 2.50
CA PRO D 90 33.08 4.96 2.58
C PRO D 90 31.61 4.73 2.25
N VAL D 91 30.71 5.17 3.14
CA VAL D 91 29.29 5.06 2.90
C VAL D 91 28.57 6.13 3.70
N SER D 92 27.55 6.71 3.07
CA SER D 92 26.76 7.78 3.70
C SER D 92 25.33 7.59 3.27
N VAL D 93 24.46 7.29 4.21
CA VAL D 93 23.06 7.00 3.93
C VAL D 93 22.17 8.15 4.34
N ALA D 94 21.00 8.19 3.71
CA ALA D 94 20.02 9.25 3.90
C ALA D 94 19.49 9.18 5.32
N ASN D 95 19.48 10.32 5.99
CA ASN D 95 18.81 10.45 7.30
C ASN D 95 17.51 11.28 7.17
N CYS D 96 17.15 11.60 5.93
CA CYS D 96 16.00 12.42 5.57
C CYS D 96 15.50 12.05 4.17
N SER D 97 14.18 12.13 3.98
CA SER D 97 13.57 11.92 2.67
C SER D 97 13.38 13.26 1.96
N VAL D 98 13.14 13.19 0.65
CA VAL D 98 12.87 14.36 -0.16
C VAL D 98 11.58 15.02 0.30
N GLU D 99 10.56 14.22 0.61
CA GLU D 99 9.29 14.74 1.07
C GLU D 99 9.46 15.60 2.32
N GLU D 100 10.26 15.13 3.27
CA GLU D 100 10.55 15.90 4.48
C GLU D 100 11.36 17.15 4.17
N ALA D 101 12.28 17.06 3.22
CA ALA D 101 13.04 18.23 2.80
C ALA D 101 12.11 19.34 2.30
N VAL D 102 11.12 18.95 1.50
CA VAL D 102 10.14 19.88 0.98
C VAL D 102 9.40 20.58 2.14
N SER D 103 9.04 19.82 3.18
CA SER D 103 8.32 20.39 4.29
C SER D 103 9.21 21.30 5.16
N LEU D 104 10.53 21.10 5.11
CA LEU D 104 11.46 21.95 5.82
C LEU D 104 11.85 23.21 5.05
N GLY D 105 11.32 23.38 3.84
CA GLY D 105 11.54 24.59 3.06
C GLY D 105 12.64 24.54 2.03
N ALA D 106 13.11 23.33 1.70
CA ALA D 106 14.22 23.18 0.76
C ALA D 106 13.82 23.54 -0.66
N SER D 107 14.72 24.18 -1.38
CA SER D 107 14.55 24.43 -2.82
C SER D 107 15.33 23.41 -3.66
N ALA D 108 16.16 22.62 -2.99
CA ALA D 108 16.90 21.55 -3.64
C ALA D 108 17.34 20.54 -2.58
N VAL D 109 17.73 19.35 -3.04
CA VAL D 109 18.29 18.33 -2.16
C VAL D 109 19.68 17.93 -2.60
N GLY D 110 20.49 17.52 -1.64
CA GLY D 110 21.86 17.15 -1.86
C GLY D 110 22.10 15.73 -1.43
N TYR D 111 23.01 15.05 -2.13
CA TYR D 111 23.35 13.69 -1.78
C TYR D 111 24.78 13.38 -2.24
N THR D 112 25.56 12.80 -1.33
CA THR D 112 26.94 12.38 -1.59
C THR D 112 27.00 10.96 -2.03
N ILE D 113 27.75 10.73 -3.11
CA ILE D 113 28.16 9.40 -3.54
C ILE D 113 29.69 9.28 -3.46
N TYR D 114 30.17 8.08 -3.15
CA TYR D 114 31.59 7.79 -3.14
C TYR D 114 31.90 6.69 -4.19
N PRO D 115 31.97 7.05 -5.47
CA PRO D 115 32.32 6.10 -6.51
C PRO D 115 33.64 5.38 -6.18
N GLY D 116 33.68 4.07 -6.40
CA GLY D 116 34.87 3.28 -6.09
C GLY D 116 34.81 2.60 -4.71
N SER D 117 34.04 3.15 -3.78
CA SER D 117 33.85 2.50 -2.48
C SER D 117 33.35 1.07 -2.62
N GLY D 118 33.77 0.20 -1.72
CA GLY D 118 33.18 -1.13 -1.57
C GLY D 118 31.66 -1.10 -1.37
N PHE D 119 31.14 0.04 -0.91
CA PHE D 119 29.70 0.28 -0.80
C PHE D 119 29.13 1.24 -1.84
N GLU D 120 29.78 1.40 -2.99
CA GLU D 120 29.28 2.34 -4.01
C GLU D 120 27.85 1.97 -4.40
N TRP D 121 27.58 0.67 -4.51
CA TRP D 121 26.25 0.18 -4.84
C TRP D 121 25.13 0.62 -3.86
N LYS D 122 25.45 0.71 -2.57
CA LYS D 122 24.45 1.10 -1.57
C LYS D 122 24.00 2.53 -1.81
N MET D 123 24.95 3.41 -2.13
CA MET D 123 24.61 4.78 -2.43
C MET D 123 23.90 4.95 -3.78
N PHE D 124 24.31 4.23 -4.80
CA PHE D 124 23.65 4.30 -6.10
C PHE D 124 22.19 3.84 -5.98
N GLU D 125 21.98 2.77 -5.23
CA GLU D 125 20.66 2.24 -4.97
C GLU D 125 19.76 3.26 -4.28
N GLU D 126 20.31 3.91 -3.26
CA GLU D 126 19.55 4.92 -2.52
C GLU D 126 19.36 6.19 -3.37
N LEU D 127 20.38 6.58 -4.11
CA LEU D 127 20.28 7.73 -5.02
C LEU D 127 19.15 7.54 -6.03
N ALA D 128 18.96 6.31 -6.50
CA ALA D 128 17.86 6.02 -7.41
C ALA D 128 16.50 6.43 -6.85
N ARG D 129 16.27 6.14 -5.57
CA ARG D 129 15.02 6.48 -4.92
C ARG D 129 14.89 7.99 -4.68
N ILE D 130 15.97 8.61 -4.25
CA ILE D 130 16.03 10.06 -4.06
C ILE D 130 15.84 10.80 -5.37
N LYS D 131 16.47 10.34 -6.46
CA LYS D 131 16.30 10.98 -7.76
C LYS D 131 14.83 10.92 -8.16
N ARG D 132 14.20 9.78 -7.96
CA ARG D 132 12.80 9.60 -8.35
C ARG D 132 11.88 10.55 -7.55
N ASP D 133 12.14 10.66 -6.25
CA ASP D 133 11.40 11.59 -5.41
C ASP D 133 11.67 13.05 -5.76
N ALA D 134 12.90 13.37 -6.11
CA ALA D 134 13.25 14.72 -6.50
C ALA D 134 12.44 15.16 -7.72
N VAL D 135 12.31 14.28 -8.69
CA VAL D 135 11.48 14.56 -9.87
C VAL D 135 10.03 14.73 -9.45
N LYS D 136 9.54 13.83 -8.62
CA LYS D 136 8.15 13.85 -8.17
C LYS D 136 7.80 15.13 -7.40
N PHE D 137 8.71 15.62 -6.57
CA PHE D 137 8.49 16.84 -5.78
C PHE D 137 9.05 18.09 -6.46
N ASP D 138 9.62 17.92 -7.65
CA ASP D 138 10.15 19.02 -8.46
C ASP D 138 11.25 19.81 -7.74
N LEU D 139 12.13 19.09 -7.06
CA LEU D 139 13.27 19.67 -6.35
C LEU D 139 14.52 19.24 -7.08
N PRO D 140 15.37 20.17 -7.53
CA PRO D 140 16.65 19.79 -8.14
C PRO D 140 17.52 18.96 -7.21
N LEU D 141 18.21 17.98 -7.81
CA LEU D 141 19.11 17.09 -7.11
C LEU D 141 20.52 17.54 -7.36
N VAL D 142 21.24 17.83 -6.28
CA VAL D 142 22.64 18.25 -6.33
C VAL D 142 23.48 17.12 -5.77
N VAL D 143 24.36 16.57 -6.58
CA VAL D 143 25.16 15.43 -6.20
C VAL D 143 26.59 15.85 -5.86
N TRP D 144 27.01 15.54 -4.64
CA TRP D 144 28.39 15.66 -4.22
C TRP D 144 29.07 14.39 -4.74
N SER D 145 29.93 14.51 -5.73
CA SER D 145 30.54 13.34 -6.34
C SER D 145 32.00 13.25 -5.89
N TYR D 146 32.25 12.37 -4.94
CA TYR D 146 33.55 12.27 -4.28
C TYR D 146 34.10 10.85 -4.34
N PRO D 147 34.71 10.45 -5.45
CA PRO D 147 35.34 9.13 -5.54
C PRO D 147 36.27 8.90 -4.36
N ARG D 148 36.13 7.74 -3.73
CA ARG D 148 36.84 7.41 -2.52
C ARG D 148 36.70 5.91 -2.24
N GLY D 149 37.79 5.32 -1.76
CA GLY D 149 37.88 3.88 -1.57
C GLY D 149 38.24 3.19 -2.86
N GLY D 150 38.22 1.88 -2.86
CA GLY D 150 38.55 1.11 -4.05
C GLY D 150 39.92 1.46 -4.58
N LYS D 151 40.01 1.78 -5.87
CA LYS D 151 41.29 2.09 -6.53
C LYS D 151 41.67 3.58 -6.41
N VAL D 152 40.82 4.39 -5.80
CA VAL D 152 41.11 5.81 -5.68
C VAL D 152 42.27 6.02 -4.71
N VAL D 153 43.33 6.66 -5.19
CA VAL D 153 44.47 7.03 -4.34
C VAL D 153 44.50 8.56 -4.14
N ASN D 154 44.61 9.29 -5.24
CA ASN D 154 44.55 10.75 -5.24
C ASN D 154 43.18 11.24 -5.69
N GLU D 155 42.48 11.92 -4.80
CA GLU D 155 41.10 12.36 -5.05
C GLU D 155 41.00 13.60 -5.94
N THR D 156 42.08 14.39 -6.00
CA THR D 156 42.13 15.58 -6.84
C THR D 156 42.86 15.35 -8.16
N ALA D 157 43.25 14.11 -8.45
CA ALA D 157 43.87 13.80 -9.76
C ALA D 157 42.89 14.14 -10.89
N PRO D 158 43.37 14.73 -11.98
CA PRO D 158 42.51 15.13 -13.10
C PRO D 158 41.52 14.07 -13.57
N GLU D 159 41.97 12.83 -13.71
CA GLU D 159 41.12 11.77 -14.23
C GLU D 159 40.06 11.31 -13.23
N ILE D 160 40.35 11.41 -11.94
CA ILE D 160 39.39 11.08 -10.90
C ILE D 160 38.27 12.12 -10.83
N VAL D 161 38.63 13.40 -10.90
CA VAL D 161 37.66 14.49 -10.81
C VAL D 161 36.76 14.48 -12.05
N ALA D 162 37.34 14.22 -13.22
CA ALA D 162 36.55 14.11 -14.45
C ALA D 162 35.59 12.92 -14.38
N TYR D 163 36.06 11.80 -13.83
CA TYR D 163 35.21 10.64 -13.59
C TYR D 163 34.07 11.00 -12.63
N ALA D 164 34.39 11.70 -11.56
CA ALA D 164 33.38 12.14 -10.60
C ALA D 164 32.28 12.96 -11.27
N ALA D 165 32.68 13.86 -12.16
CA ALA D 165 31.75 14.75 -12.83
C ALA D 165 30.86 13.97 -13.77
N ARG D 166 31.43 13.04 -14.51
CA ARG D 166 30.67 12.27 -15.47
C ARG D 166 29.65 11.36 -14.78
N ILE D 167 30.04 10.72 -13.68
CA ILE D 167 29.18 9.83 -12.95
C ILE D 167 27.94 10.58 -12.46
N ALA D 168 28.14 11.80 -11.99
CA ALA D 168 27.02 12.60 -11.50
C ALA D 168 26.05 12.89 -12.65
N LEU D 169 26.56 13.25 -13.81
CA LEU D 169 25.71 13.44 -14.99
C LEU D 169 24.94 12.18 -15.33
N GLU D 170 25.63 11.04 -15.36
CA GLU D 170 25.04 9.77 -15.78
C GLU D 170 23.95 9.29 -14.84
N LEU D 171 24.08 9.58 -13.54
CA LEU D 171 23.12 9.13 -12.54
C LEU D 171 21.93 10.08 -12.40
N GLY D 172 21.98 11.25 -13.02
CA GLY D 172 20.81 12.12 -13.04
C GLY D 172 20.89 13.40 -12.21
N ALA D 173 22.09 13.77 -11.75
CA ALA D 173 22.30 15.05 -11.10
C ALA D 173 21.79 16.22 -11.95
N ASP D 174 21.15 17.17 -11.28
CA ASP D 174 20.75 18.43 -11.92
C ASP D 174 21.79 19.53 -11.72
N ALA D 175 22.62 19.36 -10.69
CA ALA D 175 23.84 20.11 -10.48
C ALA D 175 24.79 19.21 -9.68
N MET D 176 26.07 19.56 -9.65
CA MET D 176 27.01 18.75 -8.92
C MET D 176 28.07 19.57 -8.20
N LYS D 177 28.66 18.96 -7.18
CA LYS D 177 29.75 19.53 -6.43
C LYS D 177 30.89 18.52 -6.49
N ILE D 178 32.05 18.97 -6.97
CA ILE D 178 33.25 18.13 -7.09
C ILE D 178 34.49 18.86 -6.61
N LYS D 179 35.55 18.11 -6.37
CA LYS D 179 36.81 18.68 -5.90
C LYS D 179 37.56 19.35 -7.05
N TYR D 180 38.30 20.42 -6.73
CA TYR D 180 39.16 21.11 -7.68
C TYR D 180 40.44 20.30 -7.92
N THR D 181 40.90 20.28 -9.18
CA THR D 181 42.14 19.61 -9.56
C THR D 181 43.40 20.42 -9.21
N GLY D 182 43.23 21.72 -8.98
CA GLY D 182 44.35 22.60 -8.71
C GLY D 182 44.78 23.44 -9.89
N ASP D 183 44.21 23.20 -11.08
CA ASP D 183 44.45 24.07 -12.22
C ASP D 183 43.26 24.09 -13.20
N PRO D 184 43.05 25.25 -13.85
CA PRO D 184 41.91 25.43 -14.75
C PRO D 184 41.86 24.51 -15.97
N LYS D 185 43.00 24.13 -16.54
CA LYS D 185 43.01 23.30 -17.76
C LYS D 185 42.42 21.90 -17.49
N THR D 186 42.92 21.22 -16.46
CA THR D 186 42.41 19.89 -16.12
C THR D 186 40.99 19.95 -15.57
N PHE D 187 40.67 21.00 -14.82
CA PHE D 187 39.33 21.14 -14.29
C PHE D 187 38.31 21.37 -15.41
N SER D 188 38.71 22.06 -16.48
CA SER D 188 37.79 22.34 -17.58
C SER D 188 37.39 21.06 -18.32
N TRP D 189 38.23 20.03 -18.29
CA TRP D 189 37.86 18.69 -18.81
C TRP D 189 36.72 18.08 -17.98
N ALA D 190 36.78 18.21 -16.66
CA ALA D 190 35.70 17.76 -15.82
C ALA D 190 34.41 18.51 -16.13
N VAL D 191 34.52 19.84 -16.27
CA VAL D 191 33.36 20.66 -16.61
C VAL D 191 32.76 20.24 -17.95
N LYS D 192 33.60 19.94 -18.92
CA LYS D 192 33.15 19.56 -20.25
C LYS D 192 32.39 18.24 -20.21
N VAL D 193 32.90 17.23 -19.51
CA VAL D 193 32.26 15.92 -19.50
C VAL D 193 30.96 15.91 -18.69
N ALA D 194 30.78 16.91 -17.82
CA ALA D 194 29.51 17.15 -17.12
C ALA D 194 28.41 17.65 -18.04
N GLY D 195 28.78 18.15 -19.22
CA GLY D 195 27.81 18.55 -20.23
C GLY D 195 26.90 19.67 -19.77
N LYS D 196 25.60 19.45 -19.84
CA LYS D 196 24.59 20.44 -19.48
C LYS D 196 24.42 20.62 -17.97
N VAL D 197 25.06 19.77 -17.18
CA VAL D 197 24.91 19.85 -15.72
C VAL D 197 25.97 20.79 -15.15
N PRO D 198 25.53 21.84 -14.47
CA PRO D 198 26.47 22.79 -13.87
C PRO D 198 27.29 22.20 -12.70
N VAL D 199 28.54 22.68 -12.62
CA VAL D 199 29.54 22.19 -11.70
C VAL D 199 29.88 23.29 -10.69
N LEU D 200 29.79 22.93 -9.43
CA LEU D 200 30.26 23.76 -8.33
C LEU D 200 31.53 23.15 -7.78
N MET D 201 32.55 23.97 -7.59
CA MET D 201 33.78 23.58 -6.91
C MET D 201 33.56 23.50 -5.40
N SER D 202 33.99 22.39 -4.81
CA SER D 202 34.09 22.23 -3.38
C SER D 202 35.27 23.08 -2.84
N GLY D 203 35.02 23.89 -1.81
CA GLY D 203 36.01 24.85 -1.31
C GLY D 203 37.26 24.22 -0.72
N GLY D 204 37.10 23.10 -0.02
CA GLY D 204 38.22 22.37 0.58
C GLY D 204 38.72 22.96 1.90
N PRO D 205 39.80 22.40 2.44
CA PRO D 205 40.41 22.92 3.67
C PRO D 205 40.81 24.39 3.56
N LYS D 206 40.72 25.12 4.68
CA LYS D 206 41.11 26.51 4.72
C LYS D 206 42.54 26.67 4.16
N THR D 207 42.70 27.55 3.17
CA THR D 207 43.99 27.78 2.54
C THR D 207 44.87 28.64 3.46
N LYS D 208 46.17 28.61 3.18
CA LYS D 208 47.16 29.33 3.99
C LYS D 208 46.90 30.84 3.94
N THR D 209 46.61 31.35 2.75
CA THR D 209 46.22 32.75 2.57
C THR D 209 44.87 32.86 1.87
N GLU D 210 44.23 34.01 2.05
CA GLU D 210 43.01 34.33 1.34
C GLU D 210 43.25 34.40 -0.15
N GLU D 211 44.42 34.93 -0.52
CA GLU D 211 44.84 35.04 -1.91
C GLU D 211 44.89 33.68 -2.64
N ASP D 212 45.29 32.63 -1.92
CA ASP D 212 45.38 31.28 -2.49
C ASP D 212 44.00 30.79 -2.92
N PHE D 213 42.98 31.11 -2.11
CA PHE D 213 41.61 30.71 -2.40
C PHE D 213 40.97 31.55 -3.50
N LEU D 214 41.20 32.85 -3.52
CA LEU D 214 40.72 33.67 -4.62
C LEU D 214 41.30 33.15 -5.95
N LYS D 215 42.55 32.70 -5.92
CA LYS D 215 43.22 32.16 -7.11
C LYS D 215 42.60 30.84 -7.57
N GLN D 216 42.28 29.96 -6.62
CA GLN D 216 41.58 28.71 -6.92
C GLN D 216 40.24 29.01 -7.58
N VAL D 217 39.50 29.95 -7.00
CA VAL D 217 38.16 30.34 -7.47
C VAL D 217 38.23 31.01 -8.84
N GLU D 218 39.33 31.69 -9.12
CA GLU D 218 39.55 32.37 -10.40
C GLU D 218 39.62 31.32 -11.50
N GLY D 219 40.46 30.31 -11.26
CA GLY D 219 40.66 29.22 -12.21
C GLY D 219 39.44 28.33 -12.35
N VAL D 220 38.63 28.24 -11.30
CA VAL D 220 37.39 27.46 -11.36
C VAL D 220 36.44 28.09 -12.37
N LEU D 221 36.30 29.41 -12.30
CA LEU D 221 35.45 30.17 -13.21
C LEU D 221 35.99 30.16 -14.64
N GLU D 222 37.31 30.20 -14.79
CA GLU D 222 37.94 30.20 -16.11
C GLU D 222 37.69 28.86 -16.77
N ALA D 223 37.61 27.81 -15.96
CA ALA D 223 37.36 26.46 -16.45
C ALA D 223 35.91 26.28 -16.91
N GLY D 224 35.05 27.26 -16.61
CA GLY D 224 33.67 27.26 -17.05
C GLY D 224 32.67 26.75 -16.01
N ALA D 225 33.10 26.60 -14.77
CA ALA D 225 32.22 26.11 -13.72
C ALA D 225 31.19 27.18 -13.34
N LEU D 226 30.08 26.74 -12.76
CA LEU D 226 29.02 27.65 -12.34
C LEU D 226 29.43 28.50 -11.13
N GLY D 227 30.29 27.95 -10.28
CA GLY D 227 30.68 28.65 -9.08
C GLY D 227 31.22 27.72 -8.03
N ILE D 228 30.99 28.07 -6.78
CA ILE D 228 31.60 27.38 -5.64
C ILE D 228 30.58 27.02 -4.58
N ALA D 229 30.81 25.91 -3.91
CA ALA D 229 30.09 25.56 -2.70
C ALA D 229 31.16 25.56 -1.62
N VAL D 230 31.20 26.62 -0.84
CA VAL D 230 32.29 26.88 0.09
C VAL D 230 31.81 26.87 1.56
N GLY D 231 32.59 26.25 2.42
CA GLY D 231 32.28 26.18 3.84
C GLY D 231 33.41 26.81 4.60
N ARG D 232 34.45 26.03 4.83
CA ARG D 232 35.54 26.40 5.72
C ARG D 232 36.27 27.67 5.32
N ASN D 233 36.50 27.82 4.02
CA ASN D 233 37.24 28.99 3.54
C ASN D 233 36.51 30.32 3.73
N VAL D 234 35.24 30.26 4.10
CA VAL D 234 34.51 31.44 4.60
C VAL D 234 34.39 31.43 6.12
N TRP D 235 33.62 30.49 6.69
CA TRP D 235 33.26 30.59 8.11
C TRP D 235 34.33 30.14 9.12
N GLN D 236 35.44 29.57 8.65
CA GLN D 236 36.56 29.29 9.55
C GLN D 236 37.43 30.52 9.78
N ARG D 237 37.18 31.59 9.02
CA ARG D 237 37.96 32.82 9.12
C ARG D 237 37.28 33.82 10.04
N ARG D 238 38.07 34.52 10.84
CA ARG D 238 37.53 35.50 11.77
C ARG D 238 37.03 36.76 11.04
N ASP D 239 37.57 37.01 9.84
CA ASP D 239 37.05 38.03 8.93
C ASP D 239 36.08 37.42 7.89
N ALA D 240 35.21 36.53 8.34
CA ALA D 240 34.38 35.74 7.43
C ALA D 240 33.54 36.61 6.50
N LEU D 241 32.93 37.65 7.03
CA LEU D 241 32.02 38.47 6.24
C LEU D 241 32.77 39.25 5.17
N LYS D 242 33.89 39.86 5.57
CA LYS D 242 34.73 40.63 4.66
C LYS D 242 35.22 39.77 3.51
N PHE D 243 35.73 38.59 3.83
CA PHE D 243 36.22 37.69 2.80
C PHE D 243 35.07 37.17 1.92
N ALA D 244 33.92 36.94 2.53
CA ALA D 244 32.75 36.47 1.80
C ALA D 244 32.33 37.49 0.74
N ARG D 245 32.40 38.77 1.09
CA ARG D 245 32.04 39.85 0.17
C ARG D 245 33.06 40.00 -0.94
N ALA D 246 34.32 39.68 -0.67
CA ALA D 246 35.36 39.66 -1.71
C ALA D 246 35.11 38.49 -2.67
N LEU D 247 34.64 37.36 -2.15
CA LEU D 247 34.29 36.22 -2.99
C LEU D 247 33.13 36.57 -3.89
N ALA D 248 32.13 37.25 -3.33
CA ALA D 248 30.96 37.72 -4.09
C ALA D 248 31.38 38.64 -5.23
N GLU D 249 32.27 39.57 -4.92
CA GLU D 249 32.79 40.50 -5.93
C GLU D 249 33.42 39.74 -7.09
N LEU D 250 34.25 38.75 -6.77
CA LEU D 250 34.95 37.96 -7.77
C LEU D 250 34.00 37.11 -8.61
N VAL D 251 33.10 36.37 -7.95
CA VAL D 251 32.25 35.41 -8.64
C VAL D 251 31.16 36.06 -9.51
N TYR D 252 30.44 37.06 -8.99
CA TYR D 252 29.34 37.69 -9.74
C TYR D 252 29.79 38.70 -10.80
N GLY D 253 30.48 39.66 -10.49
N ASN E 3 6.96 22.40 17.37
CA ASN E 3 8.30 22.44 18.04
C ASN E 3 8.39 21.39 19.14
N LEU E 4 9.05 20.28 18.83
CA LEU E 4 9.08 19.14 19.72
C LEU E 4 10.05 19.30 20.89
N THR E 5 11.08 20.12 20.74
CA THR E 5 11.95 20.47 21.85
C THR E 5 11.13 21.18 22.95
N GLU E 6 10.24 22.07 22.53
CA GLU E 6 9.40 22.81 23.48
C GLU E 6 8.43 21.87 24.19
N LYS E 7 7.85 20.92 23.46
CA LYS E 7 7.02 19.90 24.09
C LYS E 7 7.83 19.02 25.07
N PHE E 8 9.04 18.62 24.68
CA PHE E 8 9.91 17.90 25.59
C PHE E 8 10.14 18.71 26.89
N LEU E 9 10.49 19.98 26.77
CA LEU E 9 10.80 20.82 27.94
C LEU E 9 9.58 21.03 28.86
N ARG E 10 8.40 21.12 28.25
CA ARG E 10 7.15 21.33 28.97
C ARG E 10 6.85 20.10 29.83
N ILE E 11 7.12 18.92 29.29
CA ILE E 11 6.76 17.68 29.98
C ILE E 11 7.85 17.23 30.93
N PHE E 12 9.10 17.29 30.47
CA PHE E 12 10.24 16.72 31.21
C PHE E 12 11.13 17.74 31.93
N ALA E 13 10.81 19.01 31.81
CA ALA E 13 11.64 20.05 32.41
C ALA E 13 10.81 21.25 32.86
N ARG E 14 9.67 21.00 33.49
CA ARG E 14 8.75 22.07 33.86
C ARG E 14 9.38 23.06 34.85
N ARG E 15 10.34 22.59 35.65
CA ARG E 15 11.06 23.44 36.59
C ARG E 15 12.30 24.11 35.97
N GLY E 16 12.54 23.91 34.67
CA GLY E 16 13.67 24.55 34.01
C GLY E 16 14.89 23.65 33.87
N LYS E 17 14.93 22.61 34.69
CA LYS E 17 15.96 21.58 34.64
C LYS E 17 15.26 20.23 34.72
N SER E 18 16.01 19.16 34.42
CA SER E 18 15.44 17.83 34.25
C SER E 18 16.26 16.69 34.90
N ILE E 19 15.56 15.78 35.55
CA ILE E 19 16.12 14.51 35.99
C ILE E 19 15.25 13.37 35.45
N ILE E 20 15.85 12.53 34.63
CA ILE E 20 15.18 11.34 34.06
C ILE E 20 15.79 10.11 34.71
N LEU E 21 14.96 9.21 35.21
CA LEU E 21 15.46 7.97 35.80
C LEU E 21 15.52 6.90 34.72
N ALA E 22 16.73 6.53 34.34
CA ALA E 22 16.93 5.62 33.20
C ALA E 22 16.90 4.19 33.69
N TYR E 23 16.21 3.34 32.97
CA TYR E 23 16.04 1.94 33.37
C TYR E 23 15.91 1.02 32.18
N ASP E 24 16.75 1.25 31.18
CA ASP E 24 16.89 0.30 30.05
C ASP E 24 17.99 -0.73 30.28
N HIS E 25 18.50 -0.80 31.50
CA HIS E 25 19.72 -1.54 31.80
C HIS E 25 19.52 -3.06 31.77
N GLY E 26 18.30 -3.50 32.01
CA GLY E 26 17.99 -4.91 31.95
C GLY E 26 18.39 -5.58 30.64
N ILE E 27 18.22 -4.90 29.52
CA ILE E 27 18.72 -5.39 28.24
C ILE E 27 20.17 -5.02 27.92
N GLU E 28 20.54 -3.77 28.18
CA GLU E 28 21.87 -3.26 27.85
C GLU E 28 23.00 -3.93 28.64
N HIS E 29 22.80 -4.17 29.95
CA HIS E 29 23.82 -4.76 30.84
C HIS E 29 23.38 -6.06 31.44
N GLY E 30 22.09 -6.27 31.49
CA GLY E 30 21.57 -7.42 32.16
C GLY E 30 21.42 -7.19 33.65
N PRO E 31 20.84 -8.17 34.32
CA PRO E 31 20.51 -8.06 35.74
C PRO E 31 21.68 -8.07 36.74
N ALA E 32 22.93 -8.26 36.32
CA ALA E 32 24.06 -8.08 37.25
C ALA E 32 24.06 -6.67 37.90
N ASP E 33 23.67 -5.66 37.12
CA ASP E 33 23.44 -4.28 37.60
C ASP E 33 22.50 -4.21 38.83
N PHE E 34 21.60 -5.17 38.99
CA PHE E 34 20.58 -5.14 40.06
C PHE E 34 20.98 -5.84 41.36
N MET E 35 22.16 -6.45 41.41
CA MET E 35 22.56 -7.23 42.59
C MET E 35 22.88 -6.36 43.81
N ASP E 36 23.52 -5.22 43.58
CA ASP E 36 23.85 -4.25 44.66
C ASP E 36 22.63 -3.86 45.50
N ASN E 37 21.50 -3.62 44.83
CA ASN E 37 20.25 -3.21 45.49
C ASN E 37 19.08 -3.97 44.85
N PRO E 38 18.81 -5.20 45.29
CA PRO E 38 17.93 -6.15 44.56
C PRO E 38 16.51 -5.67 44.22
N ASP E 39 15.98 -4.71 44.97
CA ASP E 39 14.69 -4.09 44.64
C ASP E 39 14.69 -3.42 43.26
N SER E 40 15.88 -2.98 42.82
CA SER E 40 16.07 -2.34 41.53
C SER E 40 15.65 -3.21 40.34
N ALA E 41 15.54 -4.52 40.55
CA ALA E 41 15.10 -5.46 39.50
C ALA E 41 13.59 -5.37 39.27
N ASP E 42 12.89 -4.74 40.20
CA ASP E 42 11.43 -4.59 40.12
C ASP E 42 11.05 -3.22 39.53
N PRO E 43 10.51 -3.18 38.30
CA PRO E 43 10.14 -1.89 37.69
C PRO E 43 9.15 -1.07 38.53
N GLU E 44 8.33 -1.72 39.36
CA GLU E 44 7.45 -0.99 40.29
C GLU E 44 8.21 -0.16 41.31
N TYR E 45 9.29 -0.71 41.84
CA TYR E 45 10.15 0.01 42.78
C TYR E 45 10.74 1.23 42.11
N ILE E 46 11.08 1.07 40.84
CA ILE E 46 11.63 2.16 40.07
C ILE E 46 10.60 3.31 39.92
N LEU E 47 9.34 2.96 39.64
CA LEU E 47 8.33 3.95 39.36
C LEU E 47 8.04 4.71 40.64
N ARG E 48 7.97 3.99 41.76
CA ARG E 48 7.79 4.60 43.09
C ARG E 48 8.95 5.54 43.39
N LEU E 49 10.17 5.13 43.03
CA LEU E 49 11.36 5.92 43.27
C LEU E 49 11.34 7.26 42.53
N ALA E 50 11.00 7.23 41.24
CA ALA E 50 10.96 8.45 40.43
C ALA E 50 9.92 9.42 41.00
N ARG E 51 8.79 8.86 41.39
CA ARG E 51 7.66 9.62 41.84
C ARG E 51 7.98 10.25 43.19
N ASP E 52 8.47 9.45 44.13
CA ASP E 52 8.77 9.90 45.47
C ASP E 52 9.91 10.92 45.49
N ALA E 53 10.81 10.84 44.51
CA ALA E 53 11.90 11.80 44.43
C ALA E 53 11.52 13.04 43.60
N GLY E 54 10.33 13.03 43.01
CA GLY E 54 9.85 14.14 42.20
C GLY E 54 10.59 14.30 40.87
N PHE E 55 11.12 13.21 40.34
CA PHE E 55 11.79 13.24 39.03
C PHE E 55 10.82 13.45 37.86
N ASP E 56 11.35 13.89 36.74
CA ASP E 56 10.53 14.28 35.58
C ASP E 56 10.10 13.13 34.69
N GLY E 57 10.83 12.02 34.71
CA GLY E 57 10.50 10.92 33.81
C GLY E 57 11.27 9.63 34.07
N VAL E 58 10.86 8.56 33.39
CA VAL E 58 11.55 7.28 33.39
C VAL E 58 11.78 6.86 31.94
N VAL E 59 12.83 6.07 31.74
CA VAL E 59 13.12 5.44 30.46
C VAL E 59 12.94 3.95 30.61
N PHE E 60 12.03 3.37 29.83
CA PHE E 60 11.78 1.93 29.76
C PHE E 60 11.87 1.45 28.31
N GLN E 61 12.30 0.20 28.15
CA GLN E 61 12.08 -0.56 26.92
C GLN E 61 10.60 -0.97 26.87
N ARG E 62 10.16 -1.42 25.70
CA ARG E 62 8.75 -1.69 25.43
C ARG E 62 8.12 -2.74 26.34
N GLY E 63 8.88 -3.75 26.70
CA GLY E 63 8.35 -4.84 27.49
C GLY E 63 8.08 -4.41 28.94
N ILE E 64 8.96 -3.59 29.48
CA ILE E 64 8.75 -3.05 30.82
C ILE E 64 7.56 -2.08 30.78
N ALA E 65 7.49 -1.22 29.76
CA ALA E 65 6.40 -0.28 29.65
C ALA E 65 5.05 -1.01 29.54
N GLU E 66 5.00 -2.05 28.73
CA GLU E 66 3.76 -2.79 28.52
C GLU E 66 3.27 -3.47 29.79
N LYS E 67 4.18 -4.08 30.53
CA LYS E 67 3.82 -4.86 31.70
C LYS E 67 3.65 -4.03 32.98
N TYR E 68 4.32 -2.88 33.06
CA TYR E 68 4.43 -2.12 34.33
C TYR E 68 4.06 -0.65 34.25
N TYR E 69 4.13 -0.01 33.08
CA TYR E 69 3.91 1.44 33.09
C TYR E 69 2.48 1.77 33.49
N ASP E 70 2.34 2.70 34.42
CA ASP E 70 1.03 3.00 35.01
C ASP E 70 0.60 4.47 34.86
N GLY E 71 1.31 5.24 34.05
CA GLY E 71 0.98 6.63 33.80
C GLY E 71 1.43 7.61 34.87
N SER E 72 2.16 7.16 35.89
CA SER E 72 2.37 7.98 37.11
C SER E 72 3.53 8.96 36.97
N VAL E 73 4.40 8.72 35.99
CA VAL E 73 5.55 9.59 35.74
C VAL E 73 5.70 9.58 34.21
N PRO E 74 5.99 10.71 33.56
CA PRO E 74 6.18 10.73 32.11
C PRO E 74 7.19 9.69 31.61
N LEU E 75 6.86 9.05 30.50
CA LEU E 75 7.66 7.94 29.95
C LEU E 75 8.38 8.30 28.67
N ILE E 76 9.68 7.98 28.62
CA ILE E 76 10.45 7.96 27.41
C ILE E 76 10.62 6.48 27.06
N LEU E 77 10.10 6.07 25.89
CA LEU E 77 10.17 4.69 25.45
C LEU E 77 11.43 4.54 24.61
N LYS E 78 12.39 3.81 25.16
CA LYS E 78 13.66 3.55 24.49
C LYS E 78 13.42 2.48 23.42
N LEU E 79 13.52 2.86 22.16
CA LEU E 79 13.04 2.02 21.06
C LEU E 79 14.03 0.93 20.68
N ASN E 80 15.33 1.17 20.83
CA ASN E 80 16.34 0.18 20.47
C ASN E 80 17.09 -0.31 21.68
N GLY E 81 17.73 -1.45 21.53
CA GLY E 81 18.51 -2.05 22.58
C GLY E 81 19.41 -3.12 22.05
N LYS E 82 20.57 -3.24 22.70
CA LYS E 82 21.54 -4.31 22.43
C LYS E 82 22.03 -4.84 23.78
N THR E 83 22.78 -5.94 23.75
CA THR E 83 23.34 -6.51 24.98
C THR E 83 24.83 -6.32 25.03
N THR E 84 25.42 -6.48 26.22
CA THR E 84 26.88 -6.55 26.36
C THR E 84 27.48 -7.89 25.99
N LEU E 85 26.63 -8.90 25.80
CA LEU E 85 27.08 -10.21 25.29
C LEU E 85 27.57 -10.11 23.86
N TYR E 86 27.02 -9.16 23.12
CA TYR E 86 27.37 -8.94 21.73
C TYR E 86 28.81 -8.42 21.59
N ASN E 87 29.50 -8.89 20.56
CA ASN E 87 30.89 -8.59 20.28
C ASN E 87 31.19 -7.90 18.94
N GLY E 88 30.25 -7.79 18.04
CA GLY E 88 30.54 -7.14 16.75
C GLY E 88 30.73 -5.63 16.82
N GLU E 89 30.76 -4.98 15.66
CA GLU E 89 30.81 -3.51 15.61
C GLU E 89 29.46 -3.04 16.23
N PRO E 90 29.50 -2.02 17.07
CA PRO E 90 28.33 -1.61 17.84
C PRO E 90 27.10 -1.31 16.98
N VAL E 91 26.00 -1.96 17.29
CA VAL E 91 24.75 -1.74 16.60
C VAL E 91 23.62 -2.03 17.58
N SER E 92 22.55 -1.26 17.46
CA SER E 92 21.38 -1.43 18.30
C SER E 92 20.17 -1.07 17.47
N VAL E 93 19.31 -2.05 17.24
CA VAL E 93 18.16 -1.85 16.36
C VAL E 93 16.86 -1.74 17.14
N ALA E 94 15.89 -1.09 16.52
CA ALA E 94 14.59 -0.88 17.10
C ALA E 94 13.88 -2.19 17.31
N ASN E 95 13.39 -2.39 18.53
CA ASN E 95 12.52 -3.53 18.84
C ASN E 95 11.05 -3.06 18.98
N CYS E 96 10.81 -1.78 18.73
CA CYS E 96 9.51 -1.14 18.91
C CYS E 96 9.38 0.04 17.94
N SER E 97 8.17 0.31 17.48
CA SER E 97 7.88 1.46 16.63
C SER E 97 7.37 2.63 17.45
N VAL E 98 7.41 3.80 16.84
CA VAL E 98 6.87 5.01 17.48
C VAL E 98 5.38 4.88 17.73
N GLU E 99 4.67 4.32 16.77
CA GLU E 99 3.22 4.12 16.90
C GLU E 99 2.88 3.23 18.11
N GLU E 100 3.64 2.16 18.32
CA GLU E 100 3.46 1.32 19.49
C GLU E 100 3.81 2.04 20.79
N ALA E 101 4.84 2.90 20.77
CA ALA E 101 5.25 3.69 21.92
C ALA E 101 4.11 4.61 22.35
N VAL E 102 3.48 5.26 21.38
CA VAL E 102 2.32 6.08 21.61
C VAL E 102 1.24 5.28 22.34
N SER E 103 0.95 4.06 21.87
CA SER E 103 -0.09 3.26 22.49
C SER E 103 0.27 2.75 23.89
N LEU E 104 1.55 2.68 24.21
CA LEU E 104 2.02 2.29 25.53
C LEU E 104 2.08 3.46 26.54
N GLY E 105 1.76 4.68 26.10
CA GLY E 105 1.68 5.86 26.95
C GLY E 105 2.93 6.72 26.99
N ALA E 106 3.82 6.60 26.02
CA ALA E 106 5.04 7.38 25.99
C ALA E 106 4.75 8.84 25.66
N SER E 107 5.51 9.73 26.28
CA SER E 107 5.51 11.16 25.96
C SER E 107 6.71 11.54 25.11
N ALA E 108 7.64 10.60 24.96
CA ALA E 108 8.78 10.78 24.08
C ALA E 108 9.37 9.42 23.72
N VAL E 109 10.21 9.40 22.70
CA VAL E 109 10.91 8.17 22.31
C VAL E 109 12.41 8.38 22.34
N GLY E 110 13.14 7.33 22.65
CA GLY E 110 14.60 7.38 22.77
C GLY E 110 15.23 6.41 21.77
N TYR E 111 16.40 6.76 21.26
CA TYR E 111 17.11 5.92 20.28
C TYR E 111 18.60 6.19 20.40
N THR E 112 19.38 5.11 20.51
CA THR E 112 20.84 5.18 20.59
C THR E 112 21.48 5.08 19.22
N ILE E 113 22.43 5.97 18.97
CA ILE E 113 23.31 5.87 17.82
C ILE E 113 24.75 5.71 18.33
N TYR E 114 25.57 5.00 17.56
CA TYR E 114 26.98 4.84 17.84
C TYR E 114 27.79 5.36 16.65
N PRO E 115 27.94 6.68 16.56
CA PRO E 115 28.77 7.27 15.52
C PRO E 115 30.19 6.69 15.49
N GLY E 116 30.70 6.36 14.30
CA GLY E 116 32.00 5.73 14.20
C GLY E 116 31.96 4.23 14.06
N SER E 117 30.89 3.59 14.52
CA SER E 117 30.72 2.15 14.34
C SER E 117 30.75 1.77 12.86
N GLY E 118 31.30 0.60 12.54
CA GLY E 118 31.15 0.01 11.21
C GLY E 118 29.71 -0.05 10.76
N PHE E 119 28.77 -0.09 11.72
CA PHE E 119 27.34 -0.10 11.40
C PHE E 119 26.66 1.24 11.64
N GLU E 120 27.41 2.36 11.66
CA GLU E 120 26.79 3.65 11.96
C GLU E 120 25.65 3.91 10.97
N TRP E 121 25.86 3.55 9.71
CA TRP E 121 24.86 3.70 8.66
C TRP E 121 23.53 2.97 8.92
N LYS E 122 23.58 1.82 9.59
CA LYS E 122 22.35 1.08 9.89
C LYS E 122 21.50 1.84 10.91
N MET E 123 22.13 2.45 11.90
CA MET E 123 21.39 3.25 12.88
C MET E 123 20.92 4.60 12.34
N PHE E 124 21.70 5.26 11.49
CA PHE E 124 21.28 6.51 10.86
C PHE E 124 20.09 6.26 9.93
N GLU E 125 20.11 5.16 9.19
CA GLU E 125 19.01 4.76 8.33
C GLU E 125 17.70 4.56 9.11
N GLU E 126 17.79 3.81 10.19
CA GLU E 126 16.65 3.54 11.05
C GLU E 126 16.19 4.79 11.81
N LEU E 127 17.14 5.58 12.29
CA LEU E 127 16.81 6.83 12.94
C LEU E 127 16.00 7.75 12.04
N ALA E 128 16.31 7.76 10.74
CA ALA E 128 15.55 8.55 9.77
C ALA E 128 14.06 8.20 9.80
N ARG E 129 13.75 6.90 9.86
CA ARG E 129 12.35 6.46 9.90
C ARG E 129 11.72 6.82 11.23
N ILE E 130 12.42 6.59 12.32
CA ILE E 130 11.93 6.93 13.65
C ILE E 130 11.70 8.44 13.79
N LYS E 131 12.62 9.25 13.28
CA LYS E 131 12.44 10.72 13.33
C LYS E 131 11.19 11.12 12.58
N ARG E 132 10.96 10.52 11.40
CA ARG E 132 9.80 10.87 10.59
C ARG E 132 8.50 10.51 11.31
N ASP E 133 8.50 9.35 11.98
CA ASP E 133 7.36 8.91 12.80
C ASP E 133 7.17 9.75 14.06
N ALA E 134 8.27 10.15 14.70
CA ALA E 134 8.18 11.05 15.88
C ALA E 134 7.48 12.37 15.53
N VAL E 135 7.83 12.93 14.38
CA VAL E 135 7.17 14.15 13.91
C VAL E 135 5.69 13.88 13.64
N LYS E 136 5.40 12.76 13.00
CA LYS E 136 4.03 12.40 12.64
C LYS E 136 3.12 12.20 13.86
N PHE E 137 3.65 11.54 14.90
CA PHE E 137 2.92 11.27 16.11
C PHE E 137 3.11 12.36 17.16
N ASP E 138 3.89 13.39 16.84
CA ASP E 138 4.16 14.52 17.77
C ASP E 138 4.78 14.08 19.09
N LEU E 139 5.74 13.18 19.02
CA LEU E 139 6.49 12.70 20.18
C LEU E 139 7.94 13.16 20.03
N PRO E 140 8.47 13.91 21.01
CA PRO E 140 9.90 14.30 20.97
C PRO E 140 10.84 13.11 20.87
N LEU E 141 11.88 13.27 20.07
CA LEU E 141 12.89 12.25 19.89
C LEU E 141 14.09 12.60 20.68
N VAL E 142 14.46 11.72 21.60
CA VAL E 142 15.63 11.89 22.47
C VAL E 142 16.71 10.91 21.96
N VAL E 143 17.85 11.44 21.57
CA VAL E 143 18.92 10.62 21.02
C VAL E 143 20.02 10.43 22.05
N TRP E 144 20.34 9.17 22.32
CA TRP E 144 21.51 8.78 23.07
C TRP E 144 22.65 8.78 22.06
N SER E 145 23.57 9.72 22.14
CA SER E 145 24.62 9.84 21.17
C SER E 145 25.92 9.37 21.79
N TYR E 146 26.32 8.14 21.43
CA TYR E 146 27.45 7.45 22.05
C TYR E 146 28.44 6.97 20.96
N PRO E 147 29.35 7.82 20.51
CA PRO E 147 30.39 7.39 19.60
C PRO E 147 31.13 6.18 20.14
N ARG E 148 31.29 5.17 19.29
CA ARG E 148 31.85 3.89 19.68
C ARG E 148 32.17 3.08 18.43
N GLY E 149 33.31 2.39 18.45
CA GLY E 149 33.83 1.69 17.29
C GLY E 149 34.60 2.67 16.42
N GLY E 150 35.05 2.20 15.28
CA GLY E 150 35.83 2.98 14.35
C GLY E 150 37.05 3.54 15.03
N LYS E 151 37.24 4.85 14.88
CA LYS E 151 38.42 5.53 15.42
C LYS E 151 38.28 5.99 16.88
N VAL E 152 37.14 5.73 17.53
CA VAL E 152 36.88 6.22 18.87
C VAL E 152 37.65 5.38 19.89
N VAL E 153 38.55 6.02 20.65
CA VAL E 153 39.34 5.31 21.66
C VAL E 153 39.09 5.83 23.08
N ASN E 154 38.54 7.03 23.18
CA ASN E 154 38.20 7.61 24.48
C ASN E 154 36.84 8.28 24.35
N GLU E 155 35.80 7.60 24.84
CA GLU E 155 34.42 8.07 24.75
C GLU E 155 34.09 9.31 25.57
N THR E 156 34.92 9.62 26.56
CA THR E 156 34.73 10.83 27.32
C THR E 156 35.73 11.93 26.94
N ALA E 157 36.53 11.74 25.89
CA ALA E 157 37.40 12.81 25.41
C ALA E 157 36.54 13.99 24.99
N PRO E 158 37.01 15.21 25.28
CA PRO E 158 36.25 16.43 24.94
C PRO E 158 35.78 16.51 23.51
N GLU E 159 36.64 16.17 22.55
CA GLU E 159 36.30 16.27 21.15
C GLU E 159 35.29 15.23 20.70
N ILE E 160 35.30 14.06 21.34
CA ILE E 160 34.34 12.99 21.05
C ILE E 160 32.95 13.33 21.56
N VAL E 161 32.88 13.85 22.78
CA VAL E 161 31.61 14.22 23.36
C VAL E 161 30.99 15.38 22.59
N ALA E 162 31.81 16.34 22.18
CA ALA E 162 31.31 17.46 21.40
C ALA E 162 30.79 17.00 20.07
N TYR E 163 31.50 16.06 19.44
CA TYR E 163 31.06 15.43 18.18
C TYR E 163 29.72 14.71 18.38
N ALA E 164 29.60 13.98 19.48
CA ALA E 164 28.35 13.28 19.79
C ALA E 164 27.17 14.23 19.83
N ALA E 165 27.38 15.37 20.49
CA ALA E 165 26.35 16.35 20.68
C ALA E 165 25.93 17.00 19.36
N ARG E 166 26.91 17.37 18.56
CA ARG E 166 26.62 17.97 17.28
C ARG E 166 25.88 17.00 16.32
N ILE E 167 26.29 15.72 16.30
CA ILE E 167 25.65 14.74 15.43
C ILE E 167 24.17 14.60 15.79
N ALA E 168 23.86 14.59 17.08
CA ALA E 168 22.48 14.46 17.52
C ALA E 168 21.65 15.65 17.01
N LEU E 169 22.20 16.85 17.12
CA LEU E 169 21.54 18.03 16.57
C LEU E 169 21.32 17.89 15.06
N GLU E 170 22.35 17.51 14.33
CA GLU E 170 22.28 17.46 12.88
C GLU E 170 21.25 16.45 12.38
N LEU E 171 21.06 15.34 13.12
CA LEU E 171 20.19 14.26 12.69
C LEU E 171 18.74 14.46 13.14
N GLY E 172 18.49 15.47 13.94
CA GLY E 172 17.11 15.85 14.26
C GLY E 172 16.64 15.60 15.69
N ALA E 173 17.55 15.29 16.60
CA ALA E 173 17.21 15.10 18.00
C ALA E 173 16.49 16.36 18.55
N ASP E 174 15.47 16.13 19.34
CA ASP E 174 14.78 17.19 20.05
C ASP E 174 15.34 17.39 21.46
N ALA E 175 15.98 16.35 21.96
CA ALA E 175 16.82 16.39 23.15
C ALA E 175 17.87 15.28 22.99
N MET E 176 18.94 15.34 23.76
CA MET E 176 20.00 14.35 23.68
C MET E 176 20.59 13.96 25.04
N LYS E 177 21.17 12.77 25.05
CA LYS E 177 21.85 12.24 26.21
C LYS E 177 23.25 11.86 25.75
N ILE E 178 24.25 12.46 26.40
CA ILE E 178 25.64 12.24 26.09
C ILE E 178 26.48 12.04 27.36
N LYS E 179 27.67 11.49 27.19
CA LYS E 179 28.58 11.23 28.31
C LYS E 179 29.25 12.52 28.77
N TYR E 180 29.53 12.58 30.07
CA TYR E 180 30.24 13.70 30.67
C TYR E 180 31.74 13.61 30.38
N THR E 181 32.37 14.75 30.13
CA THR E 181 33.80 14.82 29.86
C THR E 181 34.64 14.80 31.13
N GLY E 182 34.01 15.04 32.27
CA GLY E 182 34.73 15.06 33.54
C GLY E 182 35.03 16.47 34.05
N ASP E 183 34.77 17.49 33.23
CA ASP E 183 34.89 18.87 33.70
C ASP E 183 33.97 19.83 32.95
N PRO E 184 33.52 20.88 33.66
CA PRO E 184 32.54 21.82 33.09
C PRO E 184 32.99 22.65 31.90
N LYS E 185 34.27 22.97 31.80
CA LYS E 185 34.74 23.77 30.66
C LYS E 185 34.60 23.02 29.32
N THR E 186 35.10 21.79 29.26
CA THR E 186 35.05 21.00 28.03
C THR E 186 33.61 20.58 27.74
N PHE E 187 32.84 20.26 28.79
CA PHE E 187 31.46 19.87 28.57
C PHE E 187 30.64 21.03 28.03
N SER E 188 30.97 22.27 28.41
CA SER E 188 30.21 23.42 27.93
C SER E 188 30.39 23.66 26.41
N TRP E 189 31.49 23.21 25.85
CA TRP E 189 31.67 23.20 24.38
C TRP E 189 30.65 22.23 23.70
N ALA E 190 30.48 21.04 24.25
CA ALA E 190 29.46 20.12 23.78
C ALA E 190 28.05 20.73 23.86
N VAL E 191 27.74 21.36 24.98
CA VAL E 191 26.46 22.01 25.16
C VAL E 191 26.26 23.13 24.14
N LYS E 192 27.32 23.89 23.89
CA LYS E 192 27.25 24.99 22.93
C LYS E 192 26.98 24.51 21.51
N VAL E 193 27.68 23.46 21.06
CA VAL E 193 27.53 23.00 19.67
C VAL E 193 26.17 22.29 19.48
N ALA E 194 25.54 21.89 20.58
CA ALA E 194 24.19 21.33 20.55
C ALA E 194 23.13 22.39 20.27
N GLY E 195 23.50 23.65 20.40
CA GLY E 195 22.63 24.76 20.05
C GLY E 195 21.33 24.75 20.83
N LYS E 196 20.21 24.78 20.12
CA LYS E 196 18.87 24.81 20.70
C LYS E 196 18.40 23.49 21.28
N VAL E 197 19.16 22.44 21.09
CA VAL E 197 18.74 21.13 21.58
C VAL E 197 19.34 20.95 22.98
N PRO E 198 18.48 20.68 23.96
CA PRO E 198 18.97 20.43 25.31
C PRO E 198 19.73 19.13 25.47
N VAL E 199 20.71 19.19 26.38
CA VAL E 199 21.64 18.14 26.70
C VAL E 199 21.39 17.62 28.11
N LEU E 200 21.22 16.30 28.20
CA LEU E 200 21.20 15.56 29.45
C LEU E 200 22.50 14.77 29.57
N MET E 201 23.11 14.84 30.74
CA MET E 201 24.27 14.05 31.09
C MET E 201 23.85 12.62 31.42
N SER E 202 24.54 11.65 30.83
CA SER E 202 24.46 10.27 31.20
C SER E 202 25.17 10.03 32.54
N GLY E 203 24.49 9.39 33.48
CA GLY E 203 25.02 9.24 34.82
C GLY E 203 26.31 8.43 34.93
N GLY E 204 26.40 7.36 34.14
CA GLY E 204 27.56 6.48 34.15
C GLY E 204 27.60 5.46 35.28
N PRO E 205 28.72 4.73 35.38
CA PRO E 205 28.91 3.77 36.47
C PRO E 205 28.80 4.40 37.84
N LYS E 206 28.31 3.65 38.82
CA LYS E 206 28.19 4.12 40.20
C LYS E 206 29.55 4.65 40.68
N THR E 207 29.58 5.89 41.15
CA THR E 207 30.79 6.51 41.63
C THR E 207 31.18 5.95 43.00
N LYS E 208 32.44 6.16 43.38
CA LYS E 208 32.96 5.65 44.65
C LYS E 208 32.24 6.28 45.84
N THR E 209 31.97 7.57 45.76
CA THR E 209 31.18 8.25 46.78
C THR E 209 30.01 8.99 46.13
N GLU E 210 29.00 9.27 46.94
CA GLU E 210 27.88 10.10 46.54
C GLU E 210 28.36 11.50 46.18
N GLU E 211 29.40 11.96 46.87
CA GLU E 211 29.99 13.28 46.66
C GLU E 211 30.63 13.43 45.28
N ASP E 212 31.25 12.37 44.78
CA ASP E 212 31.86 12.37 43.45
C ASP E 212 30.81 12.59 42.36
N PHE E 213 29.66 11.93 42.52
CA PHE E 213 28.60 12.04 41.55
C PHE E 213 27.93 13.38 41.56
N LEU E 214 27.72 13.91 42.78
CA LEU E 214 27.17 15.23 42.91
C LEU E 214 28.09 16.19 42.15
N LYS E 215 29.42 16.02 42.27
CA LYS E 215 30.37 17.03 41.74
C LYS E 215 30.33 17.03 40.24
N GLN E 216 30.13 15.84 39.69
CA GLN E 216 29.96 15.65 38.25
C GLN E 216 28.67 16.31 37.77
N VAL E 217 27.58 16.07 38.50
CA VAL E 217 26.34 16.80 38.25
C VAL E 217 26.51 18.32 38.36
N GLU E 218 27.23 18.83 39.37
CA GLU E 218 27.42 20.29 39.57
C GLU E 218 28.03 20.86 38.28
N GLY E 219 29.06 20.16 37.79
CA GLY E 219 29.79 20.61 36.61
C GLY E 219 28.98 20.55 35.34
N VAL E 220 28.10 19.56 35.27
CA VAL E 220 27.19 19.44 34.17
C VAL E 220 26.25 20.65 34.15
N LEU E 221 25.72 21.02 35.31
CA LEU E 221 24.81 22.18 35.38
C LEU E 221 25.53 23.48 35.01
N GLU E 222 26.76 23.63 35.50
CA GLU E 222 27.59 24.83 35.26
C GLU E 222 27.91 24.99 33.80
N ALA E 223 27.95 23.87 33.11
CA ALA E 223 28.23 23.85 31.70
C ALA E 223 27.03 24.27 30.87
N GLY E 224 25.85 24.38 31.49
CA GLY E 224 24.64 24.85 30.83
C GLY E 224 23.71 23.75 30.35
N ALA E 225 23.94 22.52 30.80
CA ALA E 225 23.11 21.38 30.39
C ALA E 225 21.73 21.47 31.06
N LEU E 226 20.76 20.78 30.48
CA LEU E 226 19.41 20.74 31.00
C LEU E 226 19.32 19.92 32.27
N GLY E 227 20.16 18.90 32.39
CA GLY E 227 20.10 18.03 33.52
C GLY E 227 20.72 16.67 33.26
N ILE E 228 20.17 15.66 33.91
CA ILE E 228 20.80 14.35 33.94
C ILE E 228 19.77 13.26 33.64
N ALA E 229 20.24 12.22 32.93
CA ALA E 229 19.52 10.98 32.79
C ALA E 229 20.34 9.97 33.58
N VAL E 230 19.85 9.59 34.74
CA VAL E 230 20.64 8.80 35.67
C VAL E 230 19.95 7.47 35.99
N GLY E 231 20.75 6.42 36.08
CA GLY E 231 20.25 5.09 36.35
C GLY E 231 20.96 4.55 37.56
N ARG E 232 22.16 4.02 37.33
CA ARG E 232 22.89 3.29 38.37
C ARG E 232 23.21 4.13 39.60
N ASN E 233 23.57 5.39 39.39
CA ASN E 233 23.95 6.24 40.51
C ASN E 233 22.80 6.58 41.46
N VAL E 234 21.56 6.26 41.05
CA VAL E 234 20.42 6.25 41.96
C VAL E 234 20.07 4.84 42.41
N TRP E 235 19.58 3.99 41.51
CA TRP E 235 18.96 2.73 41.95
C TRP E 235 19.93 1.58 42.31
N GLN E 236 21.22 1.75 42.03
CA GLN E 236 22.22 0.79 42.52
C GLN E 236 22.58 1.03 43.99
N ARG E 237 22.10 2.12 44.58
CA ARG E 237 22.39 2.46 45.97
C ARG E 237 21.28 2.02 46.92
N ARG E 238 21.66 1.50 48.08
CA ARG E 238 20.69 1.03 49.07
C ARG E 238 19.92 2.19 49.68
N ASP E 239 20.55 3.38 49.73
CA ASP E 239 19.85 4.62 50.07
C ASP E 239 19.36 5.38 48.82
N ALA E 240 18.74 4.67 47.89
CA ALA E 240 18.39 5.25 46.59
C ALA E 240 17.50 6.46 46.73
N LEU E 241 16.48 6.36 47.58
CA LEU E 241 15.49 7.43 47.69
C LEU E 241 16.12 8.68 48.28
N LYS E 242 16.89 8.50 49.34
CA LYS E 242 17.56 9.60 50.03
C LYS E 242 18.51 10.34 49.09
N PHE E 243 19.29 9.58 48.34
CA PHE E 243 20.21 10.17 47.38
C PHE E 243 19.50 10.83 46.22
N ALA E 244 18.38 10.23 45.80
CA ALA E 244 17.58 10.78 44.71
C ALA E 244 17.05 12.15 45.09
N ARG E 245 16.57 12.30 46.33
CA ARG E 245 16.04 13.57 46.82
C ARG E 245 17.17 14.61 46.93
N ALA E 246 18.38 14.20 47.29
CA ALA E 246 19.51 15.14 47.28
C ALA E 246 19.85 15.62 45.86
N LEU E 247 19.69 14.73 44.89
CA LEU E 247 19.87 15.11 43.49
C LEU E 247 18.82 16.11 43.05
N ALA E 248 17.58 15.85 43.41
CA ALA E 248 16.47 16.76 43.12
C ALA E 248 16.77 18.16 43.70
N GLU E 249 17.22 18.20 44.95
CA GLU E 249 17.55 19.46 45.62
C GLU E 249 18.59 20.20 44.76
N LEU E 250 19.63 19.49 44.35
CA LEU E 250 20.72 20.11 43.60
C LEU E 250 20.33 20.58 42.17
N VAL E 251 19.59 19.74 41.46
CA VAL E 251 19.24 20.05 40.10
C VAL E 251 18.14 21.10 39.96
N TYR E 252 17.02 20.88 40.64
CA TYR E 252 15.89 21.80 40.56
C TYR E 252 16.17 23.05 41.42
N GLY E 253 16.97 22.86 42.46
CA GLY E 253 17.24 23.91 43.41
C GLY E 253 18.56 24.63 43.22
N GLY E 254 19.68 23.89 43.29
CA GLY E 254 21.02 24.44 43.53
C GLY E 254 21.33 25.65 42.65
N LYS E 255 20.63 25.72 41.61
N ASN F 3 -12.58 -23.96 11.16
CA ASN F 3 -14.07 -24.06 11.28
C ASN F 3 -14.60 -23.12 12.37
N LEU F 4 -15.11 -21.99 11.94
CA LEU F 4 -15.50 -20.93 12.86
C LEU F 4 -16.85 -21.18 13.55
N THR F 5 -17.71 -21.97 12.93
CA THR F 5 -18.93 -22.42 13.58
C THR F 5 -18.58 -23.24 14.83
N GLU F 6 -17.60 -24.12 14.71
CA GLU F 6 -17.17 -24.96 15.84
C GLU F 6 -16.54 -24.12 16.96
N LYS F 7 -15.76 -23.11 16.59
CA LYS F 7 -15.22 -22.17 17.58
C LYS F 7 -16.37 -21.41 18.28
N PHE F 8 -17.34 -20.95 17.51
CA PHE F 8 -18.52 -20.31 18.08
C PHE F 8 -19.21 -21.21 19.09
N LEU F 9 -19.45 -22.46 18.72
CA LEU F 9 -20.16 -23.40 19.57
C LEU F 9 -19.38 -23.67 20.86
N ARG F 10 -18.07 -23.77 20.74
CA ARG F 10 -17.16 -24.06 21.86
C ARG F 10 -17.25 -22.92 22.91
N ILE F 11 -17.31 -21.68 22.46
CA ILE F 11 -17.24 -20.53 23.33
C ILE F 11 -18.63 -20.15 23.83
N PHE F 12 -19.62 -20.15 22.95
CA PHE F 12 -20.96 -19.64 23.24
C PHE F 12 -22.03 -20.72 23.45
N ALA F 13 -21.67 -21.99 23.32
CA ALA F 13 -22.65 -23.07 23.48
C ALA F 13 -22.02 -24.32 24.07
N ARG F 14 -21.21 -24.13 25.12
CA ARG F 14 -20.47 -25.25 25.70
C ARG F 14 -21.38 -26.33 26.28
N ARG F 15 -22.58 -25.94 26.69
CA ARG F 15 -23.57 -26.89 27.20
C ARG F 15 -24.48 -27.49 26.11
N GLY F 16 -24.26 -27.14 24.85
CA GLY F 16 -25.04 -27.70 23.76
C GLY F 16 -26.15 -26.76 23.27
N LYS F 17 -26.50 -25.79 24.12
CA LYS F 17 -27.44 -24.73 23.76
C LYS F 17 -26.88 -23.39 24.23
N SER F 18 -27.47 -22.30 23.77
CA SER F 18 -26.88 -20.98 23.97
C SER F 18 -27.91 -19.93 24.39
N ILE F 19 -27.55 -19.09 25.37
CA ILE F 19 -28.25 -17.86 25.63
C ILE F 19 -27.26 -16.71 25.56
N ILE F 20 -27.54 -15.76 24.67
CA ILE F 20 -26.74 -14.53 24.53
C ILE F 20 -27.60 -13.36 25.02
N LEU F 21 -27.04 -12.52 25.89
CA LEU F 21 -27.73 -11.33 26.36
C LEU F 21 -27.38 -10.16 25.43
N ALA F 22 -28.36 -9.73 24.64
CA ALA F 22 -28.16 -8.70 23.65
C ALA F 22 -28.31 -7.31 24.24
N TYR F 23 -27.42 -6.39 23.90
CA TYR F 23 -27.43 -5.06 24.48
C TYR F 23 -26.87 -4.01 23.53
N ASP F 24 -27.28 -4.10 22.27
CA ASP F 24 -27.02 -3.06 21.27
C ASP F 24 -28.17 -2.05 21.15
N HIS F 25 -29.10 -2.10 22.09
CA HIS F 25 -30.34 -1.37 21.94
C HIS F 25 -30.19 0.12 22.14
N GLY F 26 -29.12 0.53 22.82
CA GLY F 26 -28.90 1.94 23.10
C GLY F 26 -28.75 2.71 21.79
N ILE F 27 -28.12 2.14 20.79
CA ILE F 27 -28.09 2.80 19.49
C ILE F 27 -29.34 2.51 18.64
N GLU F 28 -29.76 1.24 18.60
CA GLU F 28 -30.84 0.79 17.71
C GLU F 28 -32.20 1.36 18.06
N HIS F 29 -32.54 1.38 19.35
CA HIS F 29 -33.83 1.91 19.85
C HIS F 29 -33.71 3.16 20.70
N GLY F 30 -32.54 3.37 21.27
CA GLY F 30 -32.35 4.45 22.20
C GLY F 30 -32.78 4.09 23.60
N PRO F 31 -32.51 5.01 24.52
CA PRO F 31 -32.71 4.74 25.95
C PRO F 31 -34.16 4.68 26.45
N ALA F 32 -35.18 4.92 25.64
CA ALA F 32 -36.57 4.66 26.03
C ALA F 32 -36.78 3.19 26.46
N ASP F 33 -36.11 2.26 25.78
CA ASP F 33 -36.04 0.85 26.19
C ASP F 33 -35.64 0.65 27.67
N PHE F 34 -34.88 1.57 28.25
CA PHE F 34 -34.33 1.40 29.60
C PHE F 34 -35.21 1.98 30.71
N MET F 35 -36.35 2.60 30.37
CA MET F 35 -37.19 3.26 31.40
C MET F 35 -37.91 2.27 32.32
N ASP F 36 -38.43 1.17 31.76
CA ASP F 36 -39.10 0.10 32.52
C ASP F 36 -38.28 -0.42 33.72
N ASN F 37 -36.97 -0.60 33.53
CA ASN F 37 -36.05 -1.07 34.55
C ASN F 37 -34.74 -0.26 34.44
N PRO F 38 -34.69 0.93 35.08
CA PRO F 38 -33.61 1.91 34.86
C PRO F 38 -32.15 1.43 35.06
N ASP F 39 -31.95 0.38 35.85
CA ASP F 39 -30.62 -0.22 35.96
C ASP F 39 -30.08 -0.73 34.62
N SER F 40 -30.99 -1.10 33.72
CA SER F 40 -30.65 -1.60 32.38
C SER F 40 -29.86 -0.60 31.55
N ALA F 41 -29.88 0.68 31.90
CA ALA F 41 -29.07 1.69 31.21
C ALA F 41 -27.58 1.60 31.53
N ASP F 42 -27.25 0.90 32.61
CA ASP F 42 -25.88 0.71 33.08
C ASP F 42 -25.29 -0.61 32.52
N PRO F 43 -24.30 -0.55 31.64
CA PRO F 43 -23.71 -1.77 31.09
C PRO F 43 -23.07 -2.67 32.15
N GLU F 44 -22.63 -2.11 33.28
CA GLU F 44 -22.07 -2.91 34.37
C GLU F 44 -23.12 -3.89 34.92
N TYR F 45 -24.35 -3.39 35.11
CA TYR F 45 -25.49 -4.23 35.48
C TYR F 45 -25.75 -5.36 34.46
N ILE F 46 -25.56 -5.09 33.18
CA ILE F 46 -25.82 -6.07 32.10
C ILE F 46 -24.76 -7.22 31.93
N LEU F 47 -23.50 -6.87 32.15
CA LEU F 47 -22.46 -7.86 32.45
C LEU F 47 -22.73 -8.69 33.71
N ARG F 48 -23.03 -8.05 34.84
CA ARG F 48 -23.30 -8.77 36.07
C ARG F 48 -24.38 -9.83 35.71
N LEU F 49 -25.34 -9.42 34.88
CA LEU F 49 -26.63 -10.11 34.81
C LEU F 49 -26.40 -11.38 34.11
N ALA F 50 -25.59 -11.20 33.08
CA ALA F 50 -25.16 -12.26 32.23
C ALA F 50 -24.38 -13.28 33.01
N ARG F 51 -23.54 -12.80 33.92
CA ARG F 51 -22.68 -13.66 34.73
C ARG F 51 -23.47 -14.41 35.82
N ASP F 52 -24.36 -13.71 36.51
CA ASP F 52 -25.12 -14.32 37.59
C ASP F 52 -26.15 -15.31 37.08
N ALA F 53 -26.63 -15.14 35.84
CA ALA F 53 -27.60 -16.07 35.28
C ALA F 53 -26.91 -17.24 34.58
N GLY F 54 -25.59 -17.17 34.42
CA GLY F 54 -24.82 -18.20 33.74
C GLY F 54 -25.02 -18.23 32.22
N PHE F 55 -25.27 -17.08 31.61
CA PHE F 55 -25.45 -16.97 30.17
C PHE F 55 -24.10 -17.09 29.46
N ASP F 56 -24.15 -17.35 28.16
CA ASP F 56 -22.96 -17.64 27.36
C ASP F 56 -22.23 -16.43 26.81
N GLY F 57 -22.94 -15.30 26.65
CA GLY F 57 -22.33 -14.14 26.04
C GLY F 57 -23.15 -12.88 26.18
N VAL F 58 -22.55 -11.75 25.82
CA VAL F 58 -23.21 -10.46 25.67
C VAL F 58 -22.89 -9.87 24.32
N VAL F 59 -23.79 -9.02 23.82
CA VAL F 59 -23.59 -8.29 22.59
C VAL F 59 -23.51 -6.80 22.90
N PHE F 60 -22.36 -6.19 22.57
CA PHE F 60 -22.13 -4.77 22.73
C PHE F 60 -21.68 -4.13 21.44
N GLN F 61 -22.06 -2.87 21.26
CA GLN F 61 -21.43 -2.00 20.28
C GLN F 61 -20.05 -1.60 20.81
N ARG F 62 -19.21 -1.02 19.97
CA ARG F 62 -17.80 -0.80 20.28
C ARG F 62 -17.59 0.14 21.45
N GLY F 63 -18.44 1.16 21.57
CA GLY F 63 -18.27 2.12 22.63
C GLY F 63 -18.55 1.56 24.01
N ILE F 64 -19.56 0.71 24.11
CA ILE F 64 -19.87 0.03 25.35
C ILE F 64 -18.76 -0.96 25.68
N ALA F 65 -18.27 -1.71 24.69
CA ALA F 65 -17.19 -2.64 24.92
C ALA F 65 -15.94 -1.90 25.42
N GLU F 66 -15.58 -0.80 24.78
CA GLU F 66 -14.35 -0.09 25.11
C GLU F 66 -14.38 0.46 26.56
N LYS F 67 -15.54 0.97 26.96
CA LYS F 67 -15.67 1.64 28.24
C LYS F 67 -15.99 0.67 29.38
N TYR F 68 -16.61 -0.45 29.08
CA TYR F 68 -17.18 -1.32 30.14
C TYR F 68 -16.77 -2.79 30.09
N TYR F 69 -16.42 -3.32 28.92
CA TYR F 69 -16.17 -4.76 28.87
C TYR F 69 -15.00 -5.15 29.73
N ASP F 70 -15.18 -6.17 30.54
CA ASP F 70 -14.17 -6.55 31.55
C ASP F 70 -13.70 -8.02 31.42
N GLY F 71 -14.06 -8.69 30.32
CA GLY F 71 -13.61 -10.04 30.10
C GLY F 71 -14.38 -11.11 30.86
N SER F 72 -15.45 -10.75 31.54
CA SER F 72 -16.09 -11.68 32.49
C SER F 72 -17.09 -12.63 31.81
N VAL F 73 -17.54 -12.27 30.62
CA VAL F 73 -18.48 -13.06 29.84
C VAL F 73 -18.02 -12.92 28.37
N PRO F 74 -18.01 -13.99 27.58
CA PRO F 74 -17.64 -13.86 26.16
C PRO F 74 -18.43 -12.79 25.39
N LEU F 75 -17.74 -12.02 24.55
CA LEU F 75 -18.30 -10.85 23.92
C LEU F 75 -18.48 -11.04 22.44
N ILE F 76 -19.67 -10.71 21.93
CA ILE F 76 -19.93 -10.53 20.52
C ILE F 76 -19.98 -9.03 20.27
N LEU F 77 -19.04 -8.53 19.49
CA LEU F 77 -18.98 -7.12 19.16
C LEU F 77 -19.85 -6.89 17.94
N LYS F 78 -20.94 -6.19 18.11
CA LYS F 78 -21.84 -5.82 17.03
C LYS F 78 -21.22 -4.65 16.28
N LEU F 79 -20.87 -4.89 15.01
CA LEU F 79 -20.06 -3.96 14.25
C LEU F 79 -20.83 -2.83 13.63
N ASN F 80 -22.06 -3.08 13.22
CA ASN F 80 -22.89 -2.04 12.64
C ASN F 80 -24.06 -1.66 13.50
N GLY F 81 -24.60 -0.49 13.26
CA GLY F 81 -25.75 0.03 13.99
C GLY F 81 -26.41 1.14 13.23
N LYS F 82 -27.73 1.22 13.38
CA LYS F 82 -28.56 2.34 12.92
C LYS F 82 -29.52 2.78 14.05
N THR F 83 -30.22 3.88 13.84
CA THR F 83 -31.21 4.36 14.82
C THR F 83 -32.60 4.19 14.27
N THR F 84 -33.61 4.23 15.16
CA THR F 84 -35.02 4.31 14.75
C THR F 84 -35.44 5.69 14.33
N LEU F 85 -34.59 6.68 14.54
CA LEU F 85 -34.87 8.02 14.05
C LEU F 85 -34.76 8.09 12.53
N TYR F 86 -33.98 7.19 11.98
CA TYR F 86 -33.79 7.11 10.55
C TYR F 86 -35.05 6.63 9.82
N ASN F 87 -35.32 7.25 8.68
CA ASN F 87 -36.50 7.03 7.88
C ASN F 87 -36.28 6.48 6.46
N GLY F 88 -35.05 6.43 5.96
CA GLY F 88 -34.82 5.89 4.61
C GLY F 88 -35.02 4.37 4.45
N GLU F 89 -34.60 3.85 3.29
CA GLU F 89 -34.57 2.41 3.09
C GLU F 89 -33.53 1.85 4.08
N PRO F 90 -33.88 0.76 4.76
CA PRO F 90 -33.05 0.27 5.88
C PRO F 90 -31.58 0.03 5.54
N VAL F 91 -30.71 0.63 6.33
CA VAL F 91 -29.29 0.45 6.13
C VAL F 91 -28.59 0.64 7.48
N SER F 92 -27.56 -0.16 7.72
CA SER F 92 -26.78 -0.09 8.94
C SER F 92 -25.34 -0.40 8.59
N VAL F 93 -24.45 0.57 8.78
CA VAL F 93 -23.07 0.43 8.39
C VAL F 93 -22.16 0.21 9.57
N ALA F 94 -21.01 -0.40 9.29
CA ALA F 94 -20.04 -0.69 10.33
C ALA F 94 -19.48 0.59 10.91
N ASN F 95 -19.46 0.67 12.22
CA ASN F 95 -18.81 1.75 12.97
C ASN F 95 -17.50 1.27 13.63
N CYS F 96 -17.15 0.02 13.34
CA CYS F 96 -16.01 -0.66 13.94
C CYS F 96 -15.52 -1.75 12.98
N SER F 97 -14.22 -2.00 12.97
CA SER F 97 -13.60 -3.08 12.19
C SER F 97 -13.43 -4.34 13.03
N VAL F 98 -13.19 -5.46 12.36
CA VAL F 98 -12.92 -6.72 13.03
C VAL F 98 -11.63 -6.63 13.82
N GLU F 99 -10.62 -6.01 13.24
CA GLU F 99 -9.35 -5.82 13.95
C GLU F 99 -9.51 -5.09 15.29
N GLU F 100 -10.31 -4.03 15.30
CA GLU F 100 -10.58 -3.31 16.54
C GLU F 100 -11.37 -4.17 17.53
N ALA F 101 -12.32 -4.96 17.02
CA ALA F 101 -13.12 -5.85 17.85
C ALA F 101 -12.22 -6.81 18.59
N VAL F 102 -11.25 -7.38 17.87
CA VAL F 102 -10.25 -8.26 18.45
C VAL F 102 -9.53 -7.58 19.61
N SER F 103 -9.13 -6.32 19.43
CA SER F 103 -8.40 -5.60 20.46
C SER F 103 -9.28 -5.24 21.65
N LEU F 104 -10.58 -5.17 21.45
CA LEU F 104 -11.53 -4.90 22.54
C LEU F 104 -11.95 -6.16 23.30
N GLY F 105 -11.42 -7.31 22.90
CA GLY F 105 -11.65 -8.57 23.60
C GLY F 105 -12.80 -9.43 23.09
N ALA F 106 -13.27 -9.15 21.88
CA ALA F 106 -14.38 -9.91 21.31
C ALA F 106 -13.94 -11.35 20.98
N SER F 107 -14.87 -12.28 21.18
CA SER F 107 -14.74 -13.67 20.75
C SER F 107 -15.53 -13.95 19.47
N ALA F 108 -16.35 -12.99 19.06
CA ALA F 108 -17.06 -13.05 17.79
C ALA F 108 -17.49 -11.66 17.39
N VAL F 109 -17.88 -11.51 16.13
CA VAL F 109 -18.39 -10.25 15.62
C VAL F 109 -19.78 -10.44 15.07
N GLY F 110 -20.58 -9.39 15.14
CA GLY F 110 -21.97 -9.42 14.69
C GLY F 110 -22.19 -8.36 13.64
N TYR F 111 -23.10 -8.62 12.72
CA TYR F 111 -23.42 -7.70 11.65
C TYR F 111 -24.86 -7.97 11.17
N THR F 112 -25.64 -6.91 11.07
CA THR F 112 -27.01 -6.94 10.57
C THR F 112 -27.07 -6.66 9.07
N ILE F 113 -27.83 -7.51 8.37
CA ILE F 113 -28.23 -7.27 7.01
C ILE F 113 -29.75 -7.13 6.94
N TYR F 114 -30.22 -6.32 6.01
CA TYR F 114 -31.65 -6.16 5.75
C TYR F 114 -31.95 -6.57 4.30
N PRO F 115 -32.03 -7.87 4.04
CA PRO F 115 -32.40 -8.34 2.70
C PRO F 115 -33.70 -7.70 2.21
N GLY F 116 -33.74 -7.26 0.96
CA GLY F 116 -34.92 -6.63 0.43
C GLY F 116 -34.84 -5.12 0.44
N SER F 117 -34.05 -4.55 1.35
CA SER F 117 -33.86 -3.09 1.38
C SER F 117 -33.35 -2.56 0.04
N GLY F 118 -33.74 -1.34 -0.31
CA GLY F 118 -33.14 -0.62 -1.42
C GLY F 118 -31.62 -0.51 -1.30
N PHE F 119 -31.11 -0.61 -0.07
CA PHE F 119 -29.67 -0.63 0.18
C PHE F 119 -29.10 -2.00 0.52
N GLU F 120 -29.78 -3.08 0.15
CA GLU F 120 -29.28 -4.43 0.52
C GLU F 120 -27.85 -4.60 0.03
N TRP F 121 -27.57 -4.07 -1.14
CA TRP F 121 -26.26 -4.18 -1.75
C TRP F 121 -25.15 -3.53 -0.91
N LYS F 122 -25.46 -2.44 -0.20
CA LYS F 122 -24.45 -1.75 0.57
C LYS F 122 -24.03 -2.63 1.73
N MET F 123 -25.00 -3.30 2.35
CA MET F 123 -24.65 -4.18 3.44
C MET F 123 -23.99 -5.49 2.97
N PHE F 124 -24.41 -6.04 1.83
CA PHE F 124 -23.71 -7.22 1.27
C PHE F 124 -22.27 -6.93 0.88
N GLU F 125 -22.02 -5.79 0.31
CA GLU F 125 -20.67 -5.33 -0.02
C GLU F 125 -19.80 -5.22 1.26
N GLU F 126 -20.33 -4.56 2.29
CA GLU F 126 -19.56 -4.40 3.50
C GLU F 126 -19.38 -5.72 4.23
N LEU F 127 -20.42 -6.56 4.27
CA LEU F 127 -20.33 -7.87 4.89
C LEU F 127 -19.21 -8.71 4.28
N ALA F 128 -19.00 -8.58 2.97
CA ALA F 128 -17.93 -9.27 2.26
C ALA F 128 -16.57 -8.95 2.86
N ARG F 129 -16.34 -7.67 3.22
CA ARG F 129 -15.08 -7.26 3.83
C ARG F 129 -14.96 -7.77 5.26
N ILE F 130 -16.05 -7.66 6.02
CA ILE F 130 -16.10 -8.14 7.39
C ILE F 130 -15.91 -9.66 7.46
N LYS F 131 -16.56 -10.40 6.56
CA LYS F 131 -16.39 -11.85 6.51
C LYS F 131 -14.93 -12.21 6.29
N ARG F 132 -14.31 -11.56 5.32
CA ARG F 132 -12.91 -11.76 5.00
C ARG F 132 -12.00 -11.49 6.19
N ASP F 133 -12.25 -10.39 6.90
CA ASP F 133 -11.51 -10.09 8.11
C ASP F 133 -11.79 -11.06 9.24
N ALA F 134 -13.03 -11.52 9.38
CA ALA F 134 -13.37 -12.48 10.42
C ALA F 134 -12.57 -13.76 10.23
N VAL F 135 -12.45 -14.24 8.99
CA VAL F 135 -11.64 -15.42 8.71
C VAL F 135 -10.17 -15.12 9.08
N LYS F 136 -9.67 -13.97 8.65
CA LYS F 136 -8.28 -13.61 8.88
C LYS F 136 -7.93 -13.54 10.38
N PHE F 137 -8.82 -12.98 11.19
CA PHE F 137 -8.62 -12.86 12.64
C PHE F 137 -9.18 -14.04 13.41
N ASP F 138 -9.76 -15.02 12.71
CA ASP F 138 -10.32 -16.24 13.35
C ASP F 138 -11.39 -15.92 14.40
N LEU F 139 -12.27 -14.99 14.06
CA LEU F 139 -13.41 -14.63 14.89
C LEU F 139 -14.68 -15.05 14.17
N PRO F 140 -15.54 -15.86 14.80
CA PRO F 140 -16.82 -16.21 14.18
C PRO F 140 -17.65 -15.01 13.83
N LEU F 141 -18.33 -15.08 12.70
CA LEU F 141 -19.23 -14.05 12.24
C LEU F 141 -20.65 -14.45 12.52
N VAL F 142 -21.35 -13.62 13.30
CA VAL F 142 -22.76 -13.85 13.62
C VAL F 142 -23.59 -12.82 12.85
N VAL F 143 -24.46 -13.30 11.96
CA VAL F 143 -25.28 -12.43 11.14
C VAL F 143 -26.70 -12.32 11.71
N TRP F 144 -27.12 -11.09 11.97
CA TRP F 144 -28.51 -10.75 12.27
C TRP F 144 -29.18 -10.60 10.92
N SER F 145 -30.04 -11.53 10.55
CA SER F 145 -30.64 -11.53 9.20
C SER F 145 -32.09 -11.11 9.29
N TYR F 146 -32.34 -9.86 8.95
CA TYR F 146 -33.63 -9.20 9.19
C TYR F 146 -34.17 -8.59 7.89
N PRO F 147 -34.82 -9.39 7.05
CA PRO F 147 -35.41 -8.85 5.83
C PRO F 147 -36.33 -7.69 6.19
N ARG F 148 -36.18 -6.59 5.45
CA ARG F 148 -36.88 -5.35 5.71
C ARG F 148 -36.74 -4.43 4.51
N GLY F 149 -37.82 -3.76 4.16
CA GLY F 149 -37.88 -2.91 2.99
C GLY F 149 -38.22 -3.75 1.76
N GLY F 150 -38.20 -3.11 0.60
CA GLY F 150 -38.56 -3.80 -0.63
C GLY F 150 -39.95 -4.42 -0.54
N LYS F 151 -40.04 -5.71 -0.87
CA LYS F 151 -41.32 -6.43 -0.88
C LYS F 151 -41.73 -7.01 0.48
N VAL F 152 -40.93 -6.82 1.52
CA VAL F 152 -41.19 -7.47 2.80
C VAL F 152 -42.31 -6.71 3.45
N VAL F 153 -43.42 -7.39 3.74
CA VAL F 153 -44.55 -6.75 4.43
C VAL F 153 -44.67 -7.25 5.87
N ASN F 154 -44.70 -8.56 6.07
CA ASN F 154 -44.72 -9.19 7.40
C ASN F 154 -43.38 -9.91 7.69
N GLU F 155 -42.63 -9.42 8.66
CA GLU F 155 -41.27 -9.89 8.89
C GLU F 155 -41.16 -11.24 9.58
N THR F 156 -42.22 -11.65 10.26
CA THR F 156 -42.26 -12.96 10.91
C THR F 156 -43.01 -14.01 10.09
N ALA F 157 -43.38 -13.67 8.86
CA ALA F 157 -44.01 -14.68 7.99
C ALA F 157 -43.02 -15.84 7.77
N PRO F 158 -43.52 -17.08 7.78
CA PRO F 158 -42.67 -18.27 7.62
C PRO F 158 -41.68 -18.22 6.46
N GLU F 159 -42.13 -17.75 5.31
CA GLU F 159 -41.28 -17.72 4.13
C GLU F 159 -40.21 -16.64 4.20
N ILE F 160 -40.48 -15.55 4.91
CA ILE F 160 -39.51 -14.48 5.09
C ILE F 160 -38.42 -14.90 6.06
N VAL F 161 -38.78 -15.54 7.16
CA VAL F 161 -37.81 -15.99 8.16
C VAL F 161 -36.93 -17.10 7.58
N ALA F 162 -37.51 -17.98 6.79
CA ALA F 162 -36.72 -19.04 6.13
C ALA F 162 -35.76 -18.44 5.12
N TYR F 163 -36.21 -17.44 4.37
CA TYR F 163 -35.35 -16.70 3.46
C TYR F 163 -34.21 -16.04 4.24
N ALA F 164 -34.53 -15.40 5.37
CA ALA F 164 -33.50 -14.75 6.18
C ALA F 164 -32.40 -15.74 6.59
N ALA F 165 -32.83 -16.92 7.03
CA ALA F 165 -31.92 -17.95 7.49
C ALA F 165 -31.02 -18.43 6.35
N ARG F 166 -31.61 -18.67 5.19
CA ARG F 166 -30.84 -19.17 4.04
C ARG F 166 -29.82 -18.12 3.54
N ILE F 167 -30.21 -16.84 3.54
CA ILE F 167 -29.32 -15.80 3.05
C ILE F 167 -28.09 -15.72 3.94
N ALA F 168 -28.28 -15.86 5.25
CA ALA F 168 -27.18 -15.79 6.19
C ALA F 168 -26.21 -16.94 5.95
N LEU F 169 -26.73 -18.14 5.72
CA LEU F 169 -25.89 -19.28 5.35
C LEU F 169 -25.09 -18.99 4.06
N GLU F 170 -25.79 -18.51 3.03
CA GLU F 170 -25.18 -18.33 1.71
C GLU F 170 -24.08 -17.28 1.74
N LEU F 171 -24.22 -16.25 2.57
CA LEU F 171 -23.25 -15.16 2.65
C LEU F 171 -22.07 -15.42 3.58
N GLY F 172 -22.10 -16.52 4.34
CA GLY F 172 -20.95 -16.96 5.11
C GLY F 172 -21.05 -16.87 6.62
N ALA F 173 -22.24 -16.63 7.15
CA ALA F 173 -22.45 -16.61 8.59
C ALA F 173 -21.95 -17.90 9.23
N ASP F 174 -21.31 -17.75 10.38
CA ASP F 174 -20.93 -18.90 11.20
C ASP F 174 -21.98 -19.25 12.26
N ALA F 175 -22.80 -18.25 12.59
CA ALA F 175 -24.01 -18.39 13.36
C ALA F 175 -24.94 -17.26 12.94
N MET F 176 -26.22 -17.36 13.24
CA MET F 176 -27.19 -16.33 12.83
C MET F 176 -28.27 -16.09 13.87
N LYS F 177 -28.85 -14.91 13.79
CA LYS F 177 -29.91 -14.48 14.67
C LYS F 177 -31.06 -14.03 13.77
N ILE F 178 -32.21 -14.66 13.92
CA ILE F 178 -33.39 -14.38 13.11
C ILE F 178 -34.64 -14.30 13.97
N LYS F 179 -35.69 -13.72 13.41
CA LYS F 179 -36.95 -13.57 14.12
C LYS F 179 -37.72 -14.90 14.17
N TYR F 180 -38.47 -15.09 15.26
CA TYR F 180 -39.34 -16.23 15.44
C TYR F 180 -40.61 -16.07 14.61
N THR F 181 -41.04 -17.17 14.00
CA THR F 181 -42.29 -17.19 13.23
C THR F 181 -43.55 -17.26 14.11
N GLY F 182 -43.39 -17.65 15.37
CA GLY F 182 -44.53 -17.80 16.27
C GLY F 182 -44.98 -19.24 16.48
N ASP F 183 -44.41 -20.18 15.72
CA ASP F 183 -44.67 -21.60 15.96
C ASP F 183 -43.51 -22.49 15.52
N PRO F 184 -43.32 -23.60 16.24
CA PRO F 184 -42.17 -24.50 16.00
C PRO F 184 -42.12 -25.16 14.64
N LYS F 185 -43.26 -25.46 14.02
CA LYS F 185 -43.27 -26.15 12.73
C LYS F 185 -42.68 -25.28 11.63
N THR F 186 -43.16 -24.05 11.50
CA THR F 186 -42.63 -23.14 10.48
C THR F 186 -41.20 -22.70 10.79
N PHE F 187 -40.89 -22.53 12.08
CA PHE F 187 -39.55 -22.12 12.45
C PHE F 187 -38.54 -23.22 12.16
N SER F 188 -38.95 -24.48 12.24
CA SER F 188 -38.03 -25.60 11.97
C SER F 188 -37.61 -25.66 10.49
N TRP F 189 -38.45 -25.15 9.59
CA TRP F 189 -38.08 -25.03 8.18
C TRP F 189 -36.93 -24.03 8.03
N ALA F 190 -36.99 -22.90 8.74
CA ALA F 190 -35.89 -21.95 8.75
C ALA F 190 -34.61 -22.59 9.28
N VAL F 191 -34.72 -23.34 10.37
CA VAL F 191 -33.58 -24.02 10.96
C VAL F 191 -32.97 -25.04 9.98
N LYS F 192 -33.83 -25.75 9.27
CA LYS F 192 -33.39 -26.73 8.30
C LYS F 192 -32.62 -26.09 7.15
N VAL F 193 -33.14 -24.99 6.58
CA VAL F 193 -32.47 -24.40 5.42
C VAL F 193 -31.16 -23.70 5.80
N ALA F 194 -30.99 -23.39 7.08
CA ALA F 194 -29.73 -22.88 7.62
C ALA F 194 -28.63 -23.94 7.65
N GLY F 195 -29.01 -25.21 7.54
CA GLY F 195 -28.06 -26.31 7.46
C GLY F 195 -27.15 -26.40 8.67
N LYS F 196 -25.85 -26.38 8.43
CA LYS F 196 -24.83 -26.53 9.47
C LYS F 196 -24.64 -25.25 10.29
N VAL F 197 -25.27 -24.16 9.93
CA VAL F 197 -25.12 -22.91 10.67
C VAL F 197 -26.18 -22.79 11.77
N PRO F 198 -25.76 -22.71 13.01
CA PRO F 198 -26.71 -22.62 14.13
C PRO F 198 -27.52 -21.32 14.13
N VAL F 199 -28.77 -21.46 14.60
CA VAL F 199 -29.76 -20.41 14.61
C VAL F 199 -30.06 -20.01 16.05
N LEU F 200 -29.97 -18.71 16.31
CA LEU F 200 -30.43 -18.10 17.55
C LEU F 200 -31.72 -17.31 17.29
N MET F 201 -32.74 -17.52 18.14
CA MET F 201 -33.96 -16.74 18.06
C MET F 201 -33.73 -15.36 18.67
N SER F 202 -34.16 -14.33 17.94
CA SER F 202 -34.23 -12.98 18.44
C SER F 202 -35.43 -12.86 19.42
N GLY F 203 -35.17 -12.34 20.62
CA GLY F 203 -36.18 -12.32 21.69
C GLY F 203 -37.42 -11.48 21.41
N GLY F 204 -37.24 -10.35 20.75
CA GLY F 204 -38.34 -9.48 20.38
C GLY F 204 -38.80 -8.57 21.51
N PRO F 205 -39.89 -7.82 21.26
CA PRO F 205 -40.49 -6.95 22.29
C PRO F 205 -40.87 -7.74 23.52
N LYS F 206 -40.83 -7.09 24.69
CA LYS F 206 -41.22 -7.72 25.94
C LYS F 206 -42.63 -8.26 25.79
N THR F 207 -42.82 -9.53 26.14
CA THR F 207 -44.14 -10.17 26.06
C THR F 207 -45.02 -9.77 27.22
N LYS F 208 -46.32 -9.99 27.08
CA LYS F 208 -47.30 -9.59 28.09
C LYS F 208 -47.04 -10.31 29.39
N THR F 209 -46.76 -11.61 29.29
CA THR F 209 -46.39 -12.41 30.46
C THR F 209 -45.05 -13.10 30.25
N GLU F 210 -44.43 -13.48 31.35
CA GLU F 210 -43.22 -14.28 31.32
C GLU F 210 -43.47 -15.64 30.65
N GLU F 211 -44.67 -16.19 30.85
CA GLU F 211 -45.02 -17.49 30.27
C GLU F 211 -45.13 -17.43 28.74
N ASP F 212 -45.55 -16.29 28.21
CA ASP F 212 -45.70 -16.14 26.76
C ASP F 212 -44.34 -16.33 26.08
N PHE F 213 -43.29 -15.73 26.66
CA PHE F 213 -41.92 -15.87 26.17
C PHE F 213 -41.36 -17.27 26.35
N LEU F 214 -41.68 -17.92 27.46
CA LEU F 214 -41.20 -19.27 27.73
C LEU F 214 -41.76 -20.27 26.72
N LYS F 215 -43.03 -20.12 26.33
CA LYS F 215 -43.67 -20.92 25.27
C LYS F 215 -43.03 -20.71 23.89
N GLN F 216 -42.58 -19.49 23.61
CA GLN F 216 -41.85 -19.19 22.39
C GLN F 216 -40.45 -19.81 22.40
N VAL F 217 -39.75 -19.73 23.54
CA VAL F 217 -38.44 -20.35 23.66
C VAL F 217 -38.53 -21.89 23.57
N GLU F 218 -39.62 -22.44 24.11
CA GLU F 218 -39.89 -23.88 24.06
C GLU F 218 -40.06 -24.29 22.58
N GLY F 219 -40.81 -23.49 21.82
CA GLY F 219 -41.02 -23.74 20.40
C GLY F 219 -39.73 -23.66 19.59
N VAL F 220 -38.92 -22.66 19.89
CA VAL F 220 -37.61 -22.46 19.26
C VAL F 220 -36.71 -23.68 19.44
N LEU F 221 -36.64 -24.19 20.68
CA LEU F 221 -35.84 -25.37 20.98
C LEU F 221 -36.40 -26.63 20.32
N GLU F 222 -37.73 -26.79 20.29
CA GLU F 222 -38.37 -27.92 19.62
C GLU F 222 -38.06 -27.90 18.12
N ALA F 223 -37.92 -26.69 17.58
CA ALA F 223 -37.64 -26.49 16.18
C ALA F 223 -36.21 -26.82 15.81
N GLY F 224 -35.34 -27.00 16.81
CA GLY F 224 -33.96 -27.43 16.61
C GLY F 224 -32.95 -26.29 16.63
N ALA F 225 -33.36 -25.12 17.08
CA ALA F 225 -32.45 -23.97 17.13
C ALA F 225 -31.43 -24.14 18.24
N LEU F 226 -30.32 -23.44 18.12
CA LEU F 226 -29.27 -23.48 19.14
C LEU F 226 -29.68 -22.80 20.44
N GLY F 227 -30.52 -21.78 20.35
CA GLY F 227 -30.93 -21.03 21.54
C GLY F 227 -31.46 -19.66 21.20
N ILE F 228 -31.19 -18.70 22.08
CA ILE F 228 -31.81 -17.38 21.98
C ILE F 228 -30.77 -16.27 22.17
N ALA F 229 -31.00 -15.17 21.48
CA ALA F 229 -30.28 -13.94 21.74
C ALA F 229 -31.34 -12.99 22.21
N VAL F 230 -31.37 -12.75 23.52
CA VAL F 230 -32.45 -12.06 24.16
C VAL F 230 -31.94 -10.78 24.81
N GLY F 231 -32.73 -9.71 24.67
CA GLY F 231 -32.41 -8.43 25.30
C GLY F 231 -33.54 -8.03 26.20
N ARG F 232 -34.57 -7.45 25.60
CA ARG F 232 -35.65 -6.79 26.33
C ARG F 232 -36.40 -7.73 27.24
N ASN F 233 -36.63 -8.97 26.80
CA ASN F 233 -37.37 -9.93 27.62
C ASN F 233 -36.66 -10.37 28.89
N VAL F 234 -35.37 -10.04 29.01
CA VAL F 234 -34.67 -10.14 30.28
C VAL F 234 -34.56 -8.78 30.97
N TRP F 235 -33.77 -7.86 30.41
CA TRP F 235 -33.39 -6.64 31.17
C TRP F 235 -34.44 -5.51 31.23
N GLN F 236 -35.55 -5.65 30.50
CA GLN F 236 -36.68 -4.72 30.67
C GLN F 236 -37.57 -5.10 31.85
N ARG F 237 -37.32 -6.27 32.44
CA ARG F 237 -38.09 -6.74 33.60
C ARG F 237 -37.40 -6.39 34.90
N ARG F 238 -38.19 -5.98 35.89
CA ARG F 238 -37.66 -5.63 37.20
C ARG F 238 -37.12 -6.88 37.92
N ASP F 239 -37.73 -8.03 37.64
CA ASP F 239 -37.23 -9.33 38.13
C ASP F 239 -36.30 -9.97 37.10
N ALA F 240 -35.40 -9.18 36.51
CA ALA F 240 -34.55 -9.62 35.40
C ALA F 240 -33.72 -10.85 35.74
N LEU F 241 -33.11 -10.87 36.92
CA LEU F 241 -32.22 -11.97 37.30
C LEU F 241 -32.99 -13.26 37.54
N LYS F 242 -34.10 -13.17 38.25
CA LYS F 242 -34.97 -14.32 38.50
C LYS F 242 -35.47 -14.94 37.21
N PHE F 243 -35.96 -14.11 36.28
CA PHE F 243 -36.44 -14.61 35.00
C PHE F 243 -35.32 -15.14 34.12
N ALA F 244 -34.16 -14.52 34.20
CA ALA F 244 -32.97 -14.97 33.47
C ALA F 244 -32.59 -16.39 33.90
N ARG F 245 -32.63 -16.65 35.20
CA ARG F 245 -32.30 -17.97 35.73
C ARG F 245 -33.34 -19.02 35.33
N ALA F 246 -34.60 -18.61 35.19
CA ALA F 246 -35.64 -19.52 34.68
C ALA F 246 -35.39 -19.83 33.20
N LEU F 247 -34.91 -18.84 32.45
CA LEU F 247 -34.55 -19.08 31.05
C LEU F 247 -33.41 -20.07 30.96
N ALA F 248 -32.40 -19.89 31.81
CA ALA F 248 -31.24 -20.78 31.87
C ALA F 248 -31.67 -22.22 32.18
N GLU F 249 -32.57 -22.37 33.15
CA GLU F 249 -33.10 -23.67 33.49
C GLU F 249 -33.73 -24.33 32.27
N LEU F 250 -34.59 -23.59 31.58
CA LEU F 250 -35.28 -24.12 30.41
C LEU F 250 -34.33 -24.49 29.26
N VAL F 251 -33.42 -23.58 28.90
CA VAL F 251 -32.58 -23.76 27.72
C VAL F 251 -31.52 -24.85 27.93
N TYR F 252 -30.88 -24.87 29.10
CA TYR F 252 -29.77 -25.79 29.38
C TYR F 252 -30.18 -27.18 29.89
N GLY F 253 -31.21 -27.37 30.54
N ASN G 3 -4.81 -18.46 -21.81
CA ASN G 3 -6.18 -18.61 -22.42
C ASN G 3 -7.16 -19.26 -21.46
N LEU G 4 -7.99 -18.44 -20.83
CA LEU G 4 -8.86 -18.92 -19.76
C LEU G 4 -10.10 -19.62 -20.29
N THR G 5 -10.52 -19.31 -21.51
CA THR G 5 -11.58 -20.10 -22.14
C THR G 5 -11.15 -21.55 -22.30
N GLU G 6 -9.89 -21.78 -22.67
CA GLU G 6 -9.37 -23.13 -22.89
C GLU G 6 -9.26 -23.89 -21.57
N LYS G 7 -8.84 -23.20 -20.51
CA LYS G 7 -8.86 -23.78 -19.17
C LYS G 7 -10.32 -24.12 -18.74
N PHE G 8 -11.26 -23.21 -18.95
CA PHE G 8 -12.65 -23.52 -18.68
C PHE G 8 -13.11 -24.81 -19.44
N LEU G 9 -12.84 -24.88 -20.71
CA LEU G 9 -13.24 -26.06 -21.53
C LEU G 9 -12.59 -27.36 -21.07
N ARG G 10 -11.34 -27.28 -20.64
CA ARG G 10 -10.60 -28.44 -20.16
C ARG G 10 -11.21 -29.00 -18.86
N ILE G 11 -11.62 -28.10 -17.97
CA ILE G 11 -12.16 -28.51 -16.66
C ILE G 11 -13.65 -28.84 -16.74
N PHE G 12 -14.42 -27.99 -17.42
CA PHE G 12 -15.87 -28.06 -17.38
C PHE G 12 -16.53 -28.60 -18.64
N ALA G 13 -15.74 -28.98 -19.63
CA ALA G 13 -16.27 -29.50 -20.89
C ALA G 13 -15.31 -30.51 -21.51
N ARG G 14 -14.78 -31.41 -20.70
CA ARG G 14 -13.81 -32.38 -21.16
C ARG G 14 -14.36 -33.30 -22.25
N ARG G 15 -15.68 -33.52 -22.24
CA ARG G 15 -16.33 -34.35 -23.29
C ARG G 15 -16.77 -33.56 -24.52
N GLY G 16 -16.51 -32.25 -24.55
CA GLY G 16 -16.87 -31.41 -25.69
C GLY G 16 -18.16 -30.60 -25.45
N LYS G 17 -18.96 -31.05 -24.51
CA LYS G 17 -20.15 -30.30 -24.08
C LYS G 17 -20.15 -30.24 -22.55
N SER G 18 -21.03 -29.43 -21.98
CA SER G 18 -20.99 -29.15 -20.54
C SER G 18 -22.36 -29.12 -19.90
N ILE G 19 -22.46 -29.73 -18.72
CA ILE G 19 -23.60 -29.54 -17.85
C ILE G 19 -23.09 -29.08 -16.49
N ILE G 20 -23.57 -27.91 -16.05
CA ILE G 20 -23.26 -27.33 -14.76
C ILE G 20 -24.55 -27.34 -13.91
N LEU G 21 -24.46 -27.90 -12.70
CA LEU G 21 -25.59 -27.89 -11.81
C LEU G 21 -25.56 -26.60 -10.97
N ALA G 22 -26.50 -25.70 -11.23
CA ALA G 22 -26.52 -24.39 -10.59
C ALA G 22 -27.28 -24.42 -9.26
N TYR G 23 -26.75 -23.77 -8.24
CA TYR G 23 -27.32 -23.83 -6.91
C TYR G 23 -27.04 -22.57 -6.12
N ASP G 24 -27.17 -21.42 -6.77
CA ASP G 24 -27.14 -20.12 -6.10
C ASP G 24 -28.53 -19.62 -5.73
N HIS G 25 -29.52 -20.47 -5.94
CA HIS G 25 -30.90 -20.09 -5.77
C HIS G 25 -31.29 -19.75 -4.33
N GLY G 26 -30.57 -20.30 -3.37
CA GLY G 26 -30.85 -20.01 -1.98
C GLY G 26 -30.90 -18.52 -1.66
N ILE G 27 -30.02 -17.74 -2.27
CA ILE G 27 -30.06 -16.32 -2.14
C ILE G 27 -30.90 -15.65 -3.19
N GLU G 28 -30.80 -16.07 -4.44
CA GLU G 28 -31.47 -15.40 -5.55
C GLU G 28 -32.99 -15.41 -5.46
N HIS G 29 -33.55 -16.56 -5.05
CA HIS G 29 -35.00 -16.77 -4.91
C HIS G 29 -35.46 -17.20 -3.51
N GLY G 30 -34.54 -17.71 -2.70
CA GLY G 30 -34.89 -18.21 -1.40
C GLY G 30 -35.35 -19.65 -1.40
N PRO G 31 -35.56 -20.19 -0.21
CA PRO G 31 -35.87 -21.61 -0.05
C PRO G 31 -37.27 -22.09 -0.51
N ALA G 32 -38.17 -21.21 -0.96
CA ALA G 32 -39.43 -21.66 -1.57
C ALA G 32 -39.16 -22.57 -2.79
N ASP G 33 -38.09 -22.29 -3.54
CA ASP G 33 -37.60 -23.18 -4.61
C ASP G 33 -37.39 -24.65 -4.15
N PHE G 34 -37.10 -24.87 -2.86
CA PHE G 34 -36.75 -26.21 -2.35
C PHE G 34 -37.92 -27.03 -1.83
N MET G 35 -39.13 -26.48 -1.85
CA MET G 35 -40.30 -27.17 -1.26
C MET G 35 -40.75 -28.38 -2.10
N ASP G 36 -40.71 -28.25 -3.42
CA ASP G 36 -41.09 -29.34 -4.35
C ASP G 36 -40.36 -30.66 -4.06
N ASN G 37 -39.05 -30.55 -3.78
CA ASN G 37 -38.18 -31.69 -3.50
C ASN G 37 -37.25 -31.32 -2.31
N PRO G 38 -37.72 -31.49 -1.08
CA PRO G 38 -37.04 -30.93 0.11
C PRO G 38 -35.56 -31.28 0.29
N ASP G 39 -35.11 -32.41 -0.23
CA ASP G 39 -33.69 -32.74 -0.20
C ASP G 39 -32.82 -31.66 -0.87
N SER G 40 -33.40 -30.95 -1.84
CA SER G 40 -32.70 -29.91 -2.57
C SER G 40 -32.20 -28.77 -1.70
N ALA G 41 -32.74 -28.64 -0.49
CA ALA G 41 -32.25 -27.65 0.48
C ALA G 41 -30.88 -28.00 1.08
N ASP G 42 -30.50 -29.27 0.97
CA ASP G 42 -29.24 -29.80 1.48
C ASP G 42 -28.16 -29.77 0.38
N PRO G 43 -27.13 -28.93 0.53
CA PRO G 43 -26.05 -28.87 -0.46
C PRO G 43 -25.31 -30.19 -0.66
N GLU G 44 -25.23 -31.03 0.37
CA GLU G 44 -24.64 -32.36 0.26
C GLU G 44 -25.37 -33.19 -0.79
N TYR G 45 -26.71 -33.12 -0.80
CA TYR G 45 -27.51 -33.80 -1.82
C TYR G 45 -27.21 -33.28 -3.22
N ILE G 46 -27.00 -31.96 -3.36
CA ILE G 46 -26.71 -31.35 -4.66
C ILE G 46 -25.38 -31.87 -5.19
N LEU G 47 -24.36 -31.86 -4.34
CA LEU G 47 -23.06 -32.43 -4.71
C LEU G 47 -23.12 -33.89 -5.17
N ARG G 48 -23.80 -34.71 -4.37
CA ARG G 48 -24.02 -36.10 -4.73
C ARG G 48 -24.67 -36.22 -6.10
N LEU G 49 -25.69 -35.41 -6.33
CA LEU G 49 -26.44 -35.45 -7.56
C LEU G 49 -25.52 -35.16 -8.75
N ALA G 50 -24.75 -34.07 -8.67
CA ALA G 50 -23.83 -33.71 -9.74
C ALA G 50 -22.83 -34.83 -10.02
N ARG G 51 -22.33 -35.46 -8.95
CA ARG G 51 -21.35 -36.51 -9.08
C ARG G 51 -21.99 -37.76 -9.71
N ASP G 52 -23.14 -38.21 -9.18
CA ASP G 52 -23.80 -39.43 -9.65
C ASP G 52 -24.32 -39.30 -11.08
N ALA G 53 -24.65 -38.10 -11.52
CA ALA G 53 -25.11 -37.90 -12.90
C ALA G 53 -23.94 -37.64 -13.85
N GLY G 54 -22.74 -37.49 -13.32
CA GLY G 54 -21.54 -37.29 -14.12
C GLY G 54 -21.48 -35.88 -14.72
N PHE G 55 -22.07 -34.90 -14.05
CA PHE G 55 -22.03 -33.51 -14.49
C PHE G 55 -20.62 -32.89 -14.30
N ASP G 56 -20.39 -31.75 -14.97
CA ASP G 56 -19.07 -31.14 -15.03
C ASP G 56 -18.75 -30.18 -13.92
N GLY G 57 -19.78 -29.65 -13.26
CA GLY G 57 -19.56 -28.69 -12.21
C GLY G 57 -20.79 -28.34 -11.42
N VAL G 58 -20.57 -27.60 -10.34
CA VAL G 58 -21.64 -26.98 -9.55
C VAL G 58 -21.36 -25.49 -9.39
N VAL G 59 -22.41 -24.70 -9.18
CA VAL G 59 -22.30 -23.30 -8.85
C VAL G 59 -22.82 -23.06 -7.42
N PHE G 60 -21.94 -22.57 -6.55
CA PHE G 60 -22.26 -22.22 -5.17
C PHE G 60 -21.88 -20.77 -4.88
N GLN G 61 -22.65 -20.14 -4.01
CA GLN G 61 -22.20 -18.92 -3.32
C GLN G 61 -21.13 -19.31 -2.28
N ARG G 62 -20.41 -18.31 -1.76
CA ARG G 62 -19.27 -18.53 -0.88
C ARG G 62 -19.59 -19.30 0.40
N GLY G 63 -20.76 -19.05 0.96
CA GLY G 63 -21.12 -19.67 2.22
C GLY G 63 -21.41 -21.13 2.11
N ILE G 64 -22.07 -21.51 1.02
CA ILE G 64 -22.28 -22.93 0.73
C ILE G 64 -20.95 -23.60 0.43
N ALA G 65 -20.10 -22.97 -0.38
CA ALA G 65 -18.78 -23.53 -0.71
C ALA G 65 -17.96 -23.76 0.58
N GLU G 66 -17.93 -22.75 1.46
CA GLU G 66 -17.12 -22.82 2.69
C GLU G 66 -17.57 -23.95 3.62
N LYS G 67 -18.88 -24.12 3.77
CA LYS G 67 -19.43 -25.09 4.69
C LYS G 67 -19.58 -26.51 4.12
N TYR G 68 -19.69 -26.62 2.80
CA TYR G 68 -20.05 -27.91 2.17
C TYR G 68 -19.18 -28.41 1.04
N TYR G 69 -18.46 -27.54 0.34
CA TYR G 69 -17.71 -27.99 -0.83
C TYR G 69 -16.59 -28.91 -0.41
N ASP G 70 -16.50 -30.05 -1.08
CA ASP G 70 -15.59 -31.13 -0.69
C ASP G 70 -14.65 -31.58 -1.82
N GLY G 71 -14.54 -30.79 -2.88
CA GLY G 71 -13.61 -31.08 -3.97
C GLY G 71 -14.09 -32.14 -4.95
N SER G 72 -15.31 -32.63 -4.82
CA SER G 72 -15.72 -33.83 -5.56
C SER G 72 -16.21 -33.56 -6.98
N VAL G 73 -16.53 -32.31 -7.25
CA VAL G 73 -16.99 -31.88 -8.57
C VAL G 73 -16.40 -30.47 -8.74
N PRO G 74 -15.90 -30.11 -9.92
CA PRO G 74 -15.39 -28.74 -10.14
C PRO G 74 -16.38 -27.64 -9.75
N LEU G 75 -15.87 -26.57 -9.14
CA LEU G 75 -16.71 -25.53 -8.53
C LEU G 75 -16.58 -24.19 -9.25
N ILE G 76 -17.72 -23.60 -9.59
CA ILE G 76 -17.79 -22.23 -10.03
C ILE G 76 -18.35 -21.43 -8.83
N LEU G 77 -17.54 -20.54 -8.28
CA LEU G 77 -17.95 -19.75 -7.13
C LEU G 77 -18.64 -18.50 -7.69
N LYS G 78 -19.95 -18.44 -7.51
CA LYS G 78 -20.73 -17.28 -7.90
C LYS G 78 -20.48 -16.17 -6.90
N LEU G 79 -19.87 -15.06 -7.37
CA LEU G 79 -19.32 -14.05 -6.49
C LEU G 79 -20.36 -13.03 -6.00
N ASN G 80 -21.34 -12.74 -6.82
CA ASN G 80 -22.38 -11.77 -6.42
C ASN G 80 -23.73 -12.46 -6.25
N GLY G 81 -24.61 -11.78 -5.53
CA GLY G 81 -25.96 -12.27 -5.31
C GLY G 81 -26.88 -11.15 -4.83
N LYS G 82 -28.15 -11.26 -5.22
CA LYS G 82 -29.22 -10.39 -4.75
C LYS G 82 -30.42 -11.25 -4.42
N THR G 83 -31.43 -10.66 -3.79
CA THR G 83 -32.67 -11.39 -3.47
C THR G 83 -33.82 -10.92 -4.35
N THR G 84 -34.89 -11.73 -4.43
CA THR G 84 -36.13 -11.29 -5.05
C THR G 84 -36.94 -10.35 -4.15
N LEU G 85 -36.58 -10.24 -2.88
CA LEU G 85 -37.25 -9.30 -1.98
C LEU G 85 -36.95 -7.86 -2.36
N TYR G 86 -35.82 -7.66 -3.01
CA TYR G 86 -35.38 -6.36 -3.48
C TYR G 86 -36.26 -5.82 -4.62
N ASN G 87 -36.54 -4.52 -4.58
CA ASN G 87 -37.42 -3.83 -5.53
C ASN G 87 -36.80 -2.76 -6.39
N GLY G 88 -35.59 -2.30 -6.08
CA GLY G 88 -34.97 -1.24 -6.88
C GLY G 88 -34.58 -1.66 -8.31
N GLU G 89 -33.81 -0.80 -8.98
CA GLU G 89 -33.25 -1.14 -10.30
C GLU G 89 -32.27 -2.30 -10.05
N PRO G 90 -32.29 -3.33 -10.88
CA PRO G 90 -31.54 -4.55 -10.63
C PRO G 90 -30.06 -4.29 -10.36
N VAL G 91 -29.56 -4.83 -9.27
CA VAL G 91 -28.15 -4.73 -8.94
C VAL G 91 -27.77 -5.89 -8.05
N SER G 92 -26.57 -6.41 -8.26
CA SER G 92 -26.08 -7.55 -7.51
C SER G 92 -24.59 -7.36 -7.30
N VAL G 93 -24.17 -7.21 -6.04
CA VAL G 93 -22.78 -6.90 -5.76
C VAL G 93 -22.06 -8.10 -5.22
N ALA G 94 -20.74 -8.10 -5.38
CA ALA G 94 -19.90 -9.20 -4.93
C ALA G 94 -19.95 -9.27 -3.41
N ASN G 95 -20.15 -10.48 -2.90
CA ASN G 95 -20.03 -10.76 -1.48
C ASN G 95 -18.76 -11.57 -1.18
N CYS G 96 -17.95 -11.79 -2.21
CA CYS G 96 -16.74 -12.62 -2.16
C CYS G 96 -15.74 -12.13 -3.21
N SER G 97 -14.46 -12.23 -2.90
CA SER G 97 -13.39 -11.87 -3.85
C SER G 97 -12.90 -13.11 -4.60
N VAL G 98 -12.21 -12.90 -5.71
CA VAL G 98 -11.60 -13.96 -6.45
C VAL G 98 -10.57 -14.67 -5.59
N GLU G 99 -9.75 -13.93 -4.87
CA GLU G 99 -8.76 -14.55 -3.98
C GLU G 99 -9.36 -15.52 -2.95
N GLU G 100 -10.50 -15.14 -2.38
CA GLU G 100 -11.20 -16.04 -1.46
C GLU G 100 -11.79 -17.25 -2.19
N ALA G 101 -12.30 -17.06 -3.40
CA ALA G 101 -12.82 -18.17 -4.21
C ALA G 101 -11.75 -19.22 -4.47
N VAL G 102 -10.54 -18.79 -4.79
CA VAL G 102 -9.40 -19.65 -4.95
C VAL G 102 -9.16 -20.47 -3.69
N SER G 103 -9.18 -19.83 -2.51
CA SER G 103 -8.95 -20.55 -1.26
C SER G 103 -10.08 -21.48 -0.88
N LEU G 104 -11.27 -21.27 -1.42
CA LEU G 104 -12.40 -22.19 -1.19
C LEU G 104 -12.44 -23.35 -2.17
N GLY G 105 -11.47 -23.43 -3.09
CA GLY G 105 -11.36 -24.53 -4.04
C GLY G 105 -12.03 -24.34 -5.40
N ALA G 106 -12.35 -23.10 -5.77
CA ALA G 106 -13.02 -22.82 -7.05
C ALA G 106 -12.08 -23.04 -8.24
N SER G 107 -12.63 -23.57 -9.34
CA SER G 107 -11.91 -23.66 -10.62
C SER G 107 -12.36 -22.56 -11.58
N ALA G 108 -13.38 -21.82 -11.19
CA ALA G 108 -13.83 -20.64 -11.95
C ALA G 108 -14.67 -19.76 -11.06
N VAL G 109 -14.88 -18.50 -11.48
CA VAL G 109 -15.74 -17.60 -10.76
C VAL G 109 -16.88 -17.14 -11.67
N GLY G 110 -18.03 -16.84 -11.05
CA GLY G 110 -19.23 -16.40 -11.74
C GLY G 110 -19.65 -15.01 -11.29
N TYR G 111 -20.22 -14.26 -12.21
CA TYR G 111 -20.69 -12.93 -11.87
C TYR G 111 -21.86 -12.57 -12.78
N THR G 112 -22.94 -12.07 -12.19
CA THR G 112 -24.13 -11.62 -12.91
C THR G 112 -24.03 -10.15 -13.22
N ILE G 113 -24.30 -9.79 -14.48
CA ILE G 113 -24.55 -8.41 -14.88
C ILE G 113 -26.01 -8.27 -15.36
N TYR G 114 -26.59 -7.08 -15.12
CA TYR G 114 -27.92 -6.73 -15.65
C TYR G 114 -27.82 -5.52 -16.59
N PRO G 115 -27.38 -5.76 -17.82
CA PRO G 115 -27.34 -4.69 -18.82
C PRO G 115 -28.71 -4.00 -18.94
N GLY G 116 -28.72 -2.68 -19.01
CA GLY G 116 -29.96 -1.91 -19.09
C GLY G 116 -30.40 -1.35 -17.73
N SER G 117 -30.00 -2.01 -16.64
CA SER G 117 -30.35 -1.52 -15.31
C SER G 117 -29.86 -0.11 -15.10
N GLY G 118 -30.62 0.68 -14.34
CA GLY G 118 -30.14 1.96 -13.84
C GLY G 118 -28.77 1.85 -13.15
N PHE G 119 -28.46 0.67 -12.64
CA PHE G 119 -27.19 0.41 -11.97
C PHE G 119 -26.22 -0.40 -12.83
N GLU G 120 -26.40 -0.43 -14.15
CA GLU G 120 -25.53 -1.27 -14.98
C GLU G 120 -24.08 -0.90 -14.78
N TRP G 121 -23.82 0.39 -14.63
CA TRP G 121 -22.50 0.90 -14.37
C TRP G 121 -21.84 0.34 -13.10
N LYS G 122 -22.62 0.10 -12.04
CA LYS G 122 -22.07 -0.40 -10.78
C LYS G 122 -21.54 -1.81 -10.97
N MET G 123 -22.25 -2.63 -11.73
CA MET G 123 -21.80 -3.98 -11.99
C MET G 123 -20.66 -4.04 -13.00
N PHE G 124 -20.63 -3.17 -13.99
CA PHE G 124 -19.52 -3.13 -14.95
C PHE G 124 -18.23 -2.70 -14.24
N GLU G 125 -18.35 -1.72 -13.35
CA GLU G 125 -17.23 -1.25 -12.56
C GLU G 125 -16.64 -2.38 -11.73
N GLU G 126 -17.50 -3.12 -11.07
CA GLU G 126 -17.07 -4.20 -10.19
C GLU G 126 -16.56 -5.39 -11.02
N LEU G 127 -17.22 -5.66 -12.14
CA LEU G 127 -16.76 -6.74 -13.05
C LEU G 127 -15.34 -6.48 -13.55
N ALA G 128 -14.99 -5.22 -13.78
CA ALA G 128 -13.64 -4.84 -14.20
C ALA G 128 -12.60 -5.34 -13.20
N ARG G 129 -12.89 -5.15 -11.89
CA ARG G 129 -11.97 -5.60 -10.84
C ARG G 129 -11.90 -7.12 -10.71
N ILE G 130 -13.06 -7.76 -10.78
CA ILE G 130 -13.13 -9.22 -10.77
C ILE G 130 -12.44 -9.85 -11.99
N LYS G 131 -12.61 -9.27 -13.18
CA LYS G 131 -11.93 -9.78 -14.40
C LYS G 131 -10.42 -9.69 -14.21
N ARG G 132 -9.95 -8.57 -13.66
CA ARG G 132 -8.53 -8.39 -13.47
C ARG G 132 -7.99 -9.43 -12.49
N ASP G 133 -8.73 -9.68 -11.43
CA ASP G 133 -8.32 -10.67 -10.44
C ASP G 133 -8.39 -12.08 -11.02
N ALA G 134 -9.37 -12.33 -11.85
CA ALA G 134 -9.52 -13.65 -12.47
C ALA G 134 -8.31 -13.98 -13.33
N VAL G 135 -7.82 -13.00 -14.08
CA VAL G 135 -6.61 -13.18 -14.89
C VAL G 135 -5.42 -13.41 -13.95
N LYS G 136 -5.32 -12.62 -12.88
CA LYS G 136 -4.19 -12.71 -11.96
C LYS G 136 -4.12 -14.08 -11.28
N PHE G 137 -5.27 -14.64 -10.91
CA PHE G 137 -5.35 -15.93 -10.23
C PHE G 137 -5.58 -17.07 -11.21
N ASP G 138 -5.65 -16.76 -12.51
CA ASP G 138 -5.83 -17.76 -13.58
C ASP G 138 -7.11 -18.59 -13.40
N LEU G 139 -8.19 -17.94 -13.01
CA LEU G 139 -9.49 -18.56 -12.86
C LEU G 139 -10.41 -18.03 -13.96
N PRO G 140 -11.01 -18.90 -14.78
CA PRO G 140 -11.97 -18.45 -15.79
C PRO G 140 -13.14 -17.67 -15.20
N LEU G 141 -13.56 -16.63 -15.90
CA LEU G 141 -14.69 -15.82 -15.49
C LEU G 141 -15.89 -16.20 -16.30
N VAL G 142 -16.95 -16.61 -15.61
CA VAL G 142 -18.20 -16.99 -16.24
C VAL G 142 -19.21 -15.91 -15.95
N VAL G 143 -19.70 -15.26 -16.99
CA VAL G 143 -20.64 -14.15 -16.81
C VAL G 143 -22.08 -14.60 -17.07
N TRP G 144 -22.94 -14.39 -16.07
CA TRP G 144 -24.38 -14.54 -16.23
C TRP G 144 -24.84 -13.21 -16.81
N SER G 145 -25.24 -13.18 -18.08
CA SER G 145 -25.60 -11.95 -18.74
C SER G 145 -27.10 -11.86 -18.89
N TYR G 146 -27.73 -11.08 -18.02
CA TYR G 146 -29.18 -11.03 -17.91
C TYR G 146 -29.70 -9.60 -18.02
N PRO G 147 -29.86 -9.08 -19.24
CA PRO G 147 -30.46 -7.76 -19.41
C PRO G 147 -31.78 -7.63 -18.65
N ARG G 148 -31.89 -6.56 -17.88
CA ARG G 148 -33.01 -6.34 -16.98
C ARG G 148 -33.00 -4.90 -16.51
N GLY G 149 -34.20 -4.30 -16.44
CA GLY G 149 -34.36 -2.89 -16.16
C GLY G 149 -34.19 -2.08 -17.42
N GLY G 150 -34.20 -0.75 -17.28
CA GLY G 150 -34.12 0.15 -18.41
C GLY G 150 -35.19 -0.19 -19.44
N LYS G 151 -34.77 -0.31 -20.70
CA LYS G 151 -35.68 -0.53 -21.82
C LYS G 151 -35.95 -1.99 -22.07
N VAL G 152 -35.41 -2.87 -21.26
CA VAL G 152 -35.66 -4.31 -21.41
C VAL G 152 -37.12 -4.59 -21.05
N VAL G 153 -37.93 -4.95 -22.04
CA VAL G 153 -39.31 -5.39 -21.77
C VAL G 153 -39.49 -6.90 -21.77
N ASN G 154 -38.87 -7.60 -22.73
CA ASN G 154 -38.95 -9.05 -22.83
C ASN G 154 -37.54 -9.61 -22.84
N GLU G 155 -37.20 -10.32 -21.76
CA GLU G 155 -35.85 -10.84 -21.54
C GLU G 155 -35.44 -11.97 -22.46
N THR G 156 -36.40 -12.75 -23.00
CA THR G 156 -36.09 -13.86 -23.90
C THR G 156 -36.28 -13.48 -25.36
N ALA G 157 -36.53 -12.20 -25.64
CA ALA G 157 -36.59 -11.76 -27.04
C ALA G 157 -35.24 -12.01 -27.73
N PRO G 158 -35.27 -12.45 -28.99
CA PRO G 158 -34.03 -12.75 -29.73
C PRO G 158 -32.97 -11.65 -29.68
N GLU G 159 -33.38 -10.41 -29.86
CA GLU G 159 -32.43 -9.32 -29.89
C GLU G 159 -31.83 -9.02 -28.52
N ILE G 160 -32.58 -9.28 -27.45
CA ILE G 160 -32.10 -9.06 -26.09
C ILE G 160 -31.08 -10.13 -25.67
N VAL G 161 -31.35 -11.37 -26.02
CA VAL G 161 -30.45 -12.48 -25.70
C VAL G 161 -29.15 -12.35 -26.50
N ALA G 162 -29.26 -11.96 -27.78
CA ALA G 162 -28.09 -11.74 -28.62
C ALA G 162 -27.28 -10.58 -28.07
N TYR G 163 -27.94 -9.52 -27.62
CA TYR G 163 -27.23 -8.40 -26.96
C TYR G 163 -26.53 -8.89 -25.69
N ALA G 164 -27.21 -9.72 -24.91
CA ALA G 164 -26.65 -10.26 -23.67
C ALA G 164 -25.35 -10.99 -23.94
N ALA G 165 -25.37 -11.83 -24.98
CA ALA G 165 -24.23 -12.63 -25.36
C ALA G 165 -23.06 -11.79 -25.84
N ARG G 166 -23.34 -10.77 -26.65
CA ARG G 166 -22.29 -9.93 -27.13
C ARG G 166 -21.65 -9.12 -26.00
N ILE G 167 -22.44 -8.60 -25.07
CA ILE G 167 -21.92 -7.80 -23.97
C ILE G 167 -20.94 -8.61 -23.11
N ALA G 168 -21.28 -9.85 -22.83
CA ALA G 168 -20.41 -10.71 -22.07
C ALA G 168 -19.07 -10.90 -22.77
N LEU G 169 -19.08 -11.15 -24.08
CA LEU G 169 -17.85 -11.24 -24.85
C LEU G 169 -17.02 -9.95 -24.73
N GLU G 170 -17.68 -8.81 -24.93
CA GLU G 170 -16.99 -7.53 -24.95
C GLU G 170 -16.35 -7.20 -23.62
N LEU G 171 -16.97 -7.62 -22.51
CA LEU G 171 -16.49 -7.28 -21.18
C LEU G 171 -15.46 -8.24 -20.64
N GLY G 172 -15.21 -9.33 -21.38
CA GLY G 172 -14.10 -10.22 -21.03
C GLY G 172 -14.46 -11.57 -20.45
N ALA G 173 -15.73 -11.98 -20.57
CA ALA G 173 -16.14 -13.32 -20.17
C ALA G 173 -15.32 -14.40 -20.88
N ASP G 174 -14.97 -15.43 -20.15
CA ASP G 174 -14.32 -16.59 -20.70
C ASP G 174 -15.32 -17.68 -21.04
N ALA G 175 -16.48 -17.61 -20.39
CA ALA G 175 -17.69 -18.37 -20.73
C ALA G 175 -18.89 -17.56 -20.26
N MET G 176 -20.07 -17.88 -20.76
CA MET G 176 -21.24 -17.11 -20.39
C MET G 176 -22.48 -17.97 -20.23
N LYS G 177 -23.40 -17.48 -19.41
CA LYS G 177 -24.69 -18.11 -19.20
C LYS G 177 -25.76 -17.09 -19.59
N ILE G 178 -26.63 -17.46 -20.52
CA ILE G 178 -27.70 -16.57 -20.99
C ILE G 178 -29.02 -17.34 -21.13
N LYS G 179 -30.12 -16.60 -21.24
CA LYS G 179 -31.45 -17.19 -21.35
C LYS G 179 -31.69 -17.71 -22.76
N TYR G 180 -32.49 -18.77 -22.84
CA TYR G 180 -32.89 -19.35 -24.12
C TYR G 180 -33.99 -18.51 -24.75
N THR G 181 -33.93 -18.34 -26.06
CA THR G 181 -34.95 -17.61 -26.82
C THR G 181 -36.20 -18.43 -27.10
N GLY G 182 -36.12 -19.73 -26.95
CA GLY G 182 -37.26 -20.60 -27.22
C GLY G 182 -37.17 -21.30 -28.59
N ASP G 183 -36.18 -20.96 -29.40
CA ASP G 183 -35.95 -21.70 -30.63
C ASP G 183 -34.50 -21.64 -31.09
N PRO G 184 -34.03 -22.72 -31.75
CA PRO G 184 -32.63 -22.83 -32.13
C PRO G 184 -32.14 -21.78 -33.14
N LYS G 185 -32.99 -21.34 -34.06
CA LYS G 185 -32.55 -20.38 -35.07
C LYS G 185 -32.15 -19.03 -34.45
N THR G 186 -33.03 -18.46 -33.62
CA THR G 186 -32.71 -17.18 -32.96
C THR G 186 -31.61 -17.35 -31.96
N PHE G 187 -31.56 -18.49 -31.27
CA PHE G 187 -30.52 -18.71 -30.28
C PHE G 187 -29.15 -18.82 -30.93
N SER G 188 -29.09 -19.35 -32.14
CA SER G 188 -27.81 -19.51 -32.84
C SER G 188 -27.19 -18.17 -33.22
N TRP G 189 -28.01 -17.14 -33.41
CA TRP G 189 -27.50 -15.77 -33.59
C TRP G 189 -26.76 -15.29 -32.33
N ALA G 190 -27.34 -15.54 -31.16
CA ALA G 190 -26.67 -15.24 -29.90
C ALA G 190 -25.34 -15.99 -29.78
N VAL G 191 -25.35 -17.28 -30.10
CA VAL G 191 -24.13 -18.09 -30.07
C VAL G 191 -23.09 -17.55 -31.04
N LYS G 192 -23.53 -17.14 -32.22
CA LYS G 192 -22.61 -16.59 -33.21
C LYS G 192 -21.95 -15.30 -32.75
N VAL G 193 -22.70 -14.36 -32.18
CA VAL G 193 -22.13 -13.08 -31.78
C VAL G 193 -21.23 -13.19 -30.54
N ALA G 194 -21.38 -14.29 -29.80
CA ALA G 194 -20.49 -14.60 -28.70
C ALA G 194 -19.09 -15.04 -29.16
N GLY G 195 -18.97 -15.41 -30.45
CA GLY G 195 -17.70 -15.72 -31.07
C GLY G 195 -17.01 -16.88 -30.37
N LYS G 196 -15.78 -16.68 -29.93
CA LYS G 196 -14.94 -17.73 -29.32
C LYS G 196 -15.36 -18.06 -27.90
N VAL G 197 -16.26 -17.28 -27.31
CA VAL G 197 -16.66 -17.52 -25.93
C VAL G 197 -17.85 -18.48 -25.89
N PRO G 198 -17.69 -19.61 -25.22
CA PRO G 198 -18.78 -20.58 -25.15
C PRO G 198 -19.99 -20.11 -24.35
N VAL G 199 -21.15 -20.58 -24.81
CA VAL G 199 -22.44 -20.19 -24.30
C VAL G 199 -23.09 -21.39 -23.60
N LEU G 200 -23.51 -21.17 -22.37
CA LEU G 200 -24.35 -22.09 -21.60
C LEU G 200 -25.76 -21.52 -21.50
N MET G 201 -26.75 -22.36 -21.78
CA MET G 201 -28.15 -22.00 -21.60
C MET G 201 -28.52 -22.06 -20.11
N SER G 202 -29.19 -21.03 -19.64
CA SER G 202 -29.81 -21.02 -18.36
C SER G 202 -31.08 -21.90 -18.39
N GLY G 203 -31.23 -22.80 -17.44
CA GLY G 203 -32.32 -23.77 -17.46
C GLY G 203 -33.71 -23.18 -17.37
N GLY G 204 -33.86 -22.17 -16.50
CA GLY G 204 -35.14 -21.52 -16.28
C GLY G 204 -36.08 -22.26 -15.34
N PRO G 205 -37.31 -21.76 -15.22
CA PRO G 205 -38.32 -22.37 -14.35
C PRO G 205 -38.60 -23.81 -14.77
N LYS G 206 -38.95 -24.64 -13.80
CA LYS G 206 -39.29 -26.03 -14.06
C LYS G 206 -40.38 -26.11 -15.10
N THR G 207 -40.13 -26.88 -16.17
CA THR G 207 -41.08 -27.01 -17.26
C THR G 207 -42.21 -27.95 -16.86
N LYS G 208 -43.32 -27.86 -17.60
CA LYS G 208 -44.52 -28.65 -17.32
C LYS G 208 -44.21 -30.14 -17.45
N THR G 209 -43.47 -30.50 -18.49
CA THR G 209 -43.02 -31.88 -18.65
C THR G 209 -41.51 -31.95 -18.81
N GLU G 210 -40.97 -33.12 -18.52
CA GLU G 210 -39.55 -33.38 -18.75
C GLU G 210 -39.17 -33.23 -20.22
N GLU G 211 -40.06 -33.60 -21.14
CA GLU G 211 -39.76 -33.50 -22.57
C GLU G 211 -39.61 -32.04 -23.06
N ASP G 212 -40.39 -31.13 -22.48
CA ASP G 212 -40.29 -29.72 -22.87
C ASP G 212 -38.88 -29.21 -22.58
N PHE G 213 -38.32 -29.57 -21.44
CA PHE G 213 -36.98 -29.14 -21.12
C PHE G 213 -35.96 -29.81 -22.03
N LEU G 214 -36.06 -31.11 -22.28
CA LEU G 214 -35.14 -31.77 -23.17
C LEU G 214 -35.18 -31.20 -24.59
N LYS G 215 -36.36 -30.77 -25.05
CA LYS G 215 -36.54 -30.12 -26.35
C LYS G 215 -35.77 -28.81 -26.41
N GLN G 216 -35.77 -28.05 -25.30
CA GLN G 216 -34.99 -26.82 -25.21
C GLN G 216 -33.50 -27.11 -25.28
N VAL G 217 -33.09 -28.13 -24.56
CA VAL G 217 -31.69 -28.53 -24.55
C VAL G 217 -31.27 -28.95 -25.95
N GLU G 218 -32.13 -29.71 -26.64
CA GLU G 218 -31.86 -30.13 -28.02
C GLU G 218 -31.64 -28.90 -28.90
N GLY G 219 -32.52 -27.90 -28.77
CA GLY G 219 -32.43 -26.68 -29.55
C GLY G 219 -31.15 -25.90 -29.28
N VAL G 220 -30.72 -25.91 -28.03
CA VAL G 220 -29.54 -25.20 -27.57
C VAL G 220 -28.29 -25.84 -28.22
N LEU G 221 -28.23 -27.15 -28.21
CA LEU G 221 -27.13 -27.87 -28.84
C LEU G 221 -27.11 -27.69 -30.37
N GLU G 222 -28.28 -27.73 -31.00
CA GLU G 222 -28.39 -27.51 -32.46
C GLU G 222 -27.92 -26.12 -32.83
N ALA G 223 -28.14 -25.15 -31.92
CA ALA G 223 -27.74 -23.77 -32.09
C ALA G 223 -26.25 -23.55 -31.94
N GLY G 224 -25.53 -24.57 -31.44
CA GLY G 224 -24.08 -24.53 -31.29
C GLY G 224 -23.58 -24.13 -29.90
N ALA G 225 -24.46 -24.13 -28.91
CA ALA G 225 -24.04 -23.79 -27.54
C ALA G 225 -23.21 -24.93 -26.94
N LEU G 226 -22.41 -24.60 -25.93
CA LEU G 226 -21.58 -25.56 -25.23
C LEU G 226 -22.40 -26.51 -24.37
N GLY G 227 -23.53 -26.03 -23.84
CA GLY G 227 -24.34 -26.84 -22.98
C GLY G 227 -25.24 -26.01 -22.11
N ILE G 228 -25.49 -26.49 -20.89
CA ILE G 228 -26.51 -25.95 -20.03
C ILE G 228 -26.00 -25.73 -18.61
N ALA G 229 -26.48 -24.68 -17.99
CA ALA G 229 -26.30 -24.50 -16.56
C ALA G 229 -27.69 -24.59 -16.01
N VAL G 230 -27.99 -25.71 -15.37
CA VAL G 230 -29.35 -26.03 -14.98
C VAL G 230 -29.45 -26.20 -13.46
N GLY G 231 -30.54 -25.71 -12.90
CA GLY G 231 -30.80 -25.82 -11.47
C GLY G 231 -32.14 -26.49 -11.23
N ARG G 232 -33.18 -25.71 -11.34
CA ARG G 232 -34.52 -26.13 -10.97
C ARG G 232 -35.02 -27.33 -11.77
N ASN G 233 -34.74 -27.34 -13.06
CA ASN G 233 -35.21 -28.43 -13.92
C ASN G 233 -34.59 -29.78 -13.60
N VAL G 234 -33.53 -29.79 -12.78
CA VAL G 234 -33.04 -31.02 -12.15
C VAL G 234 -33.51 -31.17 -10.71
N TRP G 235 -33.04 -30.31 -9.80
CA TRP G 235 -33.23 -30.59 -8.37
C TRP G 235 -34.62 -30.26 -7.80
N GLN G 236 -35.48 -29.63 -8.59
CA GLN G 236 -36.87 -29.42 -8.17
C GLN G 236 -37.73 -30.64 -8.44
N ARG G 237 -37.18 -31.63 -9.14
CA ARG G 237 -37.90 -32.85 -9.47
C ARG G 237 -37.61 -33.99 -8.50
N ARG G 238 -38.66 -34.77 -8.18
CA ARG G 238 -38.57 -35.88 -7.23
C ARG G 238 -37.75 -37.02 -7.84
N ASP G 239 -37.75 -37.09 -9.16
CA ASP G 239 -36.86 -38.00 -9.90
C ASP G 239 -35.59 -37.28 -10.42
N ALA G 240 -34.97 -36.47 -9.56
CA ALA G 240 -33.87 -35.61 -9.98
C ALA G 240 -32.71 -36.37 -10.61
N LEU G 241 -32.30 -37.47 -10.01
CA LEU G 241 -31.15 -38.23 -10.47
C LEU G 241 -31.43 -38.91 -11.80
N LYS G 242 -32.60 -39.53 -11.93
CA LYS G 242 -33.01 -40.18 -13.16
C LYS G 242 -33.03 -39.17 -14.33
N PHE G 243 -33.65 -38.02 -14.10
CA PHE G 243 -33.73 -36.99 -15.13
C PHE G 243 -32.38 -36.39 -15.45
N ALA G 244 -31.54 -36.24 -14.45
CA ALA G 244 -30.19 -35.74 -14.62
C ALA G 244 -29.36 -36.66 -15.51
N ARG G 245 -29.53 -37.97 -15.32
CA ARG G 245 -28.85 -38.95 -16.18
C ARG G 245 -29.37 -38.92 -17.61
N ALA G 246 -30.66 -38.65 -17.79
CA ALA G 246 -31.20 -38.50 -19.14
C ALA G 246 -30.61 -37.25 -19.81
N LEU G 247 -30.41 -36.18 -19.02
CA LEU G 247 -29.79 -34.97 -19.56
C LEU G 247 -28.36 -35.24 -19.98
N ALA G 248 -27.63 -35.97 -19.15
CA ALA G 248 -26.26 -36.37 -19.46
C ALA G 248 -26.20 -37.17 -20.76
N GLU G 249 -27.10 -38.14 -20.91
CA GLU G 249 -27.20 -38.94 -22.13
C GLU G 249 -27.35 -38.04 -23.36
N LEU G 250 -28.27 -37.09 -23.28
CA LEU G 250 -28.56 -36.18 -24.38
C LEU G 250 -27.37 -35.27 -24.70
N VAL G 251 -26.82 -34.61 -23.69
CA VAL G 251 -25.80 -33.60 -23.90
C VAL G 251 -24.44 -34.18 -24.29
N TYR G 252 -23.99 -35.26 -23.67
CA TYR G 252 -22.62 -35.82 -23.85
C TYR G 252 -22.47 -36.86 -24.98
N GLY G 253 -23.50 -37.38 -25.36
N ASN H 3 5.68 13.63 -25.23
CA ASN H 3 4.54 14.18 -26.04
C ASN H 3 3.73 13.04 -26.66
N LEU H 4 2.57 12.78 -26.06
CA LEU H 4 1.74 11.64 -26.46
C LEU H 4 0.90 11.91 -27.72
N THR H 5 0.61 13.16 -28.02
CA THR H 5 0.00 13.49 -29.29
C THR H 5 0.96 13.06 -30.45
N GLU H 6 2.26 13.34 -30.30
CA GLU H 6 3.24 12.99 -31.30
C GLU H 6 3.40 11.49 -31.47
N LYS H 7 3.37 10.75 -30.35
CA LYS H 7 3.35 9.30 -30.41
C LYS H 7 2.09 8.80 -31.14
N PHE H 8 0.93 9.39 -30.83
CA PHE H 8 -0.31 9.04 -31.51
C PHE H 8 -0.20 9.23 -33.04
N LEU H 9 0.33 10.37 -33.46
CA LEU H 9 0.44 10.72 -34.87
C LEU H 9 1.42 9.81 -35.62
N ARG H 10 2.48 9.40 -34.94
CA ARG H 10 3.50 8.51 -35.45
C ARG H 10 2.92 7.10 -35.70
N ILE H 11 2.06 6.64 -34.80
CA ILE H 11 1.51 5.30 -34.92
C ILE H 11 0.27 5.26 -35.80
N PHE H 12 -0.63 6.22 -35.61
CA PHE H 12 -1.96 6.19 -36.22
C PHE H 12 -2.14 7.18 -37.37
N ALA H 13 -1.10 7.94 -37.71
CA ALA H 13 -1.23 8.92 -38.79
C ALA H 13 0.10 9.11 -39.51
N ARG H 14 0.77 8.01 -39.81
CA ARG H 14 2.09 8.08 -40.42
C ARG H 14 2.06 8.76 -41.80
N ARG H 15 0.93 8.70 -42.50
CA ARG H 15 0.77 9.38 -43.78
C ARG H 15 0.25 10.81 -43.65
N GLY H 16 0.07 11.33 -42.44
CA GLY H 16 -0.35 12.71 -42.23
C GLY H 16 -1.85 12.82 -41.98
N LYS H 17 -2.60 11.78 -42.34
CA LYS H 17 -4.02 11.68 -42.03
C LYS H 17 -4.30 10.29 -41.52
N SER H 18 -5.48 10.11 -40.91
CA SER H 18 -5.78 8.89 -40.18
C SER H 18 -7.17 8.31 -40.50
N ILE H 19 -7.24 6.99 -40.65
CA ILE H 19 -8.51 6.26 -40.63
C ILE H 19 -8.43 5.17 -39.59
N ILE H 20 -9.34 5.21 -38.63
CA ILE H 20 -9.43 4.21 -37.56
C ILE H 20 -10.73 3.46 -37.81
N LEU H 21 -10.68 2.14 -37.79
CA LEU H 21 -11.89 1.32 -37.90
C LEU H 21 -12.45 1.05 -36.52
N ALA H 22 -13.60 1.63 -36.21
CA ALA H 22 -14.16 1.51 -34.85
C ALA H 22 -15.06 0.29 -34.75
N TYR H 23 -14.93 -0.44 -33.65
CA TYR H 23 -15.67 -1.68 -33.45
C TYR H 23 -16.00 -1.93 -31.98
N ASP H 24 -16.39 -0.89 -31.26
CA ASP H 24 -16.92 -1.04 -29.90
C ASP H 24 -18.45 -1.17 -29.89
N HIS H 25 -19.06 -1.30 -31.07
CA HIS H 25 -20.50 -1.27 -31.26
C HIS H 25 -21.25 -2.44 -30.61
N GLY H 26 -20.54 -3.57 -30.48
CA GLY H 26 -21.11 -4.76 -29.88
C GLY H 26 -21.73 -4.49 -28.51
N ILE H 27 -21.08 -3.64 -27.72
CA ILE H 27 -21.62 -3.24 -26.42
C ILE H 27 -22.48 -1.97 -26.51
N GLU H 28 -22.04 -1.00 -27.28
CA GLU H 28 -22.72 0.30 -27.33
C GLU H 28 -24.11 0.22 -27.95
N HIS H 29 -24.27 -0.57 -29.01
CA HIS H 29 -25.54 -0.72 -29.71
C HIS H 29 -26.03 -2.17 -29.78
N GLY H 30 -25.15 -3.14 -29.57
CA GLY H 30 -25.51 -4.54 -29.67
C GLY H 30 -25.47 -5.03 -31.10
N PRO H 31 -25.67 -6.34 -31.25
CA PRO H 31 -25.49 -7.01 -32.53
C PRO H 31 -26.54 -6.74 -33.62
N ALA H 32 -27.58 -5.97 -33.34
CA ALA H 32 -28.48 -5.53 -34.43
C ALA H 32 -27.70 -4.74 -35.53
N ASP H 33 -26.68 -3.98 -35.12
CA ASP H 33 -25.74 -3.36 -36.06
C ASP H 33 -25.11 -4.34 -37.08
N PHE H 34 -24.99 -5.63 -36.75
CA PHE H 34 -24.30 -6.62 -37.60
C PHE H 34 -25.19 -7.39 -38.58
N MET H 35 -26.49 -7.14 -38.56
CA MET H 35 -27.42 -7.89 -39.41
C MET H 35 -27.30 -7.56 -40.91
N ASP H 36 -27.09 -6.27 -41.23
CA ASP H 36 -26.90 -5.81 -42.60
C ASP H 36 -25.81 -6.59 -43.37
N ASN H 37 -24.68 -6.84 -42.69
CA ASN H 37 -23.52 -7.55 -43.24
C ASN H 37 -23.00 -8.51 -42.17
N PRO H 38 -23.57 -9.71 -42.07
CA PRO H 38 -23.32 -10.63 -40.93
C PRO H 38 -21.87 -10.99 -40.61
N ASP H 39 -20.97 -10.91 -41.58
CA ASP H 39 -19.55 -11.10 -41.30
C ASP H 39 -19.02 -10.10 -40.28
N SER H 40 -19.61 -8.92 -40.23
CA SER H 40 -19.23 -7.86 -39.31
C SER H 40 -19.31 -8.25 -37.83
N ALA H 41 -20.04 -9.32 -37.53
CA ALA H 41 -20.10 -9.86 -36.17
C ALA H 41 -18.84 -10.58 -35.75
N ASP H 42 -18.01 -10.94 -36.74
CA ASP H 42 -16.75 -11.64 -36.52
C ASP H 42 -15.56 -10.63 -36.45
N PRO H 43 -14.94 -10.49 -35.28
CA PRO H 43 -13.80 -9.56 -35.13
C PRO H 43 -12.61 -9.86 -36.04
N GLU H 44 -12.41 -11.12 -36.42
CA GLU H 44 -11.35 -11.45 -37.37
C GLU H 44 -11.64 -10.79 -38.72
N TYR H 45 -12.89 -10.81 -39.17
CA TYR H 45 -13.29 -10.08 -40.38
C TYR H 45 -13.02 -8.54 -40.26
N ILE H 46 -13.28 -7.96 -39.09
CA ILE H 46 -12.99 -6.52 -38.84
C ILE H 46 -11.49 -6.15 -38.85
N LEU H 47 -10.66 -6.97 -38.21
CA LEU H 47 -9.17 -6.93 -38.46
C LEU H 47 -8.76 -7.16 -39.93
N ARG H 48 -9.32 -8.15 -40.61
CA ARG H 48 -8.92 -8.39 -42.02
C ARG H 48 -9.20 -7.14 -42.84
N LEU H 49 -10.39 -6.59 -42.63
CA LEU H 49 -10.83 -5.45 -43.37
C LEU H 49 -9.92 -4.23 -43.13
N ALA H 50 -9.53 -3.99 -41.86
CA ALA H 50 -8.63 -2.87 -41.52
C ALA H 50 -7.26 -2.99 -42.12
N ARG H 51 -6.73 -4.22 -42.08
CA ARG H 51 -5.48 -4.63 -42.74
C ARG H 51 -5.45 -4.41 -44.25
N ASP H 52 -6.44 -4.98 -44.95
CA ASP H 52 -6.55 -4.99 -46.42
C ASP H 52 -6.82 -3.61 -46.99
N ALA H 53 -7.50 -2.76 -46.24
CA ALA H 53 -7.78 -1.39 -46.72
C ALA H 53 -6.60 -0.46 -46.42
N GLY H 54 -5.64 -0.92 -45.62
CA GLY H 54 -4.51 -0.13 -45.22
C GLY H 54 -4.85 0.97 -44.22
N PHE H 55 -5.83 0.73 -43.36
CA PHE H 55 -6.21 1.67 -42.30
C PHE H 55 -5.17 1.71 -41.16
N ASP H 56 -5.25 2.74 -40.33
CA ASP H 56 -4.22 2.97 -39.31
C ASP H 56 -4.45 2.27 -37.99
N GLY H 57 -5.69 1.93 -37.69
CA GLY H 57 -5.99 1.31 -36.42
C GLY H 57 -7.37 0.71 -36.33
N VAL H 58 -7.60 -0.05 -35.27
CA VAL H 58 -8.91 -0.55 -34.88
C VAL H 58 -9.17 -0.16 -33.42
N VAL H 59 -10.45 -0.07 -33.07
CA VAL H 59 -10.89 0.20 -31.71
C VAL H 59 -11.68 -1.01 -31.26
N PHE H 60 -11.20 -1.67 -30.20
CA PHE H 60 -11.84 -2.80 -29.57
C PHE H 60 -12.05 -2.53 -28.08
N GLN H 61 -13.10 -3.10 -27.52
CA GLN H 61 -13.24 -3.29 -26.05
C GLN H 61 -12.31 -4.43 -25.61
N ARG H 62 -12.11 -4.55 -24.30
CA ARG H 62 -11.09 -5.47 -23.78
C ARG H 62 -11.32 -6.91 -24.19
N GLY H 63 -12.58 -7.34 -24.21
CA GLY H 63 -12.89 -8.72 -24.44
C GLY H 63 -12.61 -9.16 -25.86
N ILE H 64 -12.89 -8.27 -26.81
CA ILE H 64 -12.57 -8.53 -28.19
C ILE H 64 -11.05 -8.49 -28.35
N ALA H 65 -10.37 -7.55 -27.70
CA ALA H 65 -8.91 -7.49 -27.81
C ALA H 65 -8.27 -8.75 -27.24
N GLU H 66 -8.75 -9.21 -26.11
CA GLU H 66 -8.18 -10.39 -25.47
C GLU H 66 -8.33 -11.63 -26.32
N LYS H 67 -9.50 -11.83 -26.92
CA LYS H 67 -9.82 -13.06 -27.63
C LYS H 67 -9.39 -13.05 -29.12
N TYR H 68 -9.20 -11.88 -29.71
CA TYR H 68 -9.00 -11.77 -31.15
C TYR H 68 -7.82 -10.91 -31.58
N TYR H 69 -7.37 -9.94 -30.78
CA TYR H 69 -6.31 -9.05 -31.27
C TYR H 69 -5.01 -9.82 -31.54
N ASP H 70 -4.45 -9.61 -32.72
CA ASP H 70 -3.29 -10.41 -33.18
C ASP H 70 -2.07 -9.56 -33.53
N GLY H 71 -2.09 -8.28 -33.17
CA GLY H 71 -0.97 -7.41 -33.43
C GLY H 71 -0.83 -6.90 -34.87
N SER H 72 -1.81 -7.17 -35.73
CA SER H 72 -1.65 -6.92 -37.17
C SER H 72 -1.96 -5.48 -37.57
N VAL H 73 -2.67 -4.75 -36.72
CA VAL H 73 -3.05 -3.35 -36.96
C VAL H 73 -3.00 -2.69 -35.59
N PRO H 74 -2.48 -1.46 -35.47
CA PRO H 74 -2.44 -0.77 -34.16
C PRO H 74 -3.79 -0.69 -33.45
N LEU H 75 -3.80 -0.92 -32.15
CA LEU H 75 -5.03 -1.04 -31.40
C LEU H 75 -5.23 0.16 -30.47
N ILE H 76 -6.43 0.72 -30.49
CA ILE H 76 -6.92 1.61 -29.45
C ILE H 76 -7.90 0.80 -28.60
N LEU H 77 -7.56 0.59 -27.34
CA LEU H 77 -8.41 -0.16 -26.44
C LEU H 77 -9.39 0.81 -25.77
N LYS H 78 -10.66 0.68 -26.13
CA LYS H 78 -11.74 1.48 -25.59
C LYS H 78 -12.07 0.97 -24.18
N LEU H 79 -11.81 1.82 -23.19
CA LEU H 79 -11.80 1.38 -21.79
C LEU H 79 -13.16 1.32 -21.15
N ASN H 80 -14.05 2.21 -21.56
CA ASN H 80 -15.41 2.22 -21.04
C ASN H 80 -16.46 1.87 -22.09
N GLY H 81 -17.61 1.47 -21.59
CA GLY H 81 -18.72 1.09 -22.44
C GLY H 81 -20.03 1.08 -21.67
N LYS H 82 -21.10 1.42 -22.39
CA LYS H 82 -22.46 1.33 -21.90
C LYS H 82 -23.32 0.71 -22.99
N THR H 83 -24.55 0.37 -22.65
CA THR H 83 -25.51 -0.15 -23.63
C THR H 83 -26.61 0.86 -23.95
N THR H 84 -27.32 0.63 -25.05
CA THR H 84 -28.52 1.42 -25.37
C THR H 84 -29.72 0.94 -24.59
N LEU H 85 -29.63 -0.21 -23.95
CA LEU H 85 -30.70 -0.67 -23.07
C LEU H 85 -30.85 0.23 -21.84
N TYR H 86 -29.76 0.89 -21.48
CA TYR H 86 -29.73 1.78 -20.32
C TYR H 86 -30.51 3.07 -20.56
N ASN H 87 -31.29 3.47 -19.55
CA ASN H 87 -32.17 4.63 -19.65
C ASN H 87 -31.86 5.80 -18.70
N GLY H 88 -30.91 5.68 -17.79
CA GLY H 88 -30.59 6.82 -16.93
C GLY H 88 -29.85 7.99 -17.62
N GLU H 89 -29.36 8.94 -16.79
CA GLU H 89 -28.52 10.02 -17.31
C GLU H 89 -27.23 9.34 -17.84
N PRO H 90 -26.75 9.75 -19.02
CA PRO H 90 -25.69 9.04 -19.71
C PRO H 90 -24.44 8.83 -18.85
N VAL H 91 -23.99 7.59 -18.74
CA VAL H 91 -22.77 7.28 -18.01
C VAL H 91 -22.16 6.02 -18.57
N SER H 92 -20.82 6.03 -18.63
CA SER H 92 -20.09 4.88 -19.16
C SER H 92 -18.82 4.74 -18.34
N VAL H 93 -18.70 3.64 -17.62
CA VAL H 93 -17.55 3.43 -16.76
C VAL H 93 -16.56 2.44 -17.36
N ALA H 94 -15.32 2.56 -16.91
CA ALA H 94 -14.22 1.72 -17.35
C ALA H 94 -14.46 0.30 -16.94
N ASN H 95 -14.31 -0.63 -17.90
CA ASN H 95 -14.36 -2.04 -17.60
C ASN H 95 -12.96 -2.66 -17.71
N CYS H 96 -11.97 -1.79 -17.91
CA CYS H 96 -10.58 -2.16 -18.14
C CYS H 96 -9.67 -1.02 -17.70
N SER H 97 -8.51 -1.37 -17.17
CA SER H 97 -7.48 -0.38 -16.78
C SER H 97 -6.49 -0.13 -17.91
N VAL H 98 -5.74 0.94 -17.81
CA VAL H 98 -4.67 1.22 -18.76
C VAL H 98 -3.60 0.15 -18.70
N GLU H 99 -3.25 -0.31 -17.50
CA GLU H 99 -2.25 -1.38 -17.34
C GLU H 99 -2.64 -2.68 -18.11
N GLU H 100 -3.91 -3.04 -18.03
CA GLU H 100 -4.40 -4.20 -18.74
C GLU H 100 -4.43 -3.97 -20.25
N ALA H 101 -4.74 -2.76 -20.67
CA ALA H 101 -4.69 -2.40 -22.07
C ALA H 101 -3.28 -2.61 -22.64
N VAL H 102 -2.29 -2.15 -21.89
CA VAL H 102 -0.91 -2.34 -22.25
C VAL H 102 -0.60 -3.81 -22.50
N SER H 103 -1.03 -4.67 -21.59
CA SER H 103 -0.77 -6.10 -21.68
C SER H 103 -1.55 -6.77 -22.81
N LEU H 104 -2.64 -6.17 -23.25
CA LEU H 104 -3.39 -6.68 -24.41
C LEU H 104 -2.85 -6.19 -25.77
N GLY H 105 -1.79 -5.37 -25.75
CA GLY H 105 -1.15 -4.92 -26.97
C GLY H 105 -1.59 -3.57 -27.53
N ALA H 106 -2.29 -2.78 -26.71
CA ALA H 106 -2.79 -1.48 -27.13
C ALA H 106 -1.66 -0.49 -27.38
N SER H 107 -1.81 0.31 -28.42
CA SER H 107 -0.93 1.49 -28.65
C SER H 107 -1.56 2.80 -28.17
N ALA H 108 -2.82 2.75 -27.79
CA ALA H 108 -3.52 3.89 -27.22
C ALA H 108 -4.76 3.41 -26.47
N VAL H 109 -5.29 4.27 -25.61
CA VAL H 109 -6.54 3.97 -24.92
C VAL H 109 -7.60 5.00 -25.29
N GLY H 110 -8.86 4.56 -25.25
CA GLY H 110 -10.00 5.40 -25.57
C GLY H 110 -10.95 5.51 -24.39
N TYR H 111 -11.60 6.65 -24.25
CA TYR H 111 -12.57 6.82 -23.18
C TYR H 111 -13.62 7.85 -23.62
N THR H 112 -14.88 7.48 -23.43
CA THR H 112 -16.02 8.36 -23.72
C THR H 112 -16.42 9.19 -22.51
N ILE H 113 -16.61 10.48 -22.73
CA ILE H 113 -17.23 11.38 -21.77
C ILE H 113 -18.52 11.90 -22.39
N TYR H 114 -19.51 12.15 -21.55
CA TYR H 114 -20.76 12.78 -21.91
C TYR H 114 -20.93 14.08 -21.12
N PRO H 115 -20.27 15.16 -21.57
CA PRO H 115 -20.45 16.48 -20.95
C PRO H 115 -21.92 16.87 -20.93
N GLY H 116 -22.40 17.42 -19.82
CA GLY H 116 -23.79 17.79 -19.69
C GLY H 116 -24.63 16.75 -18.96
N SER H 117 -24.22 15.49 -19.01
CA SER H 117 -24.92 14.44 -18.24
C SER H 117 -24.99 14.78 -16.73
N GLY H 118 -26.08 14.36 -16.09
CA GLY H 118 -26.19 14.39 -14.64
C GLY H 118 -25.04 13.62 -13.98
N PHE H 119 -24.41 12.70 -14.73
CA PHE H 119 -23.25 11.98 -14.24
C PHE H 119 -21.94 12.45 -14.84
N GLU H 120 -21.87 13.66 -15.39
CA GLU H 120 -20.64 14.11 -16.05
C GLU H 120 -19.45 13.98 -15.09
N TRP H 121 -19.68 14.33 -13.83
CA TRP H 121 -18.66 14.28 -12.81
C TRP H 121 -18.05 12.86 -12.60
N LYS H 122 -18.85 11.81 -12.79
CA LYS H 122 -18.38 10.45 -12.59
C LYS H 122 -17.39 10.05 -13.68
N MET H 123 -17.65 10.48 -14.90
CA MET H 123 -16.69 10.25 -15.95
C MET H 123 -15.45 11.16 -15.89
N PHE H 124 -15.58 12.40 -15.44
CA PHE H 124 -14.41 13.29 -15.30
C PHE H 124 -13.49 12.75 -14.19
N GLU H 125 -14.09 12.28 -13.11
CA GLU H 125 -13.35 11.67 -12.02
C GLU H 125 -12.55 10.43 -12.48
N GLU H 126 -13.21 9.56 -13.19
CA GLU H 126 -12.56 8.37 -13.69
C GLU H 126 -11.53 8.73 -14.77
N LEU H 127 -11.85 9.68 -15.65
CA LEU H 127 -10.91 10.13 -16.67
C LEU H 127 -9.61 10.65 -16.07
N ALA H 128 -9.68 11.35 -14.95
CA ALA H 128 -8.50 11.79 -14.24
C ALA H 128 -7.54 10.64 -13.92
N ARG H 129 -8.07 9.51 -13.46
CA ARG H 129 -7.26 8.36 -13.14
C ARG H 129 -6.68 7.71 -14.40
N ILE H 130 -7.50 7.59 -15.42
CA ILE H 130 -7.07 7.04 -16.73
C ILE H 130 -6.03 7.91 -17.38
N LYS H 131 -6.22 9.22 -17.37
CA LYS H 131 -5.20 10.12 -17.88
C LYS H 131 -3.87 9.93 -17.14
N ARG H 132 -3.90 9.82 -15.82
CA ARG H 132 -2.68 9.68 -15.03
C ARG H 132 -1.97 8.40 -15.43
N ASP H 133 -2.73 7.33 -15.58
CA ASP H 133 -2.17 6.04 -16.00
C ASP H 133 -1.67 6.06 -17.46
N ALA H 134 -2.37 6.75 -18.33
CA ALA H 134 -1.92 6.87 -19.71
C ALA H 134 -0.54 7.53 -19.78
N VAL H 135 -0.33 8.59 -19.00
CA VAL H 135 0.98 9.22 -18.94
C VAL H 135 2.04 8.24 -18.42
N LYS H 136 1.70 7.53 -17.35
CA LYS H 136 2.62 6.60 -16.70
C LYS H 136 3.04 5.44 -17.62
N PHE H 137 2.11 4.92 -18.40
CA PHE H 137 2.39 3.81 -19.31
C PHE H 137 2.75 4.30 -20.72
N ASP H 138 2.79 5.62 -20.91
CA ASP H 138 3.13 6.24 -22.19
C ASP H 138 2.22 5.81 -23.35
N LEU H 139 0.92 5.74 -23.08
CA LEU H 139 -0.10 5.39 -24.07
C LEU H 139 -0.93 6.64 -24.31
N PRO H 140 -1.03 7.11 -25.56
CA PRO H 140 -1.91 8.23 -25.87
C PRO H 140 -3.35 7.95 -25.45
N LEU H 141 -4.00 8.99 -24.96
CA LEU H 141 -5.40 8.94 -24.56
C LEU H 141 -6.24 9.59 -25.66
N VAL H 142 -7.20 8.84 -26.20
CA VAL H 142 -8.12 9.33 -27.20
C VAL H 142 -9.48 9.47 -26.54
N VAL H 143 -10.03 10.67 -26.52
CA VAL H 143 -11.30 10.92 -25.88
C VAL H 143 -12.42 11.03 -26.91
N TRP H 144 -13.44 10.20 -26.74
CA TRP H 144 -14.70 10.34 -27.45
C TRP H 144 -15.48 11.40 -26.69
N SER H 145 -15.65 12.59 -27.25
CA SER H 145 -16.32 13.67 -26.53
C SER H 145 -17.71 13.87 -27.10
N TYR H 146 -18.71 13.36 -26.38
CA TYR H 146 -20.08 13.29 -26.85
C TYR H 146 -21.00 13.92 -25.82
N PRO H 147 -21.14 15.25 -25.86
CA PRO H 147 -22.13 15.92 -25.00
C PRO H 147 -23.49 15.28 -25.13
N ARG H 148 -24.12 14.98 -23.99
CA ARG H 148 -25.39 14.27 -23.95
C ARG H 148 -25.97 14.34 -22.56
N GLY H 149 -27.30 14.51 -22.49
CA GLY H 149 -28.00 14.80 -21.25
C GLY H 149 -27.91 16.27 -20.92
N GLY H 150 -28.45 16.64 -19.75
CA GLY H 150 -28.50 18.01 -19.33
C GLY H 150 -29.19 18.87 -20.38
N LYS H 151 -28.55 19.98 -20.75
CA LYS H 151 -29.13 20.94 -21.68
C LYS H 151 -28.90 20.54 -23.17
N VAL H 152 -28.16 19.46 -23.44
CA VAL H 152 -27.86 19.07 -24.83
C VAL H 152 -29.08 18.50 -25.50
N VAL H 153 -29.41 18.97 -26.71
CA VAL H 153 -30.51 18.41 -27.52
C VAL H 153 -29.97 17.81 -28.81
N ASN H 154 -29.58 18.64 -29.78
CA ASN H 154 -28.94 18.14 -30.99
C ASN H 154 -27.44 18.09 -30.79
N GLU H 155 -26.92 16.87 -30.81
CA GLU H 155 -25.52 16.61 -30.56
C GLU H 155 -24.61 17.10 -31.69
N THR H 156 -25.21 17.43 -32.84
CA THR H 156 -24.46 17.93 -33.97
C THR H 156 -24.53 19.44 -34.18
N ALA H 157 -25.19 20.19 -33.30
CA ALA H 157 -25.20 21.64 -33.40
C ALA H 157 -23.76 22.16 -33.32
N PRO H 158 -23.43 23.16 -34.13
CA PRO H 158 -22.05 23.72 -34.16
C PRO H 158 -21.46 24.03 -32.76
N GLU H 159 -22.23 24.69 -31.91
CA GLU H 159 -21.74 25.11 -30.61
C GLU H 159 -21.51 23.92 -29.66
N ILE H 160 -22.27 22.84 -29.85
CA ILE H 160 -22.12 21.66 -29.00
C ILE H 160 -20.89 20.86 -29.40
N VAL H 161 -20.64 20.74 -30.69
CA VAL H 161 -19.48 20.02 -31.19
C VAL H 161 -18.20 20.77 -30.86
N ALA H 162 -18.24 22.10 -30.96
CA ALA H 162 -17.08 22.92 -30.60
C ALA H 162 -16.82 22.78 -29.10
N TYR H 163 -17.87 22.79 -28.29
CA TYR H 163 -17.73 22.57 -26.84
C TYR H 163 -17.15 21.18 -26.55
N ALA H 164 -17.61 20.18 -27.28
CA ALA H 164 -17.06 18.83 -27.13
C ALA H 164 -15.57 18.79 -27.37
N ALA H 165 -15.13 19.47 -28.42
CA ALA H 165 -13.72 19.48 -28.81
C ALA H 165 -12.87 20.20 -27.75
N ARG H 166 -13.36 21.32 -27.24
CA ARG H 166 -12.60 22.09 -26.27
C ARG H 166 -12.45 21.34 -24.94
N ILE H 167 -13.53 20.71 -24.48
CA ILE H 167 -13.52 19.96 -23.24
C ILE H 167 -12.46 18.84 -23.31
N ALA H 168 -12.37 18.17 -24.44
CA ALA H 168 -11.41 17.09 -24.61
C ALA H 168 -10.00 17.62 -24.48
N LEU H 169 -9.72 18.77 -25.09
CA LEU H 169 -8.44 19.45 -24.94
C LEU H 169 -8.16 19.79 -23.49
N GLU H 170 -9.13 20.41 -22.83
CA GLU H 170 -8.93 20.89 -21.45
C GLU H 170 -8.66 19.75 -20.47
N LEU H 171 -9.30 18.60 -20.69
CA LEU H 171 -9.16 17.47 -19.78
C LEU H 171 -7.95 16.58 -20.06
N GLY H 172 -7.23 16.86 -21.14
CA GLY H 172 -5.95 16.18 -21.36
C GLY H 172 -5.89 15.17 -22.49
N ALA H 173 -6.92 15.13 -23.33
CA ALA H 173 -6.89 14.27 -24.52
C ALA H 173 -5.64 14.51 -25.34
N ASP H 174 -5.06 13.43 -25.87
CA ASP H 174 -3.97 13.51 -26.83
C ASP H 174 -4.47 13.44 -28.27
N ALA H 175 -5.66 12.90 -28.44
CA ALA H 175 -6.44 12.96 -29.68
C ALA H 175 -7.92 12.84 -29.26
N MET H 176 -8.82 13.21 -30.15
CA MET H 176 -10.24 13.16 -29.84
C MET H 176 -11.10 12.72 -31.00
N LYS H 177 -12.26 12.22 -30.67
CA LYS H 177 -13.26 11.79 -31.64
C LYS H 177 -14.54 12.54 -31.28
N ILE H 178 -15.07 13.30 -32.23
CA ILE H 178 -16.29 14.08 -32.04
C ILE H 178 -17.22 13.91 -33.22
N LYS H 179 -18.46 14.31 -33.06
CA LYS H 179 -19.46 14.25 -34.14
C LYS H 179 -19.26 15.36 -35.18
N TYR H 180 -19.60 15.07 -36.42
CA TYR H 180 -19.58 16.06 -37.50
C TYR H 180 -20.79 16.98 -37.43
N THR H 181 -20.58 18.26 -37.69
CA THR H 181 -21.66 19.25 -37.69
C THR H 181 -22.49 19.23 -38.95
N GLY H 182 -21.98 18.60 -40.00
CA GLY H 182 -22.68 18.56 -41.27
C GLY H 182 -22.15 19.53 -42.31
N ASP H 183 -21.25 20.43 -41.91
CA ASP H 183 -20.58 21.30 -42.88
C ASP H 183 -19.17 21.72 -42.42
N PRO H 184 -18.27 21.91 -43.38
CA PRO H 184 -16.87 22.21 -43.06
C PRO H 184 -16.61 23.53 -42.32
N LYS H 185 -17.41 24.56 -42.56
CA LYS H 185 -17.17 25.85 -41.93
C LYS H 185 -17.37 25.76 -40.41
N THR H 186 -18.50 25.20 -39.97
CA THR H 186 -18.76 25.08 -38.51
C THR H 186 -17.84 24.03 -37.89
N PHE H 187 -17.53 22.97 -38.64
CA PHE H 187 -16.65 21.95 -38.09
C PHE H 187 -15.23 22.46 -37.90
N SER H 188 -14.80 23.40 -38.73
CA SER H 188 -13.45 23.95 -38.60
C SER H 188 -13.29 24.78 -37.30
N TRP H 189 -14.38 25.37 -36.81
CA TRP H 189 -14.35 26.06 -35.52
C TRP H 189 -14.03 25.06 -34.39
N ALA H 190 -14.64 23.87 -34.45
CA ALA H 190 -14.35 22.83 -33.49
C ALA H 190 -12.90 22.40 -33.55
N VAL H 191 -12.37 22.27 -34.77
CA VAL H 191 -10.99 21.88 -34.99
C VAL H 191 -10.05 22.94 -34.43
N LYS H 192 -10.38 24.20 -34.65
CA LYS H 192 -9.56 25.30 -34.17
C LYS H 192 -9.50 25.35 -32.64
N VAL H 193 -10.62 25.20 -31.96
CA VAL H 193 -10.61 25.28 -30.49
C VAL H 193 -9.94 24.05 -29.85
N ALA H 194 -9.81 22.96 -30.60
CA ALA H 194 -9.05 21.79 -30.17
C ALA H 194 -7.54 22.02 -30.18
N GLY H 195 -7.09 23.11 -30.82
CA GLY H 195 -5.70 23.51 -30.80
C GLY H 195 -4.78 22.45 -31.34
N LYS H 196 -3.79 22.08 -30.54
CA LYS H 196 -2.75 21.11 -30.93
C LYS H 196 -3.25 19.66 -30.87
N VAL H 197 -4.46 19.42 -30.38
CA VAL H 197 -4.98 18.08 -30.28
C VAL H 197 -5.73 17.72 -31.57
N PRO H 198 -5.30 16.67 -32.27
CA PRO H 198 -5.96 16.27 -33.51
C PRO H 198 -7.38 15.72 -33.30
N VAL H 199 -8.21 15.96 -34.29
CA VAL H 199 -9.63 15.65 -34.28
C VAL H 199 -9.94 14.57 -35.31
N LEU H 200 -10.60 13.52 -34.85
CA LEU H 200 -11.15 12.52 -35.73
C LEU H 200 -12.66 12.67 -35.78
N MET H 201 -13.23 12.64 -36.97
CA MET H 201 -14.68 12.63 -37.15
C MET H 201 -15.25 11.26 -36.86
N SER H 202 -16.29 11.22 -36.05
CA SER H 202 -17.10 10.04 -35.84
C SER H 202 -17.95 9.78 -37.11
N GLY H 203 -17.93 8.54 -37.61
CA GLY H 203 -18.59 8.23 -38.87
C GLY H 203 -20.11 8.38 -38.86
N GLY H 204 -20.74 7.94 -37.78
CA GLY H 204 -22.18 8.04 -37.64
C GLY H 204 -22.96 6.90 -38.29
N PRO H 205 -24.29 7.01 -38.26
CA PRO H 205 -25.16 6.00 -38.88
C PRO H 205 -24.86 5.87 -40.38
N LYS H 206 -25.03 4.66 -40.89
CA LYS H 206 -24.82 4.39 -42.32
C LYS H 206 -25.64 5.38 -43.15
N THR H 207 -24.97 6.09 -44.04
CA THR H 207 -25.62 7.08 -44.90
C THR H 207 -26.43 6.38 -46.01
N LYS H 208 -27.33 7.12 -46.62
CA LYS H 208 -28.21 6.60 -47.66
C LYS H 208 -27.40 6.12 -48.88
N THR H 209 -26.42 6.93 -49.28
CA THR H 209 -25.49 6.56 -50.33
C THR H 209 -24.05 6.64 -49.86
N GLU H 210 -23.18 5.94 -50.57
CA GLU H 210 -21.75 6.01 -50.36
C GLU H 210 -21.18 7.38 -50.68
N GLU H 211 -21.68 8.02 -51.72
CA GLU H 211 -21.20 9.35 -52.09
C GLU H 211 -21.51 10.39 -51.01
N ASP H 212 -22.64 10.26 -50.31
CA ASP H 212 -22.95 11.16 -49.18
C ASP H 212 -21.86 11.08 -48.12
N PHE H 213 -21.42 9.87 -47.80
CA PHE H 213 -20.40 9.70 -46.76
C PHE H 213 -19.04 10.22 -47.24
N LEU H 214 -18.68 9.91 -48.48
CA LEU H 214 -17.47 10.48 -49.10
C LEU H 214 -17.48 12.02 -49.06
N LYS H 215 -18.66 12.61 -49.18
CA LYS H 215 -18.80 14.07 -49.17
C LYS H 215 -18.62 14.62 -47.77
N GLN H 216 -19.13 13.95 -46.76
CA GLN H 216 -18.87 14.31 -45.36
C GLN H 216 -17.38 14.26 -45.03
N VAL H 217 -16.70 13.22 -45.49
CA VAL H 217 -15.29 13.04 -45.21
C VAL H 217 -14.46 14.15 -45.89
N GLU H 218 -14.84 14.54 -47.10
CA GLU H 218 -14.20 15.65 -47.80
C GLU H 218 -14.33 16.92 -46.99
N GLY H 219 -15.52 17.17 -46.43
CA GLY H 219 -15.79 18.33 -45.59
C GLY H 219 -14.94 18.36 -44.35
N VAL H 220 -14.85 17.21 -43.71
CA VAL H 220 -14.04 17.01 -42.52
C VAL H 220 -12.58 17.32 -42.78
N LEU H 221 -12.08 16.83 -43.91
CA LEU H 221 -10.71 17.09 -44.29
C LEU H 221 -10.47 18.57 -44.60
N GLU H 222 -11.41 19.20 -45.31
CA GLU H 222 -11.34 20.63 -45.60
C GLU H 222 -11.29 21.46 -44.31
N ALA H 223 -11.95 20.98 -43.27
CA ALA H 223 -12.03 21.69 -41.99
C ALA H 223 -10.74 21.58 -41.18
N GLY H 224 -9.82 20.71 -41.62
CA GLY H 224 -8.51 20.58 -41.02
C GLY H 224 -8.39 19.44 -40.04
N ALA H 225 -9.37 18.55 -40.02
CA ALA H 225 -9.33 17.42 -39.10
C ALA H 225 -8.28 16.38 -39.55
N LEU H 226 -7.81 15.58 -38.59
CA LEU H 226 -6.82 14.56 -38.86
C LEU H 226 -7.38 13.44 -39.72
N GLY H 227 -8.67 13.16 -39.61
CA GLY H 227 -9.28 12.05 -40.33
C GLY H 227 -10.53 11.57 -39.66
N ILE H 228 -10.80 10.28 -39.76
CA ILE H 228 -12.08 9.69 -39.38
C ILE H 228 -11.89 8.44 -38.54
N ALA H 229 -12.80 8.23 -37.61
CA ALA H 229 -12.95 6.99 -36.88
C ALA H 229 -14.31 6.48 -37.30
N VAL H 230 -14.30 5.51 -38.18
CA VAL H 230 -15.49 5.03 -38.85
C VAL H 230 -15.78 3.57 -38.50
N GLY H 231 -17.05 3.28 -38.26
CA GLY H 231 -17.49 1.92 -38.00
C GLY H 231 -18.48 1.51 -39.04
N ARG H 232 -19.73 1.89 -38.82
CA ARG H 232 -20.89 1.39 -39.58
C ARG H 232 -20.80 1.70 -41.06
N ASN H 233 -20.27 2.88 -41.39
CA ASN H 233 -20.22 3.28 -42.81
C ASN H 233 -19.22 2.47 -43.60
N VAL H 234 -18.40 1.68 -42.91
CA VAL H 234 -17.60 0.64 -43.57
C VAL H 234 -18.22 -0.75 -43.44
N TRP H 235 -18.23 -1.30 -42.23
CA TRP H 235 -18.55 -2.70 -42.04
C TRP H 235 -20.03 -3.06 -42.05
N GLN H 236 -20.93 -2.08 -42.09
CA GLN H 236 -22.35 -2.38 -42.31
C GLN H 236 -22.68 -2.58 -43.81
N ARG H 237 -21.70 -2.30 -44.67
CA ARG H 237 -21.88 -2.42 -46.13
C ARG H 237 -21.39 -3.78 -46.62
N ARG H 238 -22.10 -4.35 -47.58
CA ARG H 238 -21.70 -5.66 -48.14
C ARG H 238 -20.49 -5.51 -49.03
N ASP H 239 -20.30 -4.32 -49.61
CA ASP H 239 -19.07 -3.98 -50.32
C ASP H 239 -18.08 -3.24 -49.40
N ALA H 240 -17.92 -3.74 -48.16
CA ALA H 240 -17.14 -3.06 -47.13
C ALA H 240 -15.71 -2.78 -47.58
N LEU H 241 -15.06 -3.77 -48.20
CA LEU H 241 -13.64 -3.63 -48.54
C LEU H 241 -13.43 -2.61 -49.67
N LYS H 242 -14.29 -2.70 -50.68
CA LYS H 242 -14.26 -1.80 -51.82
C LYS H 242 -14.45 -0.36 -51.40
N PHE H 243 -15.44 -0.11 -50.55
CA PHE H 243 -15.70 1.22 -50.03
C PHE H 243 -14.59 1.71 -49.11
N ALA H 244 -14.05 0.82 -48.29
CA ALA H 244 -12.94 1.13 -47.41
C ALA H 244 -11.72 1.59 -48.22
N ARG H 245 -11.47 0.95 -49.35
CA ARG H 245 -10.34 1.35 -50.20
C ARG H 245 -10.59 2.70 -50.87
N ALA H 246 -11.85 3.01 -51.18
CA ALA H 246 -12.20 4.33 -51.70
C ALA H 246 -12.01 5.41 -50.61
N LEU H 247 -12.29 5.06 -49.36
CA LEU H 247 -12.06 5.98 -48.25
C LEU H 247 -10.57 6.26 -48.10
N ALA H 248 -9.77 5.20 -48.16
CA ALA H 248 -8.32 5.31 -48.06
C ALA H 248 -7.77 6.22 -49.17
N GLU H 249 -8.25 6.02 -50.39
CA GLU H 249 -7.86 6.86 -51.53
C GLU H 249 -8.13 8.33 -51.24
N LEU H 250 -9.33 8.62 -50.74
CA LEU H 250 -9.72 10.00 -50.41
C LEU H 250 -8.90 10.61 -49.27
N VAL H 251 -8.76 9.89 -48.16
CA VAL H 251 -8.14 10.44 -46.96
C VAL H 251 -6.62 10.60 -47.10
N TYR H 252 -5.93 9.61 -47.66
CA TYR H 252 -4.44 9.61 -47.67
C TYR H 252 -3.80 10.41 -48.79
N GLY H 253 -4.31 10.41 -49.89
N ASN I 3 4.49 28.27 5.61
CA ASN I 3 3.39 29.26 5.36
C ASN I 3 3.11 29.43 3.86
N LEU I 4 2.05 28.80 3.38
CA LEU I 4 1.78 28.78 1.95
C LEU I 4 1.14 30.05 1.43
N THR I 5 0.44 30.80 2.28
CA THR I 5 -0.01 32.13 1.90
C THR I 5 1.18 33.02 1.51
N GLU I 6 2.25 32.96 2.28
CA GLU I 6 3.45 33.78 2.05
C GLU I 6 4.13 33.36 0.75
N LYS I 7 4.19 32.07 0.48
CA LYS I 7 4.71 31.59 -0.80
C LYS I 7 3.83 32.10 -1.95
N PHE I 8 2.52 32.04 -1.80
CA PHE I 8 1.61 32.58 -2.79
C PHE I 8 1.88 34.07 -3.06
N LEU I 9 2.00 34.86 -2.00
CA LEU I 9 2.24 36.30 -2.13
C LEU I 9 3.57 36.61 -2.81
N ARG I 10 4.59 35.83 -2.48
CA ARG I 10 5.93 36.00 -3.04
C ARG I 10 5.94 35.74 -4.56
N ILE I 11 5.18 34.74 -5.00
CA ILE I 11 5.16 34.37 -6.42
C ILE I 11 4.15 35.20 -7.25
N PHE I 12 2.95 35.36 -6.71
CA PHE I 12 1.83 35.96 -7.42
C PHE I 12 1.51 37.41 -7.05
N ALA I 13 2.21 37.97 -6.08
CA ALA I 13 1.95 39.34 -5.60
C ALA I 13 3.23 40.05 -5.17
N ARG I 14 4.27 39.91 -5.97
CA ARG I 14 5.57 40.48 -5.60
C ARG I 14 5.53 42.02 -5.48
N ARG I 15 4.62 42.66 -6.20
CA ARG I 15 4.44 44.12 -6.09
C ARG I 15 3.46 44.54 -4.99
N GLY I 16 2.90 43.59 -4.25
CA GLY I 16 1.99 43.90 -3.14
C GLY I 16 0.54 43.74 -3.52
N LYS I 17 0.26 43.70 -4.82
CA LYS I 17 -1.07 43.42 -5.36
C LYS I 17 -0.92 42.42 -6.52
N SER I 18 -2.05 41.85 -6.93
CA SER I 18 -2.03 40.73 -7.86
C SER I 18 -3.03 40.87 -8.99
N ILE I 19 -2.61 40.53 -10.20
CA ILE I 19 -3.53 40.27 -11.32
C ILE I 19 -3.22 38.87 -11.88
N ILE I 20 -4.23 38.00 -11.88
CA ILE I 20 -4.15 36.66 -12.43
C ILE I 20 -5.06 36.62 -13.65
N LEU I 21 -4.54 36.16 -14.78
CA LEU I 21 -5.32 35.99 -15.99
C LEU I 21 -5.94 34.61 -15.98
N ALA I 22 -7.26 34.56 -15.79
CA ALA I 22 -7.97 33.29 -15.66
C ALA I 22 -8.39 32.77 -17.04
N TYR I 23 -8.22 31.47 -17.28
CA TYR I 23 -8.46 30.86 -18.58
C TYR I 23 -8.88 29.41 -18.47
N ASP I 24 -9.75 29.13 -17.50
CA ASP I 24 -10.40 27.83 -17.37
C ASP I 24 -11.78 27.83 -18.04
N HIS I 25 -12.09 28.90 -18.77
CA HIS I 25 -13.44 29.09 -19.34
C HIS I 25 -13.77 28.08 -20.46
N GLY I 26 -12.74 27.52 -21.08
CA GLY I 26 -12.91 26.53 -22.15
C GLY I 26 -13.77 25.34 -21.74
N ILE I 27 -13.63 24.87 -20.49
CA ILE I 27 -14.47 23.81 -19.96
C ILE I 27 -15.72 24.37 -19.25
N GLU I 28 -15.53 25.44 -18.47
CA GLU I 28 -16.61 26.00 -17.66
C GLU I 28 -17.75 26.55 -18.49
N HIS I 29 -17.45 27.32 -19.54
CA HIS I 29 -18.46 27.93 -20.41
C HIS I 29 -18.40 27.42 -21.86
N GLY I 30 -17.27 26.90 -22.26
CA GLY I 30 -17.10 26.49 -23.64
C GLY I 30 -16.64 27.63 -24.52
N PRO I 31 -16.37 27.30 -25.77
CA PRO I 31 -15.77 28.25 -26.71
C PRO I 31 -16.67 29.37 -27.24
N ALA I 32 -17.94 29.43 -26.86
CA ALA I 32 -18.76 30.62 -27.17
C ALA I 32 -18.15 31.89 -26.56
N ASP I 33 -17.54 31.78 -25.37
CA ASP I 33 -16.76 32.87 -24.76
C ASP I 33 -15.65 33.45 -25.68
N PHE I 34 -15.14 32.67 -26.64
CA PHE I 34 -14.02 33.07 -27.50
C PHE I 34 -14.43 33.72 -28.84
N MET I 35 -15.72 33.85 -29.11
CA MET I 35 -16.17 34.39 -30.40
C MET I 35 -15.95 35.89 -30.54
N ASP I 36 -16.17 36.65 -29.48
CA ASP I 36 -15.92 38.10 -29.46
C ASP I 36 -14.50 38.50 -29.93
N ASN I 37 -13.51 37.73 -29.50
CA ASN I 37 -12.10 37.96 -29.83
C ASN I 37 -11.46 36.59 -30.11
N PRO I 38 -11.57 36.09 -31.35
CA PRO I 38 -11.19 34.70 -31.69
C PRO I 38 -9.76 34.27 -31.35
N ASP I 39 -8.80 35.18 -31.24
CA ASP I 39 -7.46 34.83 -30.74
C ASP I 39 -7.49 34.22 -29.33
N SER I 40 -8.50 34.59 -28.54
CA SER I 40 -8.65 34.12 -27.17
C SER I 40 -8.80 32.61 -27.03
N ALA I 41 -9.16 31.93 -28.14
CA ALA I 41 -9.21 30.48 -28.19
C ALA I 41 -7.82 29.83 -28.20
N ASP I 42 -6.79 30.61 -28.49
CA ASP I 42 -5.43 30.11 -28.57
C ASP I 42 -4.69 30.36 -27.23
N PRO I 43 -4.37 29.32 -26.47
CA PRO I 43 -3.65 29.49 -25.21
C PRO I 43 -2.31 30.20 -25.32
N GLU I 44 -1.65 30.13 -26.48
CA GLU I 44 -0.39 30.87 -26.71
C GLU I 44 -0.59 32.37 -26.67
N TYR I 45 -1.69 32.84 -27.25
CA TYR I 45 -2.04 34.24 -27.19
C TYR I 45 -2.30 34.68 -25.73
N ILE I 46 -2.85 33.79 -24.92
CA ILE I 46 -3.17 34.10 -23.51
C ILE I 46 -1.90 34.28 -22.69
N LEU I 47 -0.96 33.36 -22.85
CA LEU I 47 0.36 33.49 -22.23
C LEU I 47 1.09 34.76 -22.64
N ARG I 48 1.13 35.03 -23.94
CA ARG I 48 1.72 36.25 -24.48
C ARG I 48 1.11 37.49 -23.81
N LEU I 49 -0.20 37.47 -23.66
CA LEU I 49 -0.92 38.62 -23.10
C LEU I 49 -0.59 38.83 -21.61
N ALA I 50 -0.50 37.74 -20.87
CA ALA I 50 -0.18 37.81 -19.45
C ALA I 50 1.22 38.40 -19.27
N ARG I 51 2.13 37.92 -20.11
CA ARG I 51 3.53 38.37 -20.17
C ARG I 51 3.65 39.84 -20.51
N ASP I 52 3.03 40.24 -21.62
CA ASP I 52 3.17 41.59 -22.18
C ASP I 52 2.49 42.65 -21.30
N ALA I 53 1.46 42.25 -20.56
CA ALA I 53 0.80 43.16 -19.64
C ALA I 53 1.47 43.17 -18.26
N GLY I 54 2.43 42.27 -18.04
CA GLY I 54 3.14 42.18 -16.77
C GLY I 54 2.27 41.63 -15.64
N PHE I 55 1.35 40.72 -15.95
CA PHE I 55 0.50 40.09 -14.95
C PHE I 55 1.29 39.05 -14.15
N ASP I 56 0.74 38.65 -13.01
CA ASP I 56 1.42 37.75 -12.08
C ASP I 56 1.24 36.26 -12.35
N GLY I 57 0.17 35.89 -13.03
CA GLY I 57 -0.08 34.49 -13.28
C GLY I 57 -1.18 34.20 -14.27
N VAL I 58 -1.30 32.93 -14.62
CA VAL I 58 -2.41 32.41 -15.43
C VAL I 58 -3.04 31.22 -14.73
N VAL I 59 -4.31 30.97 -15.03
CA VAL I 59 -5.00 29.80 -14.55
C VAL I 59 -5.37 28.93 -15.75
N PHE I 60 -4.86 27.71 -15.76
CA PHE I 60 -5.15 26.71 -16.82
C PHE I 60 -5.65 25.41 -16.19
N GLN I 61 -6.54 24.72 -16.89
CA GLN I 61 -6.82 23.30 -16.63
C GLN I 61 -5.62 22.48 -17.11
N ARG I 62 -5.57 21.21 -16.69
CA ARG I 62 -4.41 20.37 -16.92
C ARG I 62 -4.07 20.19 -18.40
N GLY I 63 -5.09 20.08 -19.25
CA GLY I 63 -4.86 19.80 -20.67
C GLY I 63 -4.22 20.99 -21.38
N ILE I 64 -4.63 22.19 -21.01
CA ILE I 64 -4.01 23.38 -21.56
C ILE I 64 -2.58 23.52 -21.02
N ALA I 65 -2.37 23.26 -19.74
CA ALA I 65 -1.04 23.35 -19.16
C ALA I 65 -0.10 22.35 -19.83
N GLU I 66 -0.55 21.12 -20.01
CA GLU I 66 0.28 20.07 -20.59
C GLU I 66 0.73 20.41 -22.02
N LYS I 67 -0.20 20.92 -22.83
CA LYS I 67 0.05 21.16 -24.25
C LYS I 67 0.68 22.51 -24.56
N TYR I 68 0.53 23.49 -23.66
CA TYR I 68 0.90 24.88 -23.96
C TYR I 68 1.78 25.59 -22.94
N TYR I 69 1.73 25.22 -21.67
CA TYR I 69 2.46 25.96 -20.66
C TYR I 69 3.96 25.89 -20.90
N ASP I 70 4.59 27.04 -20.88
CA ASP I 70 5.99 27.17 -21.25
C ASP I 70 6.88 27.78 -20.15
N GLY I 71 6.35 27.92 -18.94
CA GLY I 71 7.12 28.45 -17.84
C GLY I 71 7.29 29.96 -17.83
N SER I 72 6.58 30.69 -18.69
CA SER I 72 6.88 32.12 -18.90
C SER I 72 6.16 33.04 -17.90
N VAL I 73 5.11 32.52 -17.30
CA VAL I 73 4.32 33.23 -16.33
C VAL I 73 3.94 32.18 -15.27
N PRO I 74 3.98 32.51 -13.98
CA PRO I 74 3.57 31.56 -12.93
C PRO I 74 2.18 30.97 -13.20
N LEU I 75 2.03 29.68 -12.92
CA LEU I 75 0.82 28.94 -13.26
C LEU I 75 0.05 28.49 -12.04
N ILE I 76 -1.26 28.74 -12.06
CA ILE I 76 -2.17 28.13 -11.10
C ILE I 76 -2.91 27.06 -11.87
N LEU I 77 -2.77 25.81 -11.46
CA LEU I 77 -3.42 24.72 -12.14
C LEU I 77 -4.76 24.50 -11.47
N LYS I 78 -5.83 24.80 -12.20
CA LYS I 78 -7.20 24.59 -11.76
C LYS I 78 -7.55 23.12 -11.84
N LEU I 79 -7.74 22.50 -10.67
CA LEU I 79 -7.81 21.03 -10.62
C LEU I 79 -9.16 20.44 -10.99
N ASN I 80 -10.23 21.16 -10.70
CA ASN I 80 -11.56 20.69 -11.04
C ASN I 80 -12.21 21.54 -12.09
N GLY I 81 -13.23 20.97 -12.73
CA GLY I 81 -13.99 21.67 -13.76
C GLY I 81 -15.31 20.98 -13.99
N LYS I 82 -16.32 21.78 -14.34
CA LYS I 82 -17.62 21.31 -14.81
C LYS I 82 -18.04 22.13 -16.02
N THR I 83 -19.12 21.74 -16.68
CA THR I 83 -19.62 22.47 -17.84
C THR I 83 -20.93 23.18 -17.53
N THR I 84 -21.34 24.12 -18.39
CA THR I 84 -22.68 24.75 -18.27
C THR I 84 -23.75 23.89 -18.88
N LEU I 85 -23.37 22.85 -19.61
CA LEU I 85 -24.32 21.90 -20.14
C LEU I 85 -24.99 21.09 -19.03
N TYR I 86 -24.29 20.93 -17.91
CA TYR I 86 -24.79 20.19 -16.77
C TYR I 86 -25.96 20.90 -16.07
N ASN I 87 -26.95 20.13 -15.62
CA ASN I 87 -28.19 20.59 -15.00
C ASN I 87 -28.41 20.16 -13.56
N GLY I 88 -27.62 19.25 -13.01
CA GLY I 88 -27.85 18.87 -11.61
C GLY I 88 -27.50 19.91 -10.54
N GLU I 89 -27.49 19.48 -9.28
CA GLU I 89 -27.01 20.34 -8.19
C GLU I 89 -25.50 20.55 -8.49
N PRO I 90 -25.02 21.78 -8.35
CA PRO I 90 -23.65 22.14 -8.76
C PRO I 90 -22.59 21.23 -8.16
N VAL I 91 -21.73 20.68 -9.01
CA VAL I 91 -20.63 19.86 -8.55
C VAL I 91 -19.54 19.95 -9.58
N SER I 92 -18.29 19.97 -9.10
CA SER I 92 -17.14 20.02 -9.97
C SER I 92 -16.05 19.18 -9.32
N VAL I 93 -15.67 18.09 -10.00
CA VAL I 93 -14.68 17.18 -9.45
C VAL I 93 -13.32 17.36 -10.09
N ALA I 94 -12.28 16.95 -9.35
CA ALA I 94 -10.90 17.05 -9.80
C ALA I 94 -10.71 16.16 -11.02
N ASN I 95 -10.10 16.71 -12.04
CA ASN I 95 -9.67 15.93 -13.23
C ASN I 95 -8.13 15.77 -13.24
N CYS I 96 -7.48 16.27 -12.18
CA CYS I 96 -6.04 16.29 -12.03
C CYS I 96 -5.67 16.26 -10.53
N SER I 97 -4.54 15.63 -10.21
CA SER I 97 -4.03 15.62 -8.83
C SER I 97 -3.00 16.74 -8.62
N VAL I 98 -2.70 17.01 -7.37
CA VAL I 98 -1.67 17.98 -7.04
C VAL I 98 -0.32 17.50 -7.54
N GLU I 99 -0.04 16.22 -7.39
CA GLU I 99 1.25 15.69 -7.85
C GLU I 99 1.44 15.93 -9.35
N GLU I 100 0.39 15.76 -10.14
CA GLU I 100 0.48 16.00 -11.57
C GLU I 100 0.64 17.48 -11.85
N ALA I 101 0.00 18.33 -11.08
CA ALA I 101 0.11 19.76 -11.24
C ALA I 101 1.56 20.20 -11.05
N VAL I 102 2.21 19.61 -10.05
CA VAL I 102 3.62 19.88 -9.78
C VAL I 102 4.47 19.52 -10.99
N SER I 103 4.19 18.38 -11.60
CA SER I 103 4.97 17.96 -12.77
C SER I 103 4.70 18.82 -14.01
N LEU I 104 3.54 19.46 -14.08
CA LEU I 104 3.21 20.35 -15.18
C LEU I 104 3.75 21.79 -15.00
N GLY I 105 4.44 22.05 -13.89
CA GLY I 105 5.08 23.32 -13.64
C GLY I 105 4.25 24.33 -12.82
N ALA I 106 3.23 23.88 -12.13
CA ALA I 106 2.35 24.76 -11.35
C ALA I 106 3.06 25.31 -10.11
N SER I 107 2.82 26.56 -9.80
CA SER I 107 3.27 27.20 -8.56
C SER I 107 2.14 27.26 -7.52
N ALA I 108 0.93 26.92 -7.94
CA ALA I 108 -0.22 26.81 -7.04
C ALA I 108 -1.30 25.98 -7.71
N VAL I 109 -2.24 25.50 -6.90
CA VAL I 109 -3.39 24.76 -7.39
C VAL I 109 -4.67 25.47 -7.02
N GLY I 110 -5.69 25.30 -7.86
CA GLY I 110 -6.97 25.94 -7.67
C GLY I 110 -8.07 24.90 -7.59
N TYR I 111 -9.10 25.20 -6.83
CA TYR I 111 -10.22 24.31 -6.67
C TYR I 111 -11.48 25.12 -6.36
N THR I 112 -12.56 24.80 -7.09
CA THR I 112 -13.87 25.41 -6.86
C THR I 112 -14.70 24.59 -5.91
N ILE I 113 -15.31 25.28 -4.95
CA ILE I 113 -16.36 24.73 -4.12
C ILE I 113 -17.65 25.52 -4.33
N TYR I 114 -18.79 24.83 -4.20
CA TYR I 114 -20.12 25.45 -4.29
C TYR I 114 -20.87 25.22 -2.98
N PRO I 115 -20.55 25.99 -1.95
CA PRO I 115 -21.26 25.91 -0.67
C PRO I 115 -22.77 26.04 -0.90
N GLY I 116 -23.56 25.22 -0.23
CA GLY I 116 -25.01 25.23 -0.41
C GLY I 116 -25.53 24.17 -1.39
N SER I 117 -24.69 23.75 -2.33
CA SER I 117 -25.09 22.69 -3.26
C SER I 117 -25.51 21.44 -2.52
N GLY I 118 -26.49 20.73 -3.07
CA GLY I 118 -26.82 19.39 -2.66
C GLY I 118 -25.62 18.44 -2.65
N PHE I 119 -24.58 18.79 -3.42
CA PHE I 119 -23.32 18.05 -3.42
C PHE I 119 -22.17 18.76 -2.72
N GLU I 120 -22.44 19.72 -1.83
CA GLU I 120 -21.36 20.48 -1.20
C GLU I 120 -20.38 19.52 -0.50
N TRP I 121 -20.91 18.48 0.11
CA TRP I 121 -20.13 17.48 0.79
C TRP I 121 -19.11 16.74 -0.13
N LYS I 122 -19.45 16.55 -1.40
CA LYS I 122 -18.56 15.85 -2.33
C LYS I 122 -17.32 16.70 -2.60
N MET I 123 -17.51 18.01 -2.74
CA MET I 123 -16.38 18.90 -2.95
C MET I 123 -15.59 19.16 -1.65
N PHE I 124 -16.23 19.24 -0.49
CA PHE I 124 -15.48 19.35 0.77
C PHE I 124 -14.59 18.09 1.01
N GLU I 125 -15.16 16.94 0.79
CA GLU I 125 -14.45 15.68 0.90
C GLU I 125 -13.20 15.66 -0.02
N GLU I 126 -13.38 16.03 -1.27
CA GLU I 126 -12.27 16.04 -2.23
C GLU I 126 -11.27 17.16 -1.90
N LEU I 127 -11.77 18.33 -1.49
CA LEU I 127 -10.88 19.43 -1.10
C LEU I 127 -9.95 19.04 0.05
N ALA I 128 -10.46 18.28 1.01
CA ALA I 128 -9.65 17.73 2.08
C ALA I 128 -8.40 16.98 1.60
N ARG I 129 -8.58 16.13 0.60
CA ARG I 129 -7.46 15.40 -0.01
C ARG I 129 -6.51 16.33 -0.73
N ILE I 130 -7.05 17.26 -1.50
CA ILE I 130 -6.25 18.22 -2.25
C ILE I 130 -5.47 19.15 -1.33
N LYS I 131 -6.12 19.61 -0.25
CA LYS I 131 -5.44 20.42 0.73
C LYS I 131 -4.28 19.64 1.33
N ARG I 132 -4.52 18.39 1.69
CA ARG I 132 -3.49 17.57 2.28
C ARG I 132 -2.28 17.44 1.34
N ASP I 133 -2.56 17.22 0.05
CA ASP I 133 -1.50 17.11 -0.96
C ASP I 133 -0.82 18.45 -1.22
N ALA I 134 -1.58 19.53 -1.24
CA ALA I 134 -0.99 20.85 -1.40
C ALA I 134 0.06 21.14 -0.31
N VAL I 135 -0.23 20.79 0.93
CA VAL I 135 0.75 20.95 2.01
C VAL I 135 1.98 20.03 1.75
N LYS I 136 1.73 18.80 1.36
CA LYS I 136 2.78 17.83 1.11
C LYS I 136 3.73 18.25 -0.02
N PHE I 137 3.19 18.83 -1.09
CA PHE I 137 3.99 19.27 -2.22
C PHE I 137 4.37 20.76 -2.12
N ASP I 138 3.96 21.42 -1.04
CA ASP I 138 4.28 22.82 -0.81
C ASP I 138 3.81 23.74 -1.95
N LEU I 139 2.58 23.51 -2.39
CA LEU I 139 1.93 24.33 -3.39
C LEU I 139 0.75 25.05 -2.71
N PRO I 140 0.69 26.38 -2.76
CA PRO I 140 -0.48 27.09 -2.24
C PRO I 140 -1.77 26.61 -2.89
N LEU I 141 -2.82 26.56 -2.09
CA LEU I 141 -4.16 26.23 -2.52
C LEU I 141 -5.01 27.48 -2.65
N VAL I 142 -5.51 27.71 -3.85
CA VAL I 142 -6.38 28.83 -4.15
C VAL I 142 -7.79 28.30 -4.32
N VAL I 143 -8.70 28.72 -3.45
CA VAL I 143 -10.09 28.26 -3.51
C VAL I 143 -11.00 29.29 -4.19
N TRP I 144 -11.69 28.85 -5.24
CA TRP I 144 -12.77 29.60 -5.86
C TRP I 144 -13.99 29.26 -4.99
N SER I 145 -14.47 30.21 -4.21
CA SER I 145 -15.58 29.95 -3.32
C SER I 145 -16.84 30.57 -3.90
N TYR I 146 -17.69 29.74 -4.48
CA TYR I 146 -18.86 30.21 -5.21
C TYR I 146 -20.12 29.54 -4.69
N PRO I 147 -20.72 30.05 -3.62
CA PRO I 147 -21.98 29.50 -3.14
C PRO I 147 -23.03 29.45 -4.24
N ARG I 148 -23.68 28.29 -4.36
CA ARG I 148 -24.59 28.00 -5.47
C ARG I 148 -25.37 26.73 -5.17
N GLY I 149 -26.65 26.76 -5.50
CA GLY I 149 -27.60 25.71 -5.14
C GLY I 149 -28.09 25.94 -3.74
N GLY I 150 -28.89 24.99 -3.23
CA GLY I 150 -29.47 25.08 -1.90
C GLY I 150 -30.24 26.37 -1.75
N LYS I 151 -29.98 27.11 -0.69
CA LYS I 151 -30.75 28.32 -0.39
C LYS I 151 -30.21 29.56 -1.11
N VAL I 152 -29.17 29.40 -1.94
CA VAL I 152 -28.51 30.55 -2.57
C VAL I 152 -29.30 31.01 -3.78
N VAL I 153 -29.80 32.27 -3.76
CA VAL I 153 -30.56 32.83 -4.88
C VAL I 153 -29.85 34.00 -5.60
N ASN I 154 -29.03 34.75 -4.89
CA ASN I 154 -28.30 35.87 -5.45
C ASN I 154 -26.86 35.71 -5.01
N GLU I 155 -26.00 35.34 -5.94
CA GLU I 155 -24.61 35.04 -5.65
C GLU I 155 -23.74 36.25 -5.29
N THR I 156 -24.20 37.46 -5.57
CA THR I 156 -23.44 38.64 -5.23
C THR I 156 -23.99 39.38 -4.01
N ALA I 157 -24.98 38.82 -3.33
CA ALA I 157 -25.49 39.43 -2.09
C ALA I 157 -24.36 39.53 -1.06
N PRO I 158 -24.28 40.64 -0.34
CA PRO I 158 -23.21 40.83 0.65
C PRO I 158 -22.99 39.65 1.60
N GLU I 159 -24.08 39.09 2.12
CA GLU I 159 -23.96 38.02 3.12
C GLU I 159 -23.47 36.71 2.49
N ILE I 160 -23.82 36.48 1.22
CA ILE I 160 -23.39 35.28 0.49
C ILE I 160 -21.91 35.34 0.17
N VAL I 161 -21.44 36.49 -0.30
CA VAL I 161 -20.03 36.69 -0.59
C VAL I 161 -19.15 36.63 0.67
N ALA I 162 -19.64 37.19 1.79
CA ALA I 162 -18.92 37.12 3.05
C ALA I 162 -18.86 35.67 3.53
N TYR I 163 -19.95 34.94 3.37
CA TYR I 163 -19.97 33.51 3.70
C TYR I 163 -18.97 32.75 2.86
N ALA I 164 -18.92 33.06 1.58
CA ALA I 164 -18.00 32.38 0.64
C ALA I 164 -16.55 32.57 1.09
N ALA I 165 -16.24 33.78 1.55
CA ALA I 165 -14.90 34.15 1.97
C ALA I 165 -14.52 33.43 3.25
N ARG I 166 -15.42 33.41 4.21
CA ARG I 166 -15.16 32.74 5.46
C ARG I 166 -15.00 31.23 5.29
N ILE I 167 -15.83 30.61 4.46
CA ILE I 167 -15.74 29.15 4.22
C ILE I 167 -14.38 28.78 3.65
N ALA I 168 -13.87 29.59 2.72
CA ALA I 168 -12.57 29.35 2.15
C ALA I 168 -11.45 29.41 3.19
N LEU I 169 -11.53 30.38 4.11
CA LEU I 169 -10.60 30.46 5.21
C LEU I 169 -10.68 29.21 6.05
N GLU I 170 -11.89 28.83 6.46
CA GLU I 170 -12.10 27.73 7.40
C GLU I 170 -11.61 26.40 6.83
N LEU I 171 -11.73 26.20 5.53
CA LEU I 171 -11.36 24.93 4.91
C LEU I 171 -9.89 24.83 4.55
N GLY I 172 -9.14 25.92 4.67
CA GLY I 172 -7.70 25.86 4.52
C GLY I 172 -7.12 26.56 3.31
N ALA I 173 -7.90 27.35 2.60
CA ALA I 173 -7.39 28.13 1.48
C ALA I 173 -6.21 29.01 1.90
N ASP I 174 -5.21 29.09 1.03
CA ASP I 174 -4.07 29.96 1.20
C ASP I 174 -4.28 31.29 0.47
N ALA I 175 -5.20 31.27 -0.48
CA ALA I 175 -5.74 32.46 -1.14
C ALA I 175 -7.10 32.05 -1.68
N MET I 176 -7.93 33.04 -2.00
CA MET I 176 -9.28 32.76 -2.47
C MET I 176 -9.74 33.71 -3.58
N LYS I 177 -10.68 33.23 -4.37
CA LYS I 177 -11.29 34.00 -5.43
C LYS I 177 -12.79 33.98 -5.16
N ILE I 178 -13.38 35.17 -5.05
CA ILE I 178 -14.81 35.30 -4.77
C ILE I 178 -15.44 36.38 -5.67
N LYS I 179 -16.76 36.36 -5.73
CA LYS I 179 -17.49 37.33 -6.55
C LYS I 179 -17.56 38.69 -5.85
N TYR I 180 -17.57 39.76 -6.63
CA TYR I 180 -17.72 41.11 -6.11
C TYR I 180 -19.19 41.39 -5.73
N THR I 181 -19.39 42.13 -4.65
CA THR I 181 -20.73 42.51 -4.20
C THR I 181 -21.30 43.69 -4.97
N GLY I 182 -20.45 44.43 -5.66
CA GLY I 182 -20.85 45.62 -6.39
C GLY I 182 -20.53 46.93 -5.68
N ASP I 183 -20.06 46.86 -4.44
CA ASP I 183 -19.59 48.07 -3.73
C ASP I 183 -18.52 47.76 -2.68
N PRO I 184 -17.61 48.71 -2.47
CA PRO I 184 -16.47 48.50 -1.58
C PRO I 184 -16.80 48.25 -0.11
N LYS I 185 -17.87 48.86 0.42
CA LYS I 185 -18.21 48.72 1.83
C LYS I 185 -18.61 47.28 2.18
N THR I 186 -19.56 46.71 1.43
CA THR I 186 -19.96 45.33 1.68
C THR I 186 -18.84 44.34 1.33
N PHE I 187 -18.06 44.64 0.29
CA PHE I 187 -16.98 43.73 -0.09
C PHE I 187 -15.88 43.72 0.96
N SER I 188 -15.68 44.83 1.68
CA SER I 188 -14.65 44.91 2.71
C SER I 188 -14.98 44.03 3.92
N TRP I 189 -16.27 43.79 4.18
CA TRP I 189 -16.70 42.82 5.18
C TRP I 189 -16.23 41.41 4.79
N ALA I 190 -16.38 41.04 3.52
CA ALA I 190 -15.90 39.75 3.05
C ALA I 190 -14.39 39.66 3.22
N VAL I 191 -13.68 40.71 2.90
CA VAL I 191 -12.22 40.75 3.03
C VAL I 191 -11.82 40.60 4.49
N LYS I 192 -12.54 41.25 5.39
CA LYS I 192 -12.25 41.17 6.80
C LYS I 192 -12.44 39.77 7.37
N VAL I 193 -13.52 39.08 7.01
CA VAL I 193 -13.78 37.77 7.58
C VAL I 193 -12.84 36.70 7.01
N ALA I 194 -12.20 37.00 5.88
CA ALA I 194 -11.15 36.16 5.31
C ALA I 194 -9.85 36.23 6.10
N GLY I 195 -9.73 37.22 6.98
CA GLY I 195 -8.59 37.32 7.87
C GLY I 195 -7.27 37.37 7.10
N LYS I 196 -6.34 36.50 7.45
CA LYS I 196 -4.99 36.50 6.89
C LYS I 196 -4.95 35.95 5.46
N VAL I 197 -6.06 35.41 4.96
CA VAL I 197 -6.07 34.84 3.63
C VAL I 197 -6.43 35.91 2.61
N PRO I 198 -5.54 36.18 1.67
CA PRO I 198 -5.82 37.19 0.64
C PRO I 198 -6.96 36.81 -0.33
N VAL I 199 -7.67 37.86 -0.74
CA VAL I 199 -8.88 37.76 -1.56
C VAL I 199 -8.62 38.35 -2.94
N LEU I 200 -8.93 37.57 -3.96
CA LEU I 200 -8.94 38.03 -5.34
C LEU I 200 -10.39 38.15 -5.78
N MET I 201 -10.74 39.25 -6.44
CA MET I 201 -12.04 39.44 -7.05
C MET I 201 -12.13 38.69 -8.38
N SER I 202 -13.20 37.94 -8.54
CA SER I 202 -13.56 37.34 -9.82
C SER I 202 -14.07 38.42 -10.78
N GLY I 203 -13.51 38.46 -11.99
CA GLY I 203 -13.80 39.53 -12.92
C GLY I 203 -15.25 39.59 -13.39
N GLY I 204 -15.86 38.44 -13.62
CA GLY I 204 -17.24 38.37 -14.06
C GLY I 204 -17.44 38.60 -15.55
N PRO I 205 -18.71 38.63 -15.98
CA PRO I 205 -19.05 38.87 -17.39
C PRO I 205 -18.48 40.20 -17.87
N LYS I 206 -18.12 40.26 -19.16
CA LYS I 206 -17.64 41.49 -19.76
C LYS I 206 -18.62 42.64 -19.48
N THR I 207 -18.09 43.74 -18.94
CA THR I 207 -18.91 44.91 -18.63
C THR I 207 -19.23 45.69 -19.90
N LYS I 208 -20.24 46.56 -19.80
CA LYS I 208 -20.70 47.36 -20.94
C LYS I 208 -19.60 48.31 -21.42
N THR I 209 -18.92 48.93 -20.48
CA THR I 209 -17.76 49.77 -20.79
C THR I 209 -16.54 49.34 -20.00
N GLU I 210 -15.38 49.70 -20.52
CA GLU I 210 -14.13 49.50 -19.82
C GLU I 210 -14.11 50.24 -18.49
N GLU I 211 -14.70 51.43 -18.46
CA GLU I 211 -14.71 52.22 -17.23
C GLU I 211 -15.54 51.55 -16.13
N ASP I 212 -16.64 50.90 -16.49
CA ASP I 212 -17.42 50.15 -15.51
C ASP I 212 -16.57 49.14 -14.74
N PHE I 213 -15.72 48.42 -15.46
CA PHE I 213 -14.88 47.40 -14.86
C PHE I 213 -13.77 48.02 -14.04
N LEU I 214 -13.13 49.06 -14.58
CA LEU I 214 -12.12 49.80 -13.81
C LEU I 214 -12.66 50.29 -12.46
N LYS I 215 -13.93 50.70 -12.42
CA LYS I 215 -14.50 51.26 -11.20
C LYS I 215 -14.78 50.16 -10.18
N GLN I 216 -15.18 49.00 -10.65
CA GLN I 216 -15.33 47.85 -9.80
C GLN I 216 -13.97 47.43 -9.21
N VAL I 217 -12.92 47.46 -10.03
CA VAL I 217 -11.58 47.11 -9.56
C VAL I 217 -11.11 48.13 -8.51
N GLU I 218 -11.45 49.39 -8.71
CA GLU I 218 -11.10 50.47 -7.81
C GLU I 218 -11.70 50.13 -6.44
N GLY I 219 -12.97 49.72 -6.44
CA GLY I 219 -13.70 49.40 -5.23
C GLY I 219 -13.13 48.20 -4.52
N VAL I 220 -12.72 47.19 -5.29
CA VAL I 220 -12.09 45.98 -4.76
C VAL I 220 -10.77 46.32 -4.05
N LEU I 221 -9.98 47.22 -4.63
CA LEU I 221 -8.74 47.67 -4.00
C LEU I 221 -9.05 48.47 -2.73
N GLU I 222 -10.04 49.35 -2.81
CA GLU I 222 -10.45 50.17 -1.66
C GLU I 222 -10.91 49.28 -0.49
N ALA I 223 -11.50 48.14 -0.81
CA ALA I 223 -12.01 47.21 0.19
C ALA I 223 -10.91 46.40 0.87
N GLY I 224 -9.68 46.46 0.35
CA GLY I 224 -8.53 45.80 0.94
C GLY I 224 -8.18 44.44 0.31
N ALA I 225 -8.77 44.14 -0.83
CA ALA I 225 -8.46 42.87 -1.50
C ALA I 225 -7.05 42.91 -2.11
N LEU I 226 -6.49 41.73 -2.31
CA LEU I 226 -5.16 41.60 -2.93
C LEU I 226 -5.16 42.03 -4.39
N GLY I 227 -6.28 41.81 -5.08
CA GLY I 227 -6.34 42.08 -6.49
C GLY I 227 -7.45 41.32 -7.20
N ILE I 228 -7.19 40.93 -8.44
CA ILE I 228 -8.23 40.39 -9.32
C ILE I 228 -7.75 39.15 -10.07
N ALA I 229 -8.68 38.25 -10.31
CA ALA I 229 -8.47 37.11 -11.17
C ALA I 229 -9.47 37.33 -12.29
N VAL I 230 -8.96 37.81 -13.42
CA VAL I 230 -9.81 38.30 -14.50
C VAL I 230 -9.60 37.48 -15.76
N GLY I 231 -10.70 37.17 -16.43
CA GLY I 231 -10.67 36.43 -17.70
C GLY I 231 -11.30 37.25 -18.80
N ARG I 232 -12.62 37.22 -18.83
CA ARG I 232 -13.38 37.77 -19.94
C ARG I 232 -13.16 39.26 -20.12
N ASN I 233 -13.09 40.00 -19.02
CA ASN I 233 -12.94 41.45 -19.12
C ASN I 233 -11.58 41.89 -19.69
N VAL I 234 -10.66 40.95 -19.87
CA VAL I 234 -9.45 41.18 -20.63
C VAL I 234 -9.55 40.54 -22.02
N TRP I 235 -9.57 39.21 -22.08
CA TRP I 235 -9.38 38.53 -23.38
C TRP I 235 -10.63 38.45 -24.28
N GLN I 236 -11.78 38.89 -23.79
CA GLN I 236 -12.96 39.01 -24.66
C GLN I 236 -12.94 40.32 -25.43
N ARG I 237 -11.99 41.20 -25.12
CA ARG I 237 -11.90 42.51 -25.77
C ARG I 237 -10.88 42.53 -26.92
N ARG I 238 -11.24 43.23 -28.00
CA ARG I 238 -10.35 43.42 -29.14
C ARG I 238 -9.08 44.12 -28.73
N ASP I 239 -9.24 45.09 -27.86
CA ASP I 239 -8.11 45.83 -27.33
C ASP I 239 -7.58 45.19 -26.03
N ALA I 240 -7.46 43.86 -26.01
CA ALA I 240 -7.16 43.13 -24.78
C ALA I 240 -5.86 43.61 -24.13
N LEU I 241 -4.82 43.81 -24.93
CA LEU I 241 -3.50 44.16 -24.38
C LEU I 241 -3.48 45.57 -23.82
N LYS I 242 -4.08 46.49 -24.56
CA LYS I 242 -4.20 47.88 -24.13
C LYS I 242 -4.95 48.01 -22.82
N PHE I 243 -6.10 47.34 -22.72
CA PHE I 243 -6.89 47.37 -21.50
C PHE I 243 -6.19 46.65 -20.34
N ALA I 244 -5.50 45.55 -20.65
CA ALA I 244 -4.72 44.82 -19.66
C ALA I 244 -3.67 45.73 -19.01
N ARG I 245 -3.01 46.54 -19.84
CA ARG I 245 -1.95 47.43 -19.36
C ARG I 245 -2.53 48.56 -18.53
N ALA I 246 -3.76 48.98 -18.85
CA ALA I 246 -4.48 49.94 -18.01
C ALA I 246 -4.86 49.31 -16.65
N LEU I 247 -5.20 48.03 -16.64
CA LEU I 247 -5.49 47.33 -15.39
C LEU I 247 -4.23 47.25 -14.55
N ALA I 248 -3.12 46.93 -15.18
CA ALA I 248 -1.82 46.83 -14.49
C ALA I 248 -1.47 48.18 -13.86
N GLU I 249 -1.67 49.26 -14.60
CA GLU I 249 -1.41 50.62 -14.09
C GLU I 249 -2.22 50.88 -12.82
N LEU I 250 -3.51 50.57 -12.87
CA LEU I 250 -4.40 50.77 -11.73
C LEU I 250 -4.04 49.89 -10.52
N VAL I 251 -3.83 48.60 -10.75
CA VAL I 251 -3.66 47.66 -9.64
C VAL I 251 -2.29 47.81 -8.97
N TYR I 252 -1.23 47.95 -9.75
CA TYR I 252 0.12 47.94 -9.16
C TYR I 252 0.54 49.28 -8.54
N GLY I 253 0.98 50.17 -9.23
N ASN J 3 -6.71 5.17 28.06
CA ASN J 3 -8.03 5.80 28.42
C ASN J 3 -8.08 7.24 27.95
N LEU J 4 -8.77 7.48 26.85
CA LEU J 4 -8.79 8.80 26.23
C LEU J 4 -9.78 9.77 26.90
N THR J 5 -10.80 9.28 27.55
CA THR J 5 -11.64 10.11 28.42
C THR J 5 -10.79 10.77 29.52
N GLU J 6 -9.92 9.99 30.15
CA GLU J 6 -9.06 10.51 31.23
C GLU J 6 -8.07 11.56 30.70
N LYS J 7 -7.51 11.32 29.50
CA LYS J 7 -6.67 12.32 28.87
C LYS J 7 -7.46 13.61 28.61
N PHE J 8 -8.68 13.46 28.10
CA PHE J 8 -9.53 14.61 27.83
C PHE J 8 -9.75 15.43 29.12
N LEU J 9 -10.08 14.74 30.21
CA LEU J 9 -10.37 15.39 31.48
C LEU J 9 -9.13 16.10 32.06
N ARG J 10 -7.97 15.51 31.86
CA ARG J 10 -6.69 16.04 32.32
C ARG J 10 -6.34 17.36 31.61
N ILE J 11 -6.64 17.43 30.32
CA ILE J 11 -6.28 18.58 29.51
C ILE J 11 -7.36 19.66 29.54
N PHE J 12 -8.62 19.23 29.45
CA PHE J 12 -9.76 20.15 29.27
C PHE J 12 -10.62 20.34 30.51
N ALA J 13 -10.30 19.66 31.59
CA ALA J 13 -11.11 19.76 32.81
C ALA J 13 -10.26 19.60 34.07
N ARG J 14 -9.11 20.27 34.10
CA ARG J 14 -8.18 20.10 35.20
C ARG J 14 -8.78 20.56 36.54
N ARG J 15 -9.74 21.49 36.49
CA ARG J 15 -10.42 21.94 37.68
C ARG J 15 -11.67 21.10 38.02
N GLY J 16 -11.95 20.05 37.27
CA GLY J 16 -13.10 19.20 37.58
C GLY J 16 -14.32 19.52 36.75
N LYS J 17 -14.35 20.73 36.18
CA LYS J 17 -15.37 21.14 35.23
C LYS J 17 -14.69 21.82 34.04
N SER J 18 -15.44 22.04 32.97
CA SER J 18 -14.88 22.48 31.71
C SER J 18 -15.67 23.56 31.02
N ILE J 19 -14.97 24.55 30.48
CA ILE J 19 -15.55 25.51 29.52
C ILE J 19 -14.69 25.52 28.26
N ILE J 20 -15.33 25.22 27.14
CA ILE J 20 -14.68 25.21 25.81
C ILE J 20 -15.29 26.34 25.01
N LEU J 21 -14.46 27.19 24.43
CA LEU J 21 -14.95 28.27 23.59
C LEU J 21 -15.04 27.77 22.16
N ALA J 22 -16.25 27.59 21.65
CA ALA J 22 -16.47 27.04 20.34
C ALA J 22 -16.45 28.12 19.29
N TYR J 23 -15.81 27.84 18.14
CA TYR J 23 -15.62 28.83 17.10
C TYR J 23 -15.53 28.20 15.70
N ASP J 24 -16.38 27.22 15.46
CA ASP J 24 -16.53 26.60 14.14
C ASP J 24 -17.67 27.25 13.35
N HIS J 25 -18.20 28.32 13.89
CA HIS J 25 -19.40 28.96 13.40
C HIS J 25 -19.21 29.61 12.04
N GLY J 26 -17.99 30.01 11.70
CA GLY J 26 -17.74 30.64 10.42
C GLY J 26 -18.11 29.78 9.20
N ILE J 27 -18.05 28.47 9.35
CA ILE J 27 -18.52 27.56 8.30
C ILE J 27 -19.95 27.10 8.55
N GLU J 28 -20.27 26.69 9.78
CA GLU J 28 -21.61 26.22 10.13
C GLU J 28 -22.73 27.23 9.88
N HIS J 29 -22.50 28.49 10.24
CA HIS J 29 -23.50 29.57 10.07
C HIS J 29 -23.06 30.71 9.18
N GLY J 30 -21.76 30.90 9.04
CA GLY J 30 -21.24 32.03 8.32
C GLY J 30 -21.07 33.27 9.16
N PRO J 31 -20.47 34.29 8.55
CA PRO J 31 -20.10 35.49 9.28
C PRO J 31 -21.23 36.41 9.77
N ALA J 32 -22.49 36.16 9.43
CA ALA J 32 -23.61 36.93 10.01
C ALA J 32 -23.59 36.85 11.55
N ASP J 33 -23.19 35.69 12.10
CA ASP J 33 -22.94 35.49 13.53
C ASP J 33 -22.00 36.54 14.16
N PHE J 34 -21.10 37.12 13.36
CA PHE J 34 -20.06 38.04 13.84
C PHE J 34 -20.43 39.52 13.78
N MET J 35 -21.61 39.84 13.28
CA MET J 35 -22.00 41.25 13.12
C MET J 35 -22.29 41.97 14.47
N ASP J 36 -22.95 41.27 15.40
CA ASP J 36 -23.24 41.79 16.75
C ASP J 36 -22.00 42.36 17.48
N ASN J 37 -20.89 41.63 17.37
CA ASN J 37 -19.61 42.01 17.99
C ASN J 37 -18.47 41.75 16.97
N PRO J 38 -18.21 42.70 16.06
CA PRO J 38 -17.32 42.47 14.91
C PRO J 38 -15.91 41.93 15.18
N ASP J 39 -15.36 42.18 16.37
CA ASP J 39 -14.07 41.58 16.76
C ASP J 39 -14.11 40.06 16.72
N SER J 40 -15.30 39.48 16.91
CA SER J 40 -15.50 38.03 16.91
C SER J 40 -15.14 37.37 15.61
N ALA J 41 -15.03 38.14 14.53
CA ALA J 41 -14.59 37.63 13.23
C ALA J 41 -13.08 37.35 13.18
N ASP J 42 -12.36 37.89 14.15
CA ASP J 42 -10.91 37.73 14.25
C ASP J 42 -10.54 36.57 15.20
N PRO J 43 -10.01 35.47 14.68
CA PRO J 43 -9.64 34.34 15.54
C PRO J 43 -8.63 34.68 16.65
N GLU J 44 -7.76 35.68 16.46
CA GLU J 44 -6.81 36.14 17.49
C GLU J 44 -7.54 36.67 18.73
N TYR J 45 -8.61 37.43 18.47
CA TYR J 45 -9.50 37.92 19.51
C TYR J 45 -10.12 36.78 20.29
N ILE J 46 -10.56 35.74 19.59
CA ILE J 46 -11.11 34.56 20.26
C ILE J 46 -10.09 33.86 21.18
N LEU J 47 -8.85 33.77 20.73
CA LEU J 47 -7.82 33.09 21.49
C LEU J 47 -7.48 33.92 22.72
N ARG J 48 -7.44 35.24 22.59
CA ARG J 48 -7.15 36.13 23.71
C ARG J 48 -8.25 36.04 24.76
N LEU J 49 -9.48 36.01 24.28
CA LEU J 49 -10.67 35.86 25.13
C LEU J 49 -10.65 34.54 25.92
N ALA J 50 -10.34 33.42 25.27
CA ALA J 50 -10.16 32.12 25.93
C ALA J 50 -9.06 32.18 27.00
N ARG J 51 -7.95 32.82 26.66
CA ARG J 51 -6.82 32.89 27.56
C ARG J 51 -7.17 33.76 28.77
N ASP J 52 -7.74 34.95 28.52
CA ASP J 52 -8.04 35.94 29.56
C ASP J 52 -9.17 35.51 30.51
N ALA J 53 -10.10 34.70 30.02
CA ALA J 53 -11.18 34.20 30.84
C ALA J 53 -10.77 32.93 31.60
N GLY J 54 -9.62 32.36 31.26
CA GLY J 54 -9.15 31.13 31.88
C GLY J 54 -9.94 29.88 31.44
N PHE J 55 -10.46 29.88 30.22
CA PHE J 55 -11.18 28.73 29.69
C PHE J 55 -10.23 27.57 29.32
N ASP J 56 -10.79 26.37 29.17
CA ASP J 56 -10.02 25.16 29.04
C ASP J 56 -9.60 24.82 27.59
N GLY J 57 -10.31 25.36 26.61
CA GLY J 57 -10.02 25.06 25.23
C GLY J 57 -10.78 25.92 24.24
N VAL J 58 -10.39 25.79 22.99
CA VAL J 58 -11.09 26.38 21.85
C VAL J 58 -11.35 25.29 20.83
N VAL J 59 -12.39 25.47 20.01
CA VAL J 59 -12.71 24.59 18.88
C VAL J 59 -12.55 25.37 17.59
N PHE J 60 -11.63 24.93 16.74
CA PHE J 60 -11.39 25.53 15.44
C PHE J 60 -11.53 24.46 14.33
N GLN J 61 -11.97 24.87 13.15
CA GLN J 61 -11.78 24.11 11.92
C GLN J 61 -10.32 24.23 11.50
N ARG J 62 -9.89 23.39 10.57
CA ARG J 62 -8.48 23.27 10.21
C ARG J 62 -7.85 24.57 9.71
N GLY J 63 -8.59 25.33 8.95
CA GLY J 63 -8.04 26.52 8.32
C GLY J 63 -7.76 27.61 9.34
N ILE J 64 -8.62 27.71 10.34
CA ILE J 64 -8.39 28.67 11.42
C ILE J 64 -7.23 28.19 12.27
N ALA J 65 -7.17 26.89 12.55
CA ALA J 65 -6.06 26.34 13.32
C ALA J 65 -4.72 26.55 12.63
N GLU J 66 -4.67 26.27 11.33
CA GLU J 66 -3.43 26.42 10.56
C GLU J 66 -2.94 27.87 10.54
N LYS J 67 -3.84 28.80 10.29
CA LYS J 67 -3.45 30.22 10.12
C LYS J 67 -3.26 30.97 11.45
N TYR J 68 -3.92 30.53 12.53
CA TYR J 68 -4.01 31.34 13.78
C TYR J 68 -3.61 30.63 15.06
N TYR J 69 -3.74 29.31 15.13
CA TYR J 69 -3.51 28.64 16.41
C TYR J 69 -2.06 28.84 16.85
N ASP J 70 -1.89 29.24 18.10
CA ASP J 70 -0.58 29.59 18.63
C ASP J 70 -0.16 28.80 19.88
N GLY J 71 -0.90 27.76 20.23
CA GLY J 71 -0.54 26.90 21.34
C GLY J 71 -0.95 27.43 22.69
N SER J 72 -1.67 28.55 22.74
CA SER J 72 -1.85 29.27 23.99
C SER J 72 -3.00 28.73 24.85
N VAL J 73 -3.89 27.99 24.21
CA VAL J 73 -5.04 27.35 24.86
C VAL J 73 -5.18 25.98 24.16
N PRO J 74 -5.46 24.89 24.88
CA PRO J 74 -5.67 23.58 24.25
C PRO J 74 -6.72 23.60 23.12
N LEU J 75 -6.44 22.87 22.03
CA LEU J 75 -7.25 22.94 20.81
C LEU J 75 -8.01 21.63 20.57
N ILE J 76 -9.30 21.76 20.28
CA ILE J 76 -10.09 20.69 19.72
C ILE J 76 -10.25 21.05 18.25
N LEU J 77 -9.74 20.19 17.37
CA LEU J 77 -9.85 20.41 15.95
C LEU J 77 -11.12 19.74 15.48
N LYS J 78 -12.08 20.56 15.05
CA LYS J 78 -13.37 20.10 14.54
C LYS J 78 -13.15 19.65 13.09
N LEU J 79 -13.31 18.35 12.84
CA LEU J 79 -12.85 17.72 11.60
C LEU J 79 -13.81 17.88 10.46
N ASN J 80 -15.12 17.92 10.75
CA ASN J 80 -16.14 18.10 9.74
C ASN J 80 -16.91 19.40 9.87
N GLY J 81 -17.53 19.78 8.75
CA GLY J 81 -18.27 21.01 8.70
C GLY J 81 -19.21 21.04 7.51
N LYS J 82 -20.36 21.68 7.71
CA LYS J 82 -21.33 21.94 6.65
C LYS J 82 -21.80 23.37 6.79
N THR J 83 -22.53 23.86 5.79
CA THR J 83 -23.08 25.22 5.84
C THR J 83 -24.60 25.19 6.05
N THR J 84 -25.16 26.33 6.45
CA THR J 84 -26.63 26.48 6.48
C THR J 84 -27.21 26.75 5.12
N LEU J 85 -26.37 27.05 4.14
CA LEU J 85 -26.85 27.24 2.76
C LEU J 85 -27.37 25.94 2.20
N TYR J 86 -26.84 24.82 2.70
CA TYR J 86 -27.23 23.47 2.26
C TYR J 86 -28.68 23.13 2.67
N ASN J 87 -29.42 22.51 1.75
CA ASN J 87 -30.81 22.11 1.88
C ASN J 87 -31.11 20.61 1.95
N GLY J 88 -30.15 19.73 1.66
CA GLY J 88 -30.44 18.27 1.67
C GLY J 88 -30.64 17.66 3.05
N GLU J 89 -30.71 16.33 3.12
CA GLU J 89 -30.74 15.63 4.41
C GLU J 89 -29.38 15.91 5.10
N PRO J 90 -29.39 16.23 6.38
CA PRO J 90 -28.19 16.73 7.07
C PRO J 90 -26.97 15.82 6.92
N VAL J 91 -25.86 16.38 6.49
CA VAL J 91 -24.62 15.64 6.36
C VAL J 91 -23.45 16.61 6.50
N SER J 92 -22.40 16.16 7.17
CA SER J 92 -21.21 16.97 7.38
C SER J 92 -20.03 16.04 7.30
N VAL J 93 -19.16 16.24 6.31
CA VAL J 93 -18.03 15.35 6.10
C VAL J 93 -16.74 15.98 6.53
N ALA J 94 -15.78 15.11 6.82
CA ALA J 94 -14.48 15.54 7.29
C ALA J 94 -13.80 16.34 6.18
N ASN J 95 -13.24 17.50 6.56
CA ASN J 95 -12.36 18.26 5.68
C ASN J 95 -10.89 18.17 6.10
N CYS J 96 -10.64 17.34 7.11
CA CYS J 96 -9.34 17.19 7.75
C CYS J 96 -9.23 15.81 8.38
N SER J 97 -8.04 15.24 8.39
CA SER J 97 -7.76 13.96 9.04
C SER J 97 -7.24 14.17 10.46
N VAL J 98 -7.27 13.11 11.26
CA VAL J 98 -6.73 13.13 12.59
C VAL J 98 -5.23 13.37 12.56
N GLU J 99 -4.53 12.76 11.59
CA GLU J 99 -3.11 12.96 11.46
C GLU J 99 -2.74 14.42 11.19
N GLU J 100 -3.50 15.10 10.36
CA GLU J 100 -3.29 16.54 10.15
C GLU J 100 -3.64 17.38 11.39
N ALA J 101 -4.66 16.96 12.12
CA ALA J 101 -5.02 17.64 13.37
C ALA J 101 -3.89 17.61 14.38
N VAL J 102 -3.25 16.45 14.49
CA VAL J 102 -2.08 16.29 15.34
C VAL J 102 -0.98 17.28 14.92
N SER J 103 -0.70 17.39 13.61
CA SER J 103 0.36 18.30 13.17
C SER J 103 0.02 19.78 13.38
N LEU J 104 -1.27 20.12 13.47
CA LEU J 104 -1.72 21.48 13.73
C LEU J 104 -1.75 21.85 15.23
N GLY J 105 -1.42 20.90 16.11
CA GLY J 105 -1.31 21.14 17.54
C GLY J 105 -2.55 20.77 18.36
N ALA J 106 -3.47 20.00 17.80
CA ALA J 106 -4.69 19.62 18.50
C ALA J 106 -4.42 18.68 19.65
N SER J 107 -5.13 18.87 20.75
CA SER J 107 -5.14 17.94 21.88
C SER J 107 -6.35 17.01 21.85
N ALA J 108 -7.28 17.27 20.93
CA ALA J 108 -8.45 16.43 20.72
C ALA J 108 -9.06 16.72 19.34
N VAL J 109 -9.92 15.84 18.87
CA VAL J 109 -10.62 16.07 17.63
C VAL J 109 -12.11 16.01 17.83
N GLY J 110 -12.85 16.78 17.03
CA GLY J 110 -14.29 16.86 17.15
C GLY J 110 -14.94 16.39 15.86
N TYR J 111 -16.14 15.82 15.97
CA TYR J 111 -16.87 15.36 14.81
C TYR J 111 -18.37 15.40 15.12
N THR J 112 -19.15 15.99 14.22
CA THR J 112 -20.62 16.03 14.33
C THR J 112 -21.25 14.84 13.60
N ILE J 113 -22.20 14.20 14.28
CA ILE J 113 -23.12 13.25 13.69
C ILE J 113 -24.54 13.82 13.79
N TYR J 114 -25.36 13.46 12.81
CA TYR J 114 -26.78 13.77 12.79
C TYR J 114 -27.62 12.48 12.75
N PRO J 115 -27.77 11.81 13.89
CA PRO J 115 -28.60 10.63 13.97
C PRO J 115 -30.01 10.90 13.44
N GLY J 116 -30.53 9.98 12.64
CA GLY J 116 -31.84 10.16 12.04
C GLY J 116 -31.81 10.71 10.64
N SER J 117 -30.75 11.43 10.28
CA SER J 117 -30.61 11.91 8.90
C SER J 117 -30.67 10.77 7.89
N GLY J 118 -31.22 11.04 6.71
CA GLY J 118 -31.10 10.14 5.56
C GLY J 118 -29.67 9.74 5.25
N PHE J 119 -28.71 10.57 5.64
CA PHE J 119 -27.31 10.29 5.52
C PHE J 119 -26.61 9.85 6.81
N GLU J 120 -27.35 9.39 7.82
CA GLU J 120 -26.71 9.07 9.12
C GLU J 120 -25.57 8.07 8.86
N TRP J 121 -25.82 7.12 8.00
CA TRP J 121 -24.83 6.10 7.66
C TRP J 121 -23.49 6.65 7.13
N LYS J 122 -23.53 7.75 6.39
CA LYS J 122 -22.32 8.34 5.83
C LYS J 122 -21.44 8.88 6.94
N MET J 123 -22.06 9.51 7.94
CA MET J 123 -21.30 10.00 9.07
C MET J 123 -20.85 8.89 10.01
N PHE J 124 -21.63 7.83 10.19
CA PHE J 124 -21.22 6.73 11.07
C PHE J 124 -20.03 5.98 10.43
N GLU J 125 -20.07 5.84 9.12
CA GLU J 125 -18.97 5.21 8.36
C GLU J 125 -17.68 6.00 8.50
N GLU J 126 -17.78 7.31 8.34
CA GLU J 126 -16.61 8.16 8.45
C GLU J 126 -16.12 8.26 9.90
N LEU J 127 -17.05 8.33 10.86
CA LEU J 127 -16.69 8.36 12.29
C LEU J 127 -15.89 7.12 12.69
N ALA J 128 -16.24 5.97 12.12
CA ALA J 128 -15.48 4.74 12.35
C ALA J 128 -13.99 4.90 12.04
N ARG J 129 -13.68 5.53 10.91
CA ARG J 129 -12.29 5.78 10.51
C ARG J 129 -11.60 6.80 11.44
N ILE J 130 -12.32 7.87 11.78
CA ILE J 130 -11.82 8.89 12.67
C ILE J 130 -11.57 8.32 14.08
N LYS J 131 -12.50 7.54 14.57
CA LYS J 131 -12.34 6.91 15.86
C LYS J 131 -11.08 6.05 15.87
N ARG J 132 -10.93 5.21 14.85
CA ARG J 132 -9.75 4.37 14.76
C ARG J 132 -8.47 5.20 14.82
N ASP J 133 -8.42 6.29 14.05
CA ASP J 133 -7.26 7.19 14.00
C ASP J 133 -7.04 7.91 15.30
N ALA J 134 -8.12 8.31 15.96
CA ALA J 134 -8.01 8.98 17.25
C ALA J 134 -7.31 8.06 18.25
N VAL J 135 -7.67 6.79 18.27
CA VAL J 135 -7.00 5.81 19.12
C VAL J 135 -5.53 5.69 18.77
N LYS J 136 -5.24 5.62 17.48
CA LYS J 136 -3.89 5.41 16.98
C LYS J 136 -2.97 6.60 17.34
N PHE J 137 -3.48 7.82 17.23
CA PHE J 137 -2.72 9.04 17.55
C PHE J 137 -2.93 9.50 19.00
N ASP J 138 -3.72 8.75 19.76
CA ASP J 138 -3.95 9.03 21.18
C ASP J 138 -4.54 10.44 21.42
N LEU J 139 -5.51 10.81 20.58
CA LEU J 139 -6.23 12.07 20.67
C LEU J 139 -7.66 11.73 21.03
N PRO J 140 -8.19 12.27 22.12
CA PRO J 140 -9.59 12.07 22.47
C PRO J 140 -10.53 12.51 21.36
N LEU J 141 -11.61 11.79 21.18
CA LEU J 141 -12.65 12.10 20.21
C LEU J 141 -13.85 12.72 20.94
N VAL J 142 -14.21 13.93 20.53
CA VAL J 142 -15.36 14.62 21.05
C VAL J 142 -16.43 14.60 19.98
N VAL J 143 -17.56 13.98 20.28
CA VAL J 143 -18.66 13.89 19.33
C VAL J 143 -19.76 14.92 19.63
N TRP J 144 -20.04 15.75 18.63
CA TRP J 144 -21.22 16.63 18.63
C TRP J 144 -22.38 15.75 18.21
N SER J 145 -23.29 15.42 19.12
CA SER J 145 -24.36 14.48 18.77
C SER J 145 -25.69 15.24 18.62
N TYR J 146 -26.06 15.48 17.37
CA TYR J 146 -27.16 16.37 17.05
C TYR J 146 -28.19 15.67 16.16
N PRO J 147 -29.08 14.87 16.73
CA PRO J 147 -30.15 14.25 15.94
C PRO J 147 -30.91 15.28 15.09
N ARG J 148 -31.07 14.97 13.81
CA ARG J 148 -31.64 15.91 12.85
C ARG J 148 -31.99 15.15 11.55
N GLY J 149 -33.13 15.52 10.96
CA GLY J 149 -33.69 14.82 9.83
C GLY J 149 -34.47 13.59 10.28
N GLY J 150 -34.90 12.78 9.31
CA GLY J 150 -35.70 11.61 9.61
C GLY J 150 -36.91 11.97 10.45
N LYS J 151 -37.12 11.27 11.56
CA LYS J 151 -38.28 11.46 12.44
C LYS J 151 -38.08 12.55 13.47
N VAL J 152 -36.93 13.20 13.47
CA VAL J 152 -36.66 14.20 14.49
C VAL J 152 -37.47 15.44 14.14
N VAL J 153 -38.39 15.84 15.04
CA VAL J 153 -39.14 17.09 14.87
C VAL J 153 -38.85 18.11 15.95
N ASN J 154 -38.21 17.69 17.03
CA ASN J 154 -37.91 18.57 18.14
C ASN J 154 -36.57 18.17 18.75
N GLU J 155 -35.54 18.94 18.44
CA GLU J 155 -34.17 18.58 18.78
C GLU J 155 -33.82 18.72 20.24
N THR J 156 -34.59 19.50 21.03
CA THR J 156 -34.35 19.66 22.46
C THR J 156 -35.33 18.86 23.29
N ALA J 157 -36.16 18.03 22.67
CA ALA J 157 -37.03 17.13 23.44
C ALA J 157 -36.19 16.18 24.32
N PRO J 158 -36.62 15.93 25.56
CA PRO J 158 -35.87 15.06 26.49
C PRO J 158 -35.40 13.72 25.88
N GLU J 159 -36.30 13.05 25.18
CA GLU J 159 -36.00 11.72 24.65
C GLU J 159 -35.02 11.77 23.47
N ILE J 160 -35.01 12.87 22.72
CA ILE J 160 -34.07 13.07 21.63
C ILE J 160 -32.67 13.37 22.15
N VAL J 161 -32.55 14.23 23.15
CA VAL J 161 -31.27 14.58 23.74
C VAL J 161 -30.64 13.38 24.45
N ALA J 162 -31.46 12.61 25.15
CA ALA J 162 -30.99 11.37 25.78
C ALA J 162 -30.51 10.36 24.72
N TYR J 163 -31.24 10.25 23.63
CA TYR J 163 -30.82 9.37 22.50
C TYR J 163 -29.49 9.85 21.92
N ALA J 164 -29.37 11.15 21.72
CA ALA J 164 -28.10 11.75 21.24
C ALA J 164 -26.92 11.35 22.12
N ALA J 165 -27.12 11.39 23.42
CA ALA J 165 -26.06 11.11 24.38
C ALA J 165 -25.66 9.65 24.36
N ARG J 166 -26.65 8.79 24.32
CA ARG J 166 -26.38 7.37 24.26
C ARG J 166 -25.67 6.95 22.98
N ILE J 167 -26.09 7.51 21.84
CA ILE J 167 -25.48 7.17 20.56
C ILE J 167 -23.99 7.51 20.57
N ALA J 168 -23.64 8.68 21.12
CA ALA J 168 -22.25 9.10 21.20
C ALA J 168 -21.46 8.12 22.04
N LEU J 169 -22.01 7.66 23.15
CA LEU J 169 -21.35 6.66 23.98
C LEU J 169 -21.13 5.35 23.21
N GLU J 170 -22.17 4.89 22.53
CA GLU J 170 -22.14 3.61 21.80
C GLU J 170 -21.14 3.61 20.63
N LEU J 171 -20.95 4.76 19.99
CA LEU J 171 -20.06 4.86 18.83
C LEU J 171 -18.61 5.14 19.21
N GLY J 172 -18.33 5.42 20.48
CA GLY J 172 -16.96 5.50 20.94
C GLY J 172 -16.46 6.89 21.33
N ALA J 173 -17.36 7.85 21.47
CA ALA J 173 -16.98 9.17 21.96
C ALA J 173 -16.23 9.06 23.29
N ASP J 174 -15.19 9.87 23.45
CA ASP J 174 -14.49 10.01 24.71
C ASP J 174 -15.05 11.19 25.54
N ALA J 175 -15.68 12.13 24.87
CA ALA J 175 -16.51 13.20 25.45
C ALA J 175 -17.53 13.58 24.39
N MET J 176 -18.59 14.25 24.80
CA MET J 176 -19.64 14.64 23.87
C MET J 176 -20.20 16.01 24.14
N LYS J 177 -20.76 16.59 23.09
CA LYS J 177 -21.45 17.87 23.14
C LYS J 177 -22.88 17.63 22.64
N ILE J 178 -23.87 17.97 23.45
CA ILE J 178 -25.29 17.81 23.10
C ILE J 178 -26.08 19.04 23.49
N LYS J 179 -27.31 19.14 22.98
CA LYS J 179 -28.18 20.28 23.27
C LYS J 179 -28.84 20.15 24.64
N TYR J 180 -29.08 21.29 25.28
CA TYR J 180 -29.78 21.32 26.55
C TYR J 180 -31.26 21.12 26.32
N THR J 181 -31.90 20.36 27.20
CA THR J 181 -33.35 20.15 27.18
C THR J 181 -34.17 21.34 27.77
N GLY J 182 -33.50 22.22 28.48
CA GLY J 182 -34.19 23.35 29.11
C GLY J 182 -34.47 23.17 30.60
N ASP J 183 -34.23 21.97 31.13
CA ASP J 183 -34.34 21.77 32.58
C ASP J 183 -33.41 20.66 33.09
N PRO J 184 -32.92 20.82 34.32
CA PRO J 184 -31.95 19.87 34.89
C PRO J 184 -32.43 18.44 35.05
N LYS J 185 -33.71 18.20 35.33
CA LYS J 185 -34.21 16.85 35.56
C LYS J 185 -34.12 15.99 34.30
N THR J 186 -34.65 16.49 33.19
CA THR J 186 -34.60 15.74 31.93
C THR J 186 -33.19 15.68 31.40
N PHE J 187 -32.39 16.73 31.61
CA PHE J 187 -31.02 16.72 31.12
C PHE J 187 -30.19 15.71 31.88
N SER J 188 -30.49 15.49 33.17
CA SER J 188 -29.74 14.53 33.97
C SER J 188 -29.93 13.10 33.52
N TRP J 189 -31.07 12.78 32.88
CA TRP J 189 -31.26 11.47 32.21
C TRP J 189 -30.28 11.27 31.03
N ALA J 190 -30.08 12.31 30.22
CA ALA J 190 -29.10 12.25 29.16
C ALA J 190 -27.70 12.05 29.74
N VAL J 191 -27.37 12.75 30.82
CA VAL J 191 -26.07 12.61 31.48
C VAL J 191 -25.89 11.20 32.02
N LYS J 192 -26.96 10.64 32.57
CA LYS J 192 -26.90 9.28 33.09
C LYS J 192 -26.67 8.21 32.02
N VAL J 193 -27.37 8.30 30.88
CA VAL J 193 -27.22 7.28 29.83
C VAL J 193 -25.89 7.39 29.10
N ALA J 194 -25.24 8.56 29.18
CA ALA J 194 -23.86 8.74 28.68
C ALA J 194 -22.82 7.99 29.51
N GLY J 195 -23.20 7.55 30.72
CA GLY J 195 -22.33 6.73 31.55
C GLY J 195 -21.01 7.41 31.88
N LYS J 196 -19.90 6.74 31.54
CA LYS J 196 -18.56 7.24 31.87
C LYS J 196 -18.10 8.35 30.94
N VAL J 197 -18.86 8.66 29.91
CA VAL J 197 -18.42 9.68 28.95
C VAL J 197 -18.99 11.02 29.40
N PRO J 198 -18.11 11.99 29.65
CA PRO J 198 -18.56 13.32 30.04
C PRO J 198 -19.33 14.06 28.94
N VAL J 199 -20.28 14.88 29.40
CA VAL J 199 -21.21 15.62 28.59
C VAL J 199 -20.95 17.13 28.74
N LEU J 200 -20.78 17.80 27.61
CA LEU J 200 -20.73 19.23 27.51
C LEU J 200 -22.05 19.72 26.91
N MET J 201 -22.64 20.76 27.52
CA MET J 201 -23.81 21.44 26.98
C MET J 201 -23.41 22.38 25.86
N SER J 202 -24.11 22.27 24.75
CA SER J 202 -23.99 23.22 23.65
C SER J 202 -24.69 24.52 24.09
N GLY J 203 -24.02 25.66 23.91
CA GLY J 203 -24.53 26.94 24.39
C GLY J 203 -25.81 27.45 23.72
N GLY J 204 -25.92 27.21 22.41
CA GLY J 204 -27.10 27.61 21.65
C GLY J 204 -27.11 29.08 21.25
N PRO J 205 -28.22 29.54 20.66
CA PRO J 205 -28.39 30.95 20.29
C PRO J 205 -28.25 31.89 21.49
N LYS J 206 -27.74 33.09 21.23
CA LYS J 206 -27.60 34.10 22.28
C LYS J 206 -28.93 34.32 22.98
N THR J 207 -28.93 34.19 24.30
CA THR J 207 -30.15 34.35 25.07
C THR J 207 -30.53 35.83 25.21
N LYS J 208 -31.78 36.08 25.59
CA LYS J 208 -32.29 37.44 25.71
C LYS J 208 -31.53 38.22 26.77
N THR J 209 -31.26 37.58 27.90
CA THR J 209 -30.43 38.17 28.94
C THR J 209 -29.27 37.25 29.29
N GLU J 210 -28.23 37.83 29.86
CA GLU J 210 -27.12 37.08 30.42
C GLU J 210 -27.56 36.12 31.51
N GLU J 211 -28.52 36.59 32.31
CA GLU J 211 -29.07 35.78 33.36
C GLU J 211 -29.75 34.51 32.84
N ASP J 212 -30.46 34.60 31.71
CA ASP J 212 -31.09 33.40 31.17
C ASP J 212 -30.00 32.36 30.93
N PHE J 213 -28.86 32.75 30.34
CA PHE J 213 -27.79 31.79 30.04
C PHE J 213 -27.13 31.23 31.28
N LEU J 214 -26.93 32.08 32.30
CA LEU J 214 -26.28 31.63 33.51
C LEU J 214 -27.15 30.53 34.13
N LYS J 215 -28.47 30.68 34.00
CA LYS J 215 -29.42 29.78 34.69
C LYS J 215 -29.39 28.45 33.97
N GLN J 216 -29.22 28.46 32.67
CA GLN J 216 -29.09 27.22 31.90
C GLN J 216 -27.76 26.47 32.16
N VAL J 217 -26.67 27.21 32.29
CA VAL J 217 -25.38 26.63 32.62
C VAL J 217 -25.40 26.00 33.98
N GLU J 218 -25.99 26.66 35.00
CA GLU J 218 -26.02 26.07 36.33
C GLU J 218 -26.79 24.71 36.21
N GLY J 219 -27.77 24.68 35.30
CA GLY J 219 -28.85 23.60 35.39
C GLY J 219 -28.13 22.41 34.82
N VAL J 220 -27.20 22.76 33.93
CA VAL J 220 -26.30 21.83 33.35
C VAL J 220 -25.39 21.28 34.43
N LEU J 221 -24.87 22.14 35.29
CA LEU J 221 -23.97 21.69 36.35
C LEU J 221 -24.69 20.81 37.38
N GLU J 222 -25.94 21.14 37.66
CA GLU J 222 -26.75 20.42 38.66
C GLU J 222 -27.19 19.06 38.11
N ALA J 223 -27.33 18.95 36.79
CA ALA J 223 -27.66 17.68 36.12
C ALA J 223 -26.49 16.71 36.10
N GLY J 224 -25.30 17.20 36.43
CA GLY J 224 -24.10 16.40 36.53
C GLY J 224 -23.22 16.44 35.27
N ALA J 225 -23.47 17.38 34.38
CA ALA J 225 -22.63 17.52 33.18
C ALA J 225 -21.24 18.06 33.54
N LEU J 226 -20.28 17.79 32.68
CA LEU J 226 -18.91 18.27 32.85
C LEU J 226 -18.77 19.77 32.67
N GLY J 227 -19.61 20.36 31.84
CA GLY J 227 -19.52 21.77 31.58
C GLY J 227 -20.16 22.17 30.28
N ILE J 228 -19.63 23.21 29.66
CA ILE J 228 -20.25 23.81 28.51
C ILE J 228 -19.26 24.01 27.36
N ALA J 229 -19.79 23.89 26.15
CA ALA J 229 -19.06 24.29 24.96
C ALA J 229 -19.88 25.42 24.38
N VAL J 230 -19.40 26.63 24.61
CA VAL J 230 -20.13 27.85 24.33
C VAL J 230 -19.42 28.68 23.25
N GLY J 231 -20.19 29.19 22.31
CA GLY J 231 -19.71 30.11 21.29
C GLY J 231 -20.44 31.45 21.43
N ARG J 232 -21.63 31.50 20.85
CA ARG J 232 -22.34 32.75 20.63
C ARG J 232 -22.65 33.48 21.93
N ASN J 233 -22.98 32.76 22.98
CA ASN J 233 -23.34 33.36 24.25
C ASN J 233 -22.17 34.05 24.94
N VAL J 234 -20.95 33.81 24.46
CA VAL J 234 -19.79 34.60 24.85
C VAL J 234 -19.43 35.64 23.79
N TRP J 235 -18.96 35.20 22.62
CA TRP J 235 -18.36 36.14 21.66
C TRP J 235 -19.33 36.99 20.81
N GLN J 236 -20.62 36.71 20.89
CA GLN J 236 -21.61 37.57 20.25
C GLN J 236 -21.95 38.78 21.12
N ARG J 237 -21.46 38.82 22.36
CA ARG J 237 -21.72 39.92 23.30
C ARG J 237 -20.60 40.94 23.28
N ARG J 238 -20.96 42.22 23.33
CA ARG J 238 -19.98 43.28 23.35
C ARG J 238 -19.18 43.31 24.67
N ASP J 239 -19.79 42.81 25.75
CA ASP J 239 -19.10 42.57 27.02
C ASP J 239 -18.61 41.09 27.11
N ALA J 240 -18.04 40.58 26.03
CA ALA J 240 -17.68 39.16 25.97
C ALA J 240 -16.75 38.72 27.11
N LEU J 241 -15.72 39.51 27.40
CA LEU J 241 -14.73 39.10 28.39
C LEU J 241 -15.32 39.12 29.82
N LYS J 242 -16.08 40.15 30.12
CA LYS J 242 -16.73 40.28 31.42
C LYS J 242 -17.67 39.11 31.65
N PHE J 243 -18.51 38.79 30.68
CA PHE J 243 -19.45 37.69 30.82
C PHE J 243 -18.74 36.35 30.86
N ALA J 244 -17.67 36.22 30.11
CA ALA J 244 -16.86 34.99 30.09
C ALA J 244 -16.29 34.71 31.46
N ARG J 245 -15.83 35.76 32.16
CA ARG J 245 -15.28 35.62 33.49
C ARG J 245 -16.34 35.25 34.49
N ALA J 246 -17.57 35.75 34.29
CA ALA J 246 -18.70 35.35 35.15
C ALA J 246 -19.04 33.87 34.91
N LEU J 247 -18.93 33.42 33.69
CA LEU J 247 -19.13 31.99 33.40
C LEU J 247 -18.07 31.10 34.04
N ALA J 248 -16.83 31.54 33.98
CA ALA J 248 -15.73 30.87 34.68
C ALA J 248 -15.97 30.79 36.20
N GLU J 249 -16.41 31.89 36.81
CA GLU J 249 -16.73 31.91 38.24
C GLU J 249 -17.78 30.84 38.58
N LEU J 250 -18.86 30.82 37.79
CA LEU J 250 -19.95 29.88 38.02
C LEU J 250 -19.50 28.45 37.85
N VAL J 251 -18.84 28.15 36.73
CA VAL J 251 -18.53 26.78 36.41
C VAL J 251 -17.43 26.22 37.34
N TYR J 252 -16.36 27.01 37.61
CA TYR J 252 -15.09 26.45 38.16
C TYR J 252 -15.03 26.39 39.69
N GLY J 253 -15.98 26.89 40.26
P 13P K . 13.89 -30.16 24.72
O1P 13P K . 15.29 -29.49 24.99
O2P 13P K . 14.03 -31.46 23.83
O3P 13P K . 13.30 -30.56 26.14
O1 13P K . 12.98 -29.08 23.93
C1 13P K . 12.43 -27.91 24.55
C2 13P K . 12.54 -26.73 23.60
C3 13P K . 12.39 -26.85 22.09
O3 13P K . 13.54 -26.22 21.52
P 13P L . 19.05 -34.48 -12.46
O1P 13P L . 20.09 -34.63 -11.32
O2P 13P L . 19.76 -34.16 -13.85
O3P 13P L . 18.25 -35.85 -12.50
O1 13P L . 18.06 -33.23 -12.13
C1 13P L . 17.05 -33.33 -11.13
C2 13P L . 16.93 -32.06 -10.26
C3 13P L . 17.44 -30.70 -10.69
O3 13P L . 18.62 -30.41 -9.92
P 13P M . 31.68 -1.72 -26.33
O1P 13P M . 32.43 -2.98 -25.72
O2P 13P M . 32.62 -0.45 -26.25
O3P 13P M . 31.38 -2.04 -27.84
O1 13P M . 30.28 -1.48 -25.58
C1 13P M . 29.21 -2.41 -25.66
C2 13P M . 28.61 -2.70 -24.31
C3 13P M . 28.58 -1.60 -23.26
O3 13P M . 27.22 -1.19 -23.06
P 13P N . 34.10 23.16 2.11
O1P 13P N . 35.15 22.06 1.66
O2P 13P N . 34.40 23.61 3.61
O3P 13P N . 34.27 24.38 1.11
O1 13P N . 32.61 22.55 1.96
C1 13P N . 32.13 22.14 0.67
C2 13P N . 31.19 20.97 0.80
C3 13P N . 30.79 20.63 2.22
O3 13P N . 29.79 19.64 2.19
P 13P O . 23.23 5.45 33.69
O1P 13P O . 24.59 5.53 32.90
O2P 13P O . 23.26 4.13 34.54
O3P 13P O . 23.22 6.72 34.66
O1 13P O . 21.92 5.48 32.75
C1 13P O . 21.71 6.56 31.81
C2 13P O . 21.41 6.07 30.39
C3 13P O . 20.59 4.83 30.11
O3 13P O . 21.50 3.77 30.08
P 13P P . -34.24 -8.40 21.64
O1P 13P P . -35.27 -8.30 20.45
O2P 13P P . -34.49 -7.32 22.73
O3P 13P P . -34.44 -9.82 22.30
O1 13P P . -32.73 -8.23 21.06
C1 13P P . -32.16 -9.25 20.25
C2 13P P . -31.22 -8.68 19.21
C3 13P P . -30.49 -7.37 19.41
O3 13P P . -31.41 -6.29 19.21
P 13P Q . -31.96 -22.37 -13.30
O1P 13P Q . -32.73 -21.27 -14.11
O2P 13P Q . -32.75 -22.94 -12.05
O3P 13P Q . -31.75 -23.57 -14.33
O1 13P Q . -30.52 -21.82 -12.82
C1 13P Q . -29.48 -21.51 -13.75
C2 13P Q . -28.72 -20.27 -13.28
C3 13P Q . -28.32 -20.13 -11.83
O3 13P Q . -28.94 -18.96 -11.34
P 13P R . -19.42 4.82 -36.16
O1P 13P R . -20.37 5.98 -35.64
O2P 13P R . -20.29 3.55 -36.60
O3P 13P R . -18.66 5.32 -37.46
O1 13P R . -18.39 4.50 -34.99
C1 13P R . -17.41 5.48 -34.63
C2 13P R . -17.21 5.64 -33.12
C3 13P R . -17.92 4.79 -32.07
O3 13P R . -18.85 5.63 -31.37
P 13P S . -13.80 35.86 -15.19
O1P 13P S . -15.17 35.85 -14.43
O2P 13P S . -14.03 35.67 -16.74
O3P 13P S . -13.13 37.26 -14.90
O1 13P S . -12.86 34.68 -14.63
C1 13P S . -12.47 34.61 -13.25
C2 13P S . -12.49 33.17 -12.76
C3 13P S . -11.96 32.03 -13.63
O3 13P S . -12.97 31.06 -13.75
P 13P T . -22.81 27.68 20.40
O1P 13P T . -24.21 27.01 20.17
O2P 13P T . -22.72 29.03 19.59
O3P 13P T . -22.64 27.89 21.96
O1 13P T . -21.62 26.67 19.98
C1 13P T . -21.56 25.36 20.53
C2 13P T . -21.19 24.35 19.49
C3 13P T . -19.93 24.61 18.71
O3 13P T . -20.11 24.31 17.37
#